data_9JF5
#
_entry.id   9JF5
#
_cell.length_a   134.020
_cell.length_b   195.575
_cell.length_c   196.124
_cell.angle_alpha   90.000
_cell.angle_beta   90.000
_cell.angle_gamma   90.000
#
_symmetry.space_group_name_H-M   'C 2 2 21'
#
loop_
_entity.id
_entity.type
_entity.pdbx_description
1 polymer 'L-tryptophan decarboxylase PsiD-like domain-containing protein'
2 polymer 'L-tryptophan decarboxylase PsiD-like domain-containing protein'
3 non-polymer DI(HYDROXYETHYL)ETHER
4 non-polymer 1,2-ETHANEDIOL
5 non-polymer AGMATINE
6 water water
#
loop_
_entity_poly.entity_id
_entity_poly.type
_entity_poly.pdbx_seq_one_letter_code
_entity_poly.pdbx_strand_id
1 'polypeptide(L)'
;MGSSHHHHHHSSGLVPRGSHMQSVRIIPTYIERAPGAPATGSSLHSHGHWMPENVELRRAWLSSLLDKTKAEIPRKLRDN
VENPVETFRKLIENDSTLYMLAHSMFDEVPEKAPYDRDPTTLKKQVRNYKTMLYLFNTLLTEVPEYFLRDNPNVPSGLIG
FPFNIIVDWPMGTPSGRQFFLDTRVNKCLKDILNKWNEFLKDPTAQGNGNKGGNQALIDAGWSSDAAVEQLVNKANESTT
DKKKTFSEIFQHPANGTQENFFNYACWDNFFTRRFKDGVRPVADAAVVNACESFPLSFDTDVSRRNTFWLKGTPYSLHDM
LGATQDERVASYVDGFVGGSVYQAFLSADSYHCWNAPVTGKVVYRSLIDGTYFAETAAAGFGGSNGPDPAGPDVSQRYIT
HIAARGVLIVDTNVTGGAKIGLVGFVPVGMSEVSTCDWFDNTEEGKTISKGDVIGAFHSGGS
;
A,B,C,D
2 'polypeptide(L)' (PYR)THCLIFQRDAVKKLQFIPKAQYPEIATTNLAVNSELAKLTS E,F,G,H
#
loop_
_chem_comp.id
_chem_comp.type
_chem_comp.name
_chem_comp.formula
AG2 non-polymer AGMATINE 'C5 H14 N4'
EDO non-polymer 1,2-ETHANEDIOL 'C2 H6 O2'
PEG non-polymer DI(HYDROXYETHYL)ETHER 'C4 H10 O3'
PYR non-polymer 'PYRUVIC ACID' 'C3 H4 O3'
#
# COMPACT_ATOMS: atom_id res chain seq x y z
N VAL A 81 22.34 21.74 19.32
CA VAL A 81 21.72 20.43 19.56
C VAL A 81 20.19 20.56 19.52
N GLU A 82 19.57 19.88 18.55
CA GLU A 82 18.14 20.04 18.30
C GLU A 82 17.34 18.91 18.97
N ASN A 83 16.18 19.26 19.53
N ASN A 83 16.18 19.27 19.51
CA ASN A 83 15.20 18.29 19.96
CA ASN A 83 15.19 18.29 19.94
C ASN A 83 14.99 17.26 18.86
C ASN A 83 15.00 17.25 18.85
N PRO A 84 15.22 15.97 19.12
CA PRO A 84 15.03 14.97 18.07
C PRO A 84 13.58 14.87 17.58
N VAL A 85 12.61 15.20 18.42
CA VAL A 85 11.23 15.30 17.96
C VAL A 85 11.08 16.45 16.98
N GLU A 86 11.78 17.56 17.22
CA GLU A 86 11.72 18.68 16.28
CA GLU A 86 11.74 18.68 16.28
C GLU A 86 12.40 18.32 14.96
N THR A 87 13.51 17.60 15.01
CA THR A 87 14.11 17.13 13.76
C THR A 87 13.14 16.25 12.99
N PHE A 88 12.42 15.38 13.70
CA PHE A 88 11.41 14.53 13.09
C PHE A 88 10.28 15.36 12.49
N ARG A 89 9.79 16.37 13.22
CA ARG A 89 8.78 17.28 12.67
CA ARG A 89 8.79 17.28 12.66
C ARG A 89 9.23 17.86 11.34
N LYS A 90 10.48 18.35 11.29
CA LYS A 90 11.00 18.96 10.06
C LYS A 90 11.14 17.95 8.93
N LEU A 91 11.62 16.74 9.25
CA LEU A 91 11.67 15.69 8.23
C LEU A 91 10.30 15.54 7.58
N ILE A 92 9.25 15.39 8.40
CA ILE A 92 7.90 15.18 7.89
C ILE A 92 7.44 16.36 7.06
N GLU A 93 7.59 17.57 7.60
CA GLU A 93 7.00 18.74 6.96
C GLU A 93 7.80 19.22 5.75
N ASN A 94 9.10 18.90 5.69
CA ASN A 94 9.94 19.36 4.60
C ASN A 94 10.10 18.32 3.50
N ASP A 95 9.33 17.23 3.54
CA ASP A 95 9.32 16.24 2.48
C ASP A 95 7.89 15.97 2.06
N SER A 96 7.56 16.26 0.80
CA SER A 96 6.18 16.20 0.35
C SER A 96 5.60 14.80 0.51
N THR A 97 6.39 13.77 0.24
CA THR A 97 5.88 12.40 0.34
C THR A 97 5.64 12.00 1.79
N LEU A 98 6.62 12.28 2.66
CA LEU A 98 6.44 11.95 4.07
C LEU A 98 5.30 12.76 4.69
N TYR A 99 5.13 14.01 4.24
CA TYR A 99 4.00 14.82 4.70
C TYR A 99 2.69 14.14 4.35
N MET A 100 2.56 13.69 3.09
CA MET A 100 1.41 12.92 2.66
C MET A 100 1.20 11.69 3.54
N LEU A 101 2.24 10.86 3.68
CA LEU A 101 2.11 9.61 4.43
C LEU A 101 1.74 9.88 5.89
N ALA A 102 2.29 10.94 6.48
CA ALA A 102 2.02 11.27 7.87
C ALA A 102 0.57 11.70 8.10
N HIS A 103 -0.15 12.10 7.05
CA HIS A 103 -1.59 12.26 7.15
C HIS A 103 -2.33 10.96 6.86
N SER A 104 -1.97 10.31 5.74
CA SER A 104 -2.71 9.15 5.27
C SER A 104 -2.65 7.98 6.25
N MET A 105 -1.54 7.81 6.97
CA MET A 105 -1.47 6.69 7.90
C MET A 105 -2.44 6.84 9.07
N PHE A 106 -2.91 8.05 9.34
CA PHE A 106 -4.02 8.22 10.28
C PHE A 106 -5.37 8.16 9.60
N ASP A 107 -5.52 8.77 8.41
CA ASP A 107 -6.79 8.73 7.69
C ASP A 107 -7.23 7.30 7.42
N GLU A 108 -6.28 6.38 7.25
CA GLU A 108 -6.59 5.00 6.91
C GLU A 108 -6.96 4.16 8.12
N VAL A 109 -6.84 4.69 9.33
CA VAL A 109 -7.37 4.02 10.52
C VAL A 109 -8.88 4.23 10.56
N PRO A 110 -9.69 3.16 10.65
CA PRO A 110 -11.14 3.35 10.70
C PRO A 110 -11.56 4.25 11.85
N GLU A 111 -12.65 4.99 11.63
CA GLU A 111 -13.21 5.83 12.69
CA GLU A 111 -13.19 5.82 12.70
C GLU A 111 -13.99 5.03 13.71
N LYS A 112 -14.54 3.88 13.31
CA LYS A 112 -15.45 3.12 14.16
C LYS A 112 -14.73 2.31 15.23
N ALA A 113 -15.44 2.09 16.33
CA ALA A 113 -14.94 1.22 17.40
C ALA A 113 -14.52 -0.13 16.82
N PRO A 114 -13.45 -0.74 17.33
CA PRO A 114 -12.65 -0.32 18.49
C PRO A 114 -11.54 0.68 18.17
N TYR A 115 -11.42 1.13 16.93
CA TYR A 115 -10.26 1.90 16.49
C TYR A 115 -10.37 3.38 16.81
N ASP A 116 -11.46 3.81 17.44
CA ASP A 116 -11.51 5.16 17.99
C ASP A 116 -10.66 5.27 19.25
N ARG A 117 -10.21 4.14 19.78
CA ARG A 117 -9.33 4.09 20.95
CA ARG A 117 -9.34 4.06 20.96
C ARG A 117 -8.08 3.29 20.60
N ASP A 118 -6.99 3.57 21.32
CA ASP A 118 -5.76 2.82 21.09
C ASP A 118 -5.96 1.38 21.59
N PRO A 119 -5.02 0.46 21.33
CA PRO A 119 -5.28 -0.95 21.68
C PRO A 119 -5.46 -1.20 23.16
N THR A 120 -5.02 -0.31 24.05
CA THR A 120 -5.29 -0.55 25.46
C THR A 120 -6.75 -0.33 25.81
N THR A 121 -7.49 0.36 24.94
CA THR A 121 -8.87 0.85 25.10
C THR A 121 -8.98 1.98 26.12
N LEU A 122 -7.87 2.43 26.71
CA LEU A 122 -7.92 3.41 27.80
C LEU A 122 -7.92 4.85 27.34
N LYS A 123 -7.51 5.13 26.10
CA LYS A 123 -7.41 6.49 25.58
C LYS A 123 -7.89 6.54 24.14
N LYS A 124 -8.36 7.72 23.72
CA LYS A 124 -8.71 7.91 22.32
C LYS A 124 -7.49 7.71 21.42
N GLN A 125 -7.75 7.20 20.22
CA GLN A 125 -6.69 7.02 19.24
C GLN A 125 -6.23 8.36 18.68
N VAL A 126 -4.91 8.56 18.60
CA VAL A 126 -4.35 9.74 17.97
C VAL A 126 -4.63 9.70 16.48
N ARG A 127 -5.01 10.86 15.89
CA ARG A 127 -5.46 10.94 14.50
CA ARG A 127 -5.36 10.84 14.47
C ARG A 127 -4.66 11.92 13.65
N ASN A 128 -3.55 12.48 14.14
CA ASN A 128 -2.74 13.35 13.31
C ASN A 128 -1.31 13.38 13.85
N TYR A 129 -0.38 13.70 12.95
CA TYR A 129 1.04 13.60 13.29
C TYR A 129 1.51 14.68 14.26
N LYS A 130 0.78 15.80 14.37
CA LYS A 130 1.21 16.85 15.30
C LYS A 130 0.94 16.43 16.73
N THR A 131 -0.24 15.87 17.00
CA THR A 131 -0.50 15.26 18.31
C THR A 131 0.49 14.13 18.58
N MET A 132 0.80 13.33 17.56
CA MET A 132 1.80 12.28 17.74
C MET A 132 3.13 12.87 18.20
N LEU A 133 3.59 13.93 17.54
CA LEU A 133 4.86 14.55 17.91
C LEU A 133 4.79 15.15 19.31
N TYR A 134 3.68 15.82 19.63
CA TYR A 134 3.53 16.35 20.99
C TYR A 134 3.68 15.24 22.03
N LEU A 135 3.03 14.10 21.80
CA LEU A 135 3.11 13.00 22.76
C LEU A 135 4.51 12.41 22.79
N PHE A 136 5.14 12.25 21.62
CA PHE A 136 6.51 11.72 21.60
C PHE A 136 7.44 12.61 22.42
N ASN A 137 7.31 13.93 22.28
CA ASN A 137 8.17 14.82 23.05
C ASN A 137 7.90 14.70 24.55
N THR A 138 6.62 14.61 24.93
CA THR A 138 6.25 14.43 26.33
CA THR A 138 6.29 14.44 26.34
C THR A 138 6.83 13.12 26.88
N LEU A 139 6.81 12.06 26.07
CA LEU A 139 7.30 10.75 26.50
C LEU A 139 8.80 10.73 26.75
N LEU A 140 9.55 11.68 26.20
CA LEU A 140 11.00 11.70 26.43
C LEU A 140 11.35 11.77 27.90
N THR A 141 10.46 12.28 28.76
CA THR A 141 10.70 12.31 30.19
C THR A 141 9.62 11.56 30.98
N GLU A 142 9.19 10.39 30.47
CA GLU A 142 8.22 9.53 31.15
CA GLU A 142 8.24 9.54 31.18
C GLU A 142 8.70 8.09 31.11
N VAL A 143 8.49 7.36 32.20
CA VAL A 143 8.73 5.91 32.17
C VAL A 143 7.42 5.27 31.72
N PRO A 144 7.44 4.06 31.19
CA PRO A 144 6.17 3.40 30.82
C PRO A 144 5.29 3.22 32.05
N GLU A 145 3.99 3.35 31.83
CA GLU A 145 3.01 3.23 32.91
C GLU A 145 2.49 1.80 33.02
N TYR A 146 2.40 1.32 34.25
CA TYR A 146 1.78 0.01 34.51
C TYR A 146 0.29 0.24 34.65
N PHE A 147 -0.38 0.33 33.50
CA PHE A 147 -1.78 0.71 33.46
C PHE A 147 -2.72 -0.41 33.90
N LEU A 148 -2.20 -1.61 34.16
CA LEU A 148 -3.04 -2.71 34.62
C LEU A 148 -3.36 -2.64 36.11
N ARG A 149 -2.76 -1.70 36.84
CA ARG A 149 -3.09 -1.60 38.26
C ARG A 149 -4.55 -1.20 38.47
N ASP A 150 -4.96 -0.10 37.85
CA ASP A 150 -6.32 0.40 37.97
C ASP A 150 -7.26 -0.16 36.91
N ASN A 151 -6.71 -0.87 35.91
N ASN A 151 -6.76 -0.78 35.85
CA ASN A 151 -7.45 -1.39 34.77
CA ASN A 151 -7.63 -1.42 34.87
C ASN A 151 -7.01 -2.82 34.49
C ASN A 151 -7.09 -2.80 34.51
N PRO A 152 -7.27 -3.76 35.41
CA PRO A 152 -6.66 -5.09 35.24
C PRO A 152 -7.13 -5.89 34.03
N ASN A 153 -8.25 -5.53 33.39
CA ASN A 153 -8.85 -6.41 32.38
C ASN A 153 -8.68 -5.91 30.95
N VAL A 154 -7.97 -4.81 30.73
CA VAL A 154 -7.84 -4.31 29.35
C VAL A 154 -6.69 -5.05 28.66
N PRO A 155 -6.61 -5.00 27.33
CA PRO A 155 -5.51 -5.69 26.64
C PRO A 155 -4.16 -5.18 27.13
N SER A 156 -3.25 -6.13 27.37
CA SER A 156 -2.02 -5.87 28.10
C SER A 156 -0.77 -6.04 27.26
N GLY A 157 -0.92 -6.34 25.95
CA GLY A 157 0.22 -6.63 25.11
C GLY A 157 1.20 -5.48 24.93
N LEU A 158 0.80 -4.24 25.24
CA LEU A 158 1.67 -3.10 25.04
C LEU A 158 2.12 -2.45 26.34
N ILE A 159 1.98 -3.16 27.46
CA ILE A 159 2.63 -2.78 28.71
C ILE A 159 4.12 -2.57 28.44
N GLY A 160 4.64 -1.38 28.77
CA GLY A 160 6.03 -1.04 28.54
C GLY A 160 6.28 -0.19 27.32
N PHE A 161 5.27 0.08 26.49
CA PHE A 161 5.48 0.60 25.13
C PHE A 161 4.55 1.77 24.83
N PRO A 162 4.80 2.95 25.41
CA PRO A 162 3.92 4.09 25.15
C PRO A 162 3.96 4.59 23.71
N PHE A 163 5.11 4.54 23.04
CA PHE A 163 5.16 4.95 21.63
C PHE A 163 4.36 3.98 20.76
N ASN A 164 4.57 2.68 20.98
CA ASN A 164 3.87 1.62 20.26
C ASN A 164 2.36 1.79 20.35
N ILE A 165 1.87 2.19 21.53
CA ILE A 165 0.44 2.38 21.74
C ILE A 165 -0.12 3.44 20.81
N ILE A 166 0.62 4.53 20.64
CA ILE A 166 0.17 5.65 19.81
C ILE A 166 0.08 5.26 18.34
N VAL A 167 1.08 4.52 17.83
CA VAL A 167 1.16 4.26 16.40
C VAL A 167 0.69 2.86 16.02
N ASP A 168 0.18 2.08 16.97
CA ASP A 168 -0.15 0.68 16.65
C ASP A 168 -1.15 0.57 15.50
N TRP A 169 -2.27 1.30 15.56
CA TRP A 169 -3.20 1.20 14.44
C TRP A 169 -2.60 1.82 13.17
N PRO A 170 -1.98 3.02 13.20
CA PRO A 170 -1.32 3.52 11.97
C PRO A 170 -0.30 2.56 11.37
N MET A 171 0.46 1.82 12.21
CA MET A 171 1.35 0.76 11.71
C MET A 171 0.65 -0.24 10.82
N GLY A 172 -0.64 -0.46 11.05
CA GLY A 172 -1.36 -1.44 10.27
C GLY A 172 -1.98 -0.94 9.00
N THR A 173 -1.72 0.32 8.63
CA THR A 173 -2.29 0.87 7.42
C THR A 173 -1.29 0.79 6.28
N PRO A 174 -1.79 0.80 5.03
CA PRO A 174 -0.86 0.79 3.88
C PRO A 174 0.11 1.98 3.90
N SER A 175 -0.37 3.18 4.22
CA SER A 175 0.50 4.33 4.26
C SER A 175 1.43 4.28 5.47
N GLY A 176 0.93 3.80 6.61
CA GLY A 176 1.78 3.63 7.77
C GLY A 176 2.89 2.62 7.53
N ARG A 177 2.58 1.52 6.83
CA ARG A 177 3.62 0.56 6.51
CA ARG A 177 3.63 0.56 6.53
C ARG A 177 4.73 1.19 5.69
N GLN A 178 4.35 2.01 4.71
CA GLN A 178 5.35 2.71 3.91
C GLN A 178 6.13 3.68 4.79
N PHE A 179 5.44 4.42 5.65
CA PHE A 179 6.09 5.41 6.51
C PHE A 179 7.14 4.77 7.41
N PHE A 180 6.79 3.65 8.05
CA PHE A 180 7.69 3.04 9.03
C PHE A 180 8.76 2.15 8.39
N LEU A 181 8.79 2.07 7.05
CA LEU A 181 9.91 1.50 6.31
C LEU A 181 10.89 2.55 5.79
N ASP A 182 10.57 3.84 5.93
CA ASP A 182 11.44 4.88 5.37
C ASP A 182 12.70 5.00 6.23
N THR A 183 13.88 5.00 5.58
CA THR A 183 15.13 5.01 6.34
C THR A 183 15.35 6.32 7.09
N ARG A 184 14.89 7.44 6.54
CA ARG A 184 15.03 8.72 7.24
C ARG A 184 14.09 8.79 8.44
N VAL A 185 12.85 8.31 8.27
CA VAL A 185 11.95 8.20 9.41
C VAL A 185 12.59 7.39 10.53
N ASN A 186 13.20 6.25 10.17
CA ASN A 186 13.74 5.38 11.19
C ASN A 186 15.00 5.95 11.84
N LYS A 187 15.79 6.73 11.11
CA LYS A 187 16.89 7.45 11.76
CA LYS A 187 16.89 7.46 11.76
C LYS A 187 16.35 8.44 12.79
N CYS A 188 15.29 9.18 12.43
CA CYS A 188 14.67 10.09 13.39
C CYS A 188 14.10 9.36 14.59
N LEU A 189 13.44 8.21 14.37
CA LEU A 189 12.90 7.45 15.50
C LEU A 189 14.03 6.92 16.38
N LYS A 190 15.09 6.41 15.75
CA LYS A 190 16.28 6.01 16.51
C LYS A 190 16.73 7.11 17.46
N ASP A 191 16.87 8.35 16.93
CA ASP A 191 17.36 9.44 17.76
C ASP A 191 16.36 9.82 18.84
N ILE A 192 15.06 9.74 18.54
CA ILE A 192 14.04 10.01 19.56
C ILE A 192 14.11 8.96 20.65
N LEU A 193 14.14 7.67 20.27
CA LEU A 193 14.12 6.61 21.25
C LEU A 193 15.44 6.54 22.03
N ASN A 194 16.55 6.93 21.41
CA ASN A 194 17.80 6.97 22.16
C ASN A 194 17.82 8.12 23.16
N LYS A 195 17.20 9.25 22.80
CA LYS A 195 17.01 10.33 23.78
C LYS A 195 16.12 9.86 24.94
N TRP A 196 15.06 9.09 24.63
CA TRP A 196 14.24 8.48 25.68
C TRP A 196 15.10 7.61 26.59
N ASN A 197 15.95 6.78 25.98
CA ASN A 197 16.78 5.86 26.76
C ASN A 197 17.69 6.62 27.72
N GLU A 198 18.17 7.80 27.32
CA GLU A 198 18.97 8.62 28.23
C GLU A 198 18.20 8.92 29.50
N PHE A 199 16.92 9.27 29.36
CA PHE A 199 16.07 9.53 30.53
C PHE A 199 15.85 8.27 31.34
N LEU A 200 15.59 7.13 30.67
CA LEU A 200 15.29 5.88 31.36
C LEU A 200 16.48 5.36 32.17
N LYS A 201 17.70 5.75 31.84
CA LYS A 201 18.85 5.33 32.64
C LYS A 201 19.34 6.45 33.55
N ASP A 202 18.54 7.51 33.72
CA ASP A 202 18.92 8.68 34.50
C ASP A 202 18.36 8.52 35.92
N PRO A 203 19.19 8.29 36.93
CA PRO A 203 18.66 8.10 38.29
C PRO A 203 18.04 9.36 38.88
N THR A 204 18.20 10.52 38.25
CA THR A 204 17.53 11.73 38.71
C THR A 204 16.23 12.03 37.97
N ALA A 205 15.87 11.21 36.98
CA ALA A 205 14.71 11.49 36.13
C ALA A 205 14.75 12.94 35.62
N GLN A 206 15.90 13.29 35.03
CA GLN A 206 16.18 14.61 34.47
C GLN A 206 16.04 15.73 35.51
N GLY A 207 16.82 15.60 36.59
CA GLY A 207 16.98 16.69 37.52
C GLY A 207 15.93 16.80 38.60
N ASN A 208 15.32 15.69 39.00
CA ASN A 208 14.31 15.66 40.04
C ASN A 208 14.80 14.99 41.32
N GLY A 209 16.06 15.24 41.68
CA GLY A 209 16.64 14.68 42.88
C GLY A 209 17.27 13.32 42.65
N ASN A 210 18.14 12.93 43.59
CA ASN A 210 18.91 11.70 43.45
C ASN A 210 18.03 10.46 43.39
N LYS A 211 16.77 10.54 43.82
CA LYS A 211 15.84 9.41 43.79
C LYS A 211 14.72 9.62 42.78
N GLY A 212 14.88 10.57 41.86
CA GLY A 212 13.83 10.84 40.90
C GLY A 212 13.52 9.64 40.02
N GLY A 213 14.57 8.96 39.53
CA GLY A 213 14.36 7.79 38.69
C GLY A 213 13.58 6.69 39.39
N ASN A 214 13.89 6.44 40.67
CA ASN A 214 13.16 5.46 41.44
C ASN A 214 11.72 5.91 41.70
N GLN A 215 11.54 7.18 42.04
CA GLN A 215 10.19 7.68 42.34
C GLN A 215 9.29 7.60 41.13
N ALA A 216 9.84 7.88 39.93
CA ALA A 216 9.06 7.80 38.71
C ALA A 216 8.50 6.39 38.49
N LEU A 217 9.25 5.35 38.88
CA LEU A 217 8.76 3.99 38.76
C LEU A 217 7.61 3.73 39.72
N ILE A 218 7.72 4.23 40.95
CA ILE A 218 6.64 4.08 41.91
C ILE A 218 5.40 4.82 41.45
N ASP A 219 5.58 6.06 40.98
CA ASP A 219 4.44 6.84 40.49
C ASP A 219 3.74 6.16 39.32
N ALA A 220 4.50 5.42 38.50
CA ALA A 220 3.95 4.78 37.32
C ALA A 220 3.31 3.43 37.62
N GLY A 221 3.23 3.03 38.90
CA GLY A 221 2.48 1.84 39.29
C GLY A 221 3.28 0.56 39.45
N TRP A 222 4.59 0.59 39.21
CA TRP A 222 5.36 -0.65 39.15
C TRP A 222 5.56 -1.30 40.51
N SER A 223 5.36 -0.59 41.61
CA SER A 223 5.43 -1.23 42.91
C SER A 223 4.09 -1.77 43.39
N SER A 224 3.04 -1.68 42.58
CA SER A 224 1.74 -2.21 42.97
C SER A 224 1.81 -3.73 43.15
N ASP A 225 0.87 -4.26 43.96
CA ASP A 225 0.76 -5.70 44.08
C ASP A 225 0.58 -6.35 42.70
N ALA A 226 -0.21 -5.72 41.83
CA ALA A 226 -0.50 -6.30 40.52
C ALA A 226 0.79 -6.47 39.72
N ALA A 227 1.61 -5.41 39.64
CA ALA A 227 2.82 -5.46 38.85
C ALA A 227 3.83 -6.45 39.43
N VAL A 228 4.07 -6.39 40.74
CA VAL A 228 5.08 -7.24 41.34
C VAL A 228 4.64 -8.70 41.27
N GLU A 229 3.35 -8.97 41.48
CA GLU A 229 2.87 -10.35 41.37
C GLU A 229 3.06 -10.87 39.95
N GLN A 230 2.76 -10.02 38.95
N GLN A 230 2.78 -10.06 38.92
CA GLN A 230 2.94 -10.39 37.54
CA GLN A 230 2.96 -10.57 37.58
C GLN A 230 4.39 -10.73 37.24
C GLN A 230 4.44 -10.80 37.27
N LEU A 231 5.32 -9.94 37.77
CA LEU A 231 6.74 -10.18 37.54
C LEU A 231 7.19 -11.45 38.23
N VAL A 232 6.70 -11.68 39.45
CA VAL A 232 7.06 -12.91 40.17
C VAL A 232 6.48 -14.13 39.47
N ASN A 233 5.20 -14.06 39.08
CA ASN A 233 4.57 -15.20 38.42
C ASN A 233 5.24 -15.53 37.10
N LYS A 234 5.60 -14.51 36.31
CA LYS A 234 6.23 -14.77 35.02
C LYS A 234 7.58 -15.44 35.19
N ALA A 235 8.37 -15.01 36.17
CA ALA A 235 9.65 -15.67 36.42
C ALA A 235 9.44 -17.11 36.87
N ASN A 236 8.41 -17.36 37.68
CA ASN A 236 8.20 -18.70 38.24
C ASN A 236 7.66 -19.70 37.22
N GLU A 237 7.06 -19.24 36.12
CA GLU A 237 6.37 -20.16 35.23
C GLU A 237 7.33 -21.07 34.46
N SER A 238 8.61 -20.72 34.39
CA SER A 238 9.55 -21.48 33.59
C SER A 238 10.38 -22.46 34.40
N THR A 239 10.11 -22.61 35.69
CA THR A 239 10.95 -23.41 36.58
CA THR A 239 10.94 -23.43 36.56
C THR A 239 10.07 -24.18 37.57
N THR A 240 10.59 -25.31 38.05
CA THR A 240 9.92 -26.02 39.14
C THR A 240 10.31 -25.47 40.51
N ASP A 241 11.45 -24.80 40.60
CA ASP A 241 11.94 -24.20 41.84
CA ASP A 241 11.91 -24.21 41.86
C ASP A 241 11.37 -22.78 41.95
N LYS A 242 10.10 -22.71 42.33
CA LYS A 242 9.38 -21.45 42.40
C LYS A 242 9.66 -20.69 43.69
N LYS A 243 9.75 -19.36 43.60
CA LYS A 243 10.04 -18.50 44.73
C LYS A 243 8.81 -17.67 45.10
N LYS A 244 8.67 -17.38 46.40
CA LYS A 244 7.55 -16.58 46.88
C LYS A 244 7.68 -15.10 46.54
N THR A 245 8.91 -14.55 46.61
CA THR A 245 9.06 -13.10 46.56
C THR A 245 10.04 -12.67 45.46
N PHE A 246 9.82 -11.46 44.97
CA PHE A 246 10.67 -10.85 43.95
C PHE A 246 12.14 -10.84 44.37
N SER A 247 12.41 -10.51 45.64
CA SER A 247 13.80 -10.40 46.09
C SER A 247 14.53 -11.74 46.10
N GLU A 248 13.81 -12.87 46.10
CA GLU A 248 14.50 -14.15 45.97
C GLU A 248 14.83 -14.49 44.54
N ILE A 249 14.28 -13.76 43.57
CA ILE A 249 14.43 -14.07 42.15
C ILE A 249 15.43 -13.17 41.48
N PHE A 250 15.30 -11.86 41.68
CA PHE A 250 16.08 -10.88 40.94
C PHE A 250 16.99 -10.10 41.88
N GLN A 251 18.14 -9.72 41.36
CA GLN A 251 19.05 -8.83 42.06
C GLN A 251 18.54 -7.40 42.01
N HIS A 252 18.62 -6.71 43.14
CA HIS A 252 18.25 -5.30 43.21
C HIS A 252 19.11 -4.65 44.28
N PRO A 253 19.12 -3.32 44.35
CA PRO A 253 20.03 -2.64 45.30
C PRO A 253 19.66 -2.92 46.75
N ALA A 254 20.59 -2.55 47.62
CA ALA A 254 20.46 -2.84 49.04
C ALA A 254 19.23 -2.15 49.64
N ASN A 255 18.66 -2.80 50.66
CA ASN A 255 17.48 -2.33 51.38
C ASN A 255 16.26 -2.18 50.49
N GLY A 256 16.26 -2.87 49.35
CA GLY A 256 15.10 -2.82 48.46
C GLY A 256 13.94 -3.62 49.03
N THR A 257 12.75 -3.03 48.93
CA THR A 257 11.49 -3.66 49.30
C THR A 257 10.47 -3.35 48.22
N GLN A 258 9.30 -3.99 48.30
CA GLN A 258 8.25 -3.66 47.35
C GLN A 258 7.87 -2.19 47.45
N GLU A 259 7.83 -1.65 48.68
CA GLU A 259 7.38 -0.28 48.89
C GLU A 259 8.28 0.74 48.20
N ASN A 260 9.60 0.49 48.16
CA ASN A 260 10.50 1.40 47.47
C ASN A 260 10.89 0.86 46.09
N PHE A 261 10.05 0.00 45.51
CA PHE A 261 10.32 -0.69 44.25
C PHE A 261 11.75 -1.22 44.20
N PHE A 262 12.14 -1.91 45.28
CA PHE A 262 13.40 -2.63 45.38
C PHE A 262 14.60 -1.70 45.19
N ASN A 263 14.38 -0.40 45.41
CA ASN A 263 15.40 0.63 45.30
C ASN A 263 16.07 0.65 43.92
N TYR A 264 15.38 0.18 42.88
CA TYR A 264 15.90 0.33 41.53
C TYR A 264 16.04 1.81 41.22
N ALA A 265 17.23 2.20 40.77
CA ALA A 265 17.53 3.64 40.61
C ALA A 265 16.85 4.26 39.40
N CYS A 266 16.46 3.45 38.41
CA CYS A 266 15.89 3.95 37.18
C CYS A 266 15.27 2.79 36.42
N TRP A 267 14.44 3.13 35.44
CA TRP A 267 13.79 2.10 34.61
C TRP A 267 14.81 1.12 34.05
N ASP A 268 15.92 1.64 33.52
CA ASP A 268 16.85 0.79 32.78
C ASP A 268 17.44 -0.29 33.67
N ASN A 269 17.71 0.02 34.94
CA ASN A 269 18.25 -0.98 35.86
C ASN A 269 17.19 -2.02 36.22
N PHE A 270 15.94 -1.59 36.39
CA PHE A 270 14.87 -2.55 36.56
C PHE A 270 14.70 -3.42 35.32
N PHE A 271 14.73 -2.81 34.13
CA PHE A 271 14.48 -3.52 32.90
C PHE A 271 15.53 -4.60 32.64
N THR A 272 16.80 -4.29 32.89
CA THR A 272 17.91 -5.21 32.65
C THR A 272 18.37 -5.94 33.92
N ARG A 273 17.49 -6.06 34.92
CA ARG A 273 17.85 -6.71 36.17
C ARG A 273 18.35 -8.13 35.93
N ARG A 274 19.26 -8.58 36.79
CA ARG A 274 19.83 -9.91 36.72
CA ARG A 274 19.81 -9.92 36.70
C ARG A 274 19.11 -10.86 37.68
N PHE A 275 19.15 -12.14 37.35
CA PHE A 275 18.69 -13.18 38.26
C PHE A 275 19.67 -13.31 39.42
N LYS A 276 19.16 -13.67 40.59
CA LYS A 276 20.02 -14.02 41.70
C LYS A 276 20.76 -15.32 41.41
N ASP A 277 21.93 -15.47 42.05
CA ASP A 277 22.74 -16.68 41.88
C ASP A 277 21.92 -17.93 42.17
N GLY A 278 22.08 -18.95 41.33
CA GLY A 278 21.41 -20.22 41.50
C GLY A 278 19.95 -20.25 41.09
N VAL A 279 19.35 -19.12 40.74
CA VAL A 279 17.95 -19.13 40.33
C VAL A 279 17.81 -19.61 38.88
N ARG A 280 18.84 -19.41 38.05
CA ARG A 280 18.86 -19.93 36.68
C ARG A 280 20.13 -20.74 36.47
N PRO A 281 20.19 -21.94 37.03
CA PRO A 281 21.41 -22.75 36.90
C PRO A 281 21.69 -23.15 35.46
N VAL A 282 22.97 -23.22 35.12
CA VAL A 282 23.41 -23.56 33.76
C VAL A 282 23.36 -25.07 33.59
N ALA A 283 22.56 -25.53 32.63
CA ALA A 283 22.37 -26.97 32.39
C ALA A 283 23.63 -27.59 31.77
N ASP A 284 23.77 -28.91 31.96
CA ASP A 284 24.92 -29.64 31.39
C ASP A 284 24.90 -29.69 29.87
N ALA A 285 23.73 -29.54 29.25
CA ALA A 285 23.58 -29.71 27.82
C ALA A 285 24.50 -28.79 27.03
N ALA A 286 24.84 -29.22 25.81
CA ALA A 286 25.73 -28.45 24.95
C ALA A 286 25.15 -27.08 24.61
N VAL A 287 23.83 -26.97 24.46
CA VAL A 287 23.18 -25.71 24.10
C VAL A 287 22.15 -25.38 25.17
N VAL A 288 22.24 -24.17 25.73
CA VAL A 288 21.25 -23.69 26.68
C VAL A 288 20.51 -22.51 26.08
N ASN A 289 19.38 -22.19 26.70
CA ASN A 289 18.57 -21.05 26.26
C ASN A 289 19.32 -19.74 26.51
N ALA A 290 19.41 -18.93 25.46
CA ALA A 290 20.10 -17.65 25.56
C ALA A 290 19.23 -16.56 26.18
N CYS A 291 17.91 -16.70 26.10
CA CYS A 291 16.99 -15.72 26.67
C CYS A 291 15.89 -16.43 27.41
N GLU A 292 15.41 -15.79 28.46
CA GLU A 292 14.17 -16.16 29.14
C GLU A 292 13.04 -15.87 28.17
N SER A 293 12.49 -16.89 27.51
CA SER A 293 11.76 -16.59 26.27
C SER A 293 10.80 -17.71 25.92
N PHE A 294 9.82 -17.35 25.07
CA PHE A 294 8.69 -18.20 24.71
C PHE A 294 8.87 -18.71 23.29
N PRO A 295 9.03 -20.03 23.07
CA PRO A 295 9.28 -20.54 21.72
C PRO A 295 8.26 -20.01 20.70
N LEU A 296 8.77 -19.63 19.54
CA LEU A 296 7.97 -19.10 18.43
C LEU A 296 8.04 -19.98 17.19
N SER A 297 9.24 -20.27 16.70
CA SER A 297 9.42 -21.02 15.47
C SER A 297 10.66 -21.89 15.58
N PHE A 298 10.63 -23.01 14.86
CA PHE A 298 11.83 -23.82 14.63
C PHE A 298 11.79 -24.26 13.17
N ASP A 299 12.75 -23.80 12.39
CA ASP A 299 12.77 -24.04 10.95
C ASP A 299 14.02 -24.81 10.60
N THR A 300 13.90 -25.87 9.81
CA THR A 300 15.06 -26.63 9.38
C THR A 300 15.30 -26.42 7.90
N ASP A 301 16.56 -26.65 7.49
CA ASP A 301 16.97 -26.62 6.08
C ASP A 301 16.72 -25.23 5.46
N VAL A 302 17.22 -24.18 6.12
CA VAL A 302 16.93 -22.82 5.67
C VAL A 302 17.83 -22.45 4.48
N SER A 303 17.34 -21.50 3.68
CA SER A 303 17.97 -21.09 2.44
C SER A 303 18.93 -19.94 2.65
N ARG A 304 19.85 -19.78 1.69
CA ARG A 304 20.75 -18.63 1.69
C ARG A 304 19.97 -17.32 1.68
N ARG A 305 19.00 -17.20 0.77
CA ARG A 305 18.12 -16.05 0.69
C ARG A 305 16.73 -16.56 0.31
N ASN A 306 15.70 -15.87 0.80
CA ASN A 306 14.37 -16.38 0.56
C ASN A 306 13.36 -15.23 0.57
N THR A 307 12.16 -15.52 0.09
CA THR A 307 11.08 -14.55 -0.04
C THR A 307 10.41 -14.34 1.32
N PHE A 308 11.13 -13.63 2.20
CA PHE A 308 10.65 -13.47 3.57
C PHE A 308 9.38 -12.64 3.66
N TRP A 309 8.97 -12.00 2.57
CA TRP A 309 7.78 -11.18 2.54
C TRP A 309 6.52 -11.97 2.21
N LEU A 310 6.65 -13.22 1.79
CA LEU A 310 5.47 -14.01 1.45
C LEU A 310 4.84 -14.64 2.70
N LYS A 311 3.60 -15.11 2.56
CA LYS A 311 2.88 -15.63 3.71
C LYS A 311 3.67 -16.78 4.35
N GLY A 312 3.73 -16.79 5.67
CA GLY A 312 4.56 -17.72 6.40
C GLY A 312 5.97 -17.24 6.68
N THR A 313 6.42 -16.18 6.01
CA THR A 313 7.71 -15.55 6.27
C THR A 313 8.84 -16.56 6.33
N PRO A 314 9.23 -17.19 5.22
CA PRO A 314 10.41 -18.06 5.25
C PRO A 314 11.64 -17.25 5.61
N TYR A 315 12.52 -17.83 6.42
CA TYR A 315 13.71 -17.11 6.84
C TYR A 315 14.65 -16.92 5.66
N SER A 316 15.32 -15.76 5.64
CA SER A 316 16.26 -15.38 4.59
C SER A 316 17.56 -15.00 5.30
N LEU A 317 18.51 -15.94 5.36
CA LEU A 317 19.75 -15.73 6.10
C LEU A 317 20.50 -14.50 5.62
N HIS A 318 20.61 -14.34 4.30
CA HIS A 318 21.34 -13.23 3.72
C HIS A 318 20.84 -11.89 4.27
N ASP A 319 19.52 -11.73 4.33
CA ASP A 319 18.95 -10.48 4.83
C ASP A 319 19.05 -10.40 6.35
N MET A 320 18.67 -11.46 7.04
CA MET A 320 18.70 -11.46 8.50
C MET A 320 20.08 -11.10 9.05
N LEU A 321 21.12 -11.74 8.51
CA LEU A 321 22.47 -11.57 9.04
C LEU A 321 23.16 -10.31 8.53
N GLY A 322 22.56 -9.58 7.59
CA GLY A 322 23.14 -8.33 7.15
C GLY A 322 24.19 -8.46 6.07
N ALA A 323 24.20 -9.57 5.33
CA ALA A 323 25.13 -9.70 4.21
C ALA A 323 24.83 -8.72 3.10
N THR A 324 23.64 -8.10 3.13
CA THR A 324 23.32 -7.03 2.20
C THR A 324 24.32 -5.90 2.29
N GLN A 325 24.78 -5.59 3.50
CA GLN A 325 25.62 -4.44 3.72
C GLN A 325 27.01 -4.76 4.28
N ASP A 326 27.29 -6.01 4.64
CA ASP A 326 28.61 -6.35 5.16
C ASP A 326 29.07 -7.64 4.52
N GLU A 327 29.98 -7.54 3.54
CA GLU A 327 30.50 -8.74 2.87
C GLU A 327 31.16 -9.69 3.85
N ARG A 328 31.63 -9.18 5.00
CA ARG A 328 32.36 -10.03 5.93
C ARG A 328 31.48 -11.14 6.51
N VAL A 329 30.16 -10.93 6.58
CA VAL A 329 29.29 -11.97 7.14
C VAL A 329 28.83 -12.97 6.08
N ALA A 330 29.11 -12.71 4.80
CA ALA A 330 28.57 -13.55 3.74
C ALA A 330 29.07 -15.00 3.84
N SER A 331 30.31 -15.22 4.28
CA SER A 331 30.76 -16.60 4.43
C SER A 331 29.97 -17.33 5.50
N TYR A 332 29.51 -16.61 6.53
CA TYR A 332 28.73 -17.26 7.58
C TYR A 332 27.33 -17.57 7.09
N VAL A 333 26.74 -16.68 6.29
CA VAL A 333 25.49 -17.00 5.61
C VAL A 333 25.63 -18.32 4.88
N ASP A 334 26.68 -18.44 4.05
CA ASP A 334 26.87 -19.67 3.29
C ASP A 334 26.97 -20.88 4.21
N GLY A 335 27.69 -20.74 5.32
CA GLY A 335 27.87 -21.84 6.26
C GLY A 335 26.62 -22.21 7.05
N PHE A 336 25.60 -21.36 7.06
CA PHE A 336 24.32 -21.68 7.70
C PHE A 336 23.29 -22.22 6.72
N VAL A 337 23.60 -22.25 5.43
CA VAL A 337 22.65 -22.78 4.45
C VAL A 337 22.36 -24.24 4.79
N GLY A 338 21.09 -24.62 4.78
CA GLY A 338 20.70 -25.95 5.21
C GLY A 338 20.61 -26.11 6.71
N GLY A 339 20.99 -25.10 7.48
CA GLY A 339 20.90 -25.15 8.92
C GLY A 339 19.51 -24.88 9.44
N SER A 340 19.44 -24.67 10.76
CA SER A 340 18.16 -24.51 11.44
C SER A 340 18.13 -23.17 12.17
N VAL A 341 16.96 -22.56 12.19
CA VAL A 341 16.73 -21.29 12.88
C VAL A 341 15.66 -21.50 13.93
N TYR A 342 15.97 -21.14 15.17
CA TYR A 342 15.02 -21.19 16.27
C TYR A 342 14.75 -19.76 16.72
N GLN A 343 13.48 -19.42 16.93
CA GLN A 343 13.11 -18.07 17.35
C GLN A 343 12.22 -18.13 18.58
N ALA A 344 12.44 -17.21 19.52
CA ALA A 344 11.61 -17.15 20.72
C ALA A 344 11.46 -15.70 21.18
N PHE A 345 10.32 -15.43 21.83
CA PHE A 345 9.82 -14.09 22.16
C PHE A 345 10.04 -13.77 23.63
N LEU A 346 10.51 -12.55 23.92
CA LEU A 346 10.71 -12.07 25.29
C LEU A 346 9.60 -11.08 25.64
N SER A 347 8.78 -11.42 26.63
CA SER A 347 7.70 -10.53 27.02
C SER A 347 8.24 -9.36 27.84
N ALA A 348 7.43 -8.31 27.96
CA ALA A 348 7.86 -7.13 28.71
C ALA A 348 8.11 -7.46 30.17
N ASP A 349 7.41 -8.45 30.72
CA ASP A 349 7.59 -8.83 32.11
C ASP A 349 8.58 -9.97 32.31
N SER A 350 9.39 -10.28 31.28
CA SER A 350 10.46 -11.28 31.36
C SER A 350 11.82 -10.62 31.56
N TYR A 351 12.76 -11.40 32.10
CA TYR A 351 14.18 -11.08 32.07
C TYR A 351 14.60 -10.71 30.65
N HIS A 352 15.40 -9.65 30.51
CA HIS A 352 15.74 -9.07 29.22
CA HIS A 352 15.73 -9.13 29.18
C HIS A 352 17.23 -9.13 28.88
N CYS A 353 18.06 -9.75 29.73
CA CYS A 353 19.46 -9.89 29.38
C CYS A 353 19.64 -11.12 28.52
N TRP A 354 20.84 -11.25 27.94
CA TRP A 354 21.22 -12.33 27.05
C TRP A 354 22.33 -13.15 27.70
N ASN A 355 22.19 -14.48 27.64
CA ASN A 355 23.19 -15.40 28.16
C ASN A 355 23.76 -16.26 27.04
N ALA A 356 25.04 -16.61 27.17
CA ALA A 356 25.73 -17.38 26.13
C ALA A 356 25.05 -18.74 25.95
N PRO A 357 24.53 -19.04 24.76
CA PRO A 357 23.88 -20.35 24.58
C PRO A 357 24.87 -21.49 24.48
N VAL A 358 26.12 -21.20 24.12
CA VAL A 358 27.16 -22.20 23.98
C VAL A 358 28.48 -21.58 24.46
N THR A 359 29.45 -22.45 24.70
CA THR A 359 30.83 -22.03 24.93
C THR A 359 31.55 -21.95 23.59
N GLY A 360 32.30 -20.86 23.37
CA GLY A 360 33.06 -20.76 22.14
C GLY A 360 33.68 -19.40 21.96
N LYS A 361 34.36 -19.27 20.83
CA LYS A 361 35.12 -18.07 20.50
C LYS A 361 34.33 -17.21 19.53
N VAL A 362 34.16 -15.94 19.87
CA VAL A 362 33.41 -15.03 19.00
C VAL A 362 34.22 -14.78 17.74
N VAL A 363 33.62 -15.09 16.59
CA VAL A 363 34.27 -14.87 15.30
C VAL A 363 33.64 -13.72 14.52
N TYR A 364 32.45 -13.26 14.90
CA TYR A 364 31.81 -12.15 14.20
C TYR A 364 30.82 -11.50 15.16
N ARG A 365 30.81 -10.17 15.16
CA ARG A 365 29.81 -9.44 15.94
C ARG A 365 29.42 -8.18 15.18
N SER A 366 28.12 -7.88 15.13
CA SER A 366 27.67 -6.69 14.43
C SER A 366 26.41 -6.12 15.08
N LEU A 367 26.16 -4.85 14.79
CA LEU A 367 24.88 -4.19 15.02
C LEU A 367 24.37 -3.72 13.67
N ILE A 368 23.07 -3.87 13.45
CA ILE A 368 22.45 -3.56 12.17
C ILE A 368 21.31 -2.57 12.43
N ASP A 369 21.40 -1.39 11.81
CA ASP A 369 20.31 -0.42 11.89
C ASP A 369 19.11 -0.90 11.10
N GLY A 370 17.92 -0.51 11.54
CA GLY A 370 16.74 -0.88 10.79
C GLY A 370 15.46 -0.28 11.32
N THR A 371 14.36 -1.02 11.20
CA THR A 371 13.04 -0.50 11.49
C THR A 371 12.71 -0.61 12.98
N TYR A 372 11.59 0.00 13.36
CA TYR A 372 11.06 -0.05 14.72
C TYR A 372 9.61 -0.49 14.76
N PHE A 373 8.79 0.08 13.88
CA PHE A 373 7.34 -0.11 13.89
C PHE A 373 6.86 -0.68 12.55
N ALA A 374 7.73 -1.43 11.88
CA ALA A 374 7.38 -2.10 10.64
C ALA A 374 6.77 -3.48 10.94
N GLU A 375 5.58 -3.73 10.39
CA GLU A 375 4.92 -5.02 10.51
C GLU A 375 4.40 -5.45 9.15
N THR A 376 3.93 -6.70 9.04
CA THR A 376 3.50 -7.22 7.76
C THR A 376 2.13 -6.66 7.35
N ALA A 377 1.85 -6.78 6.06
CA ALA A 377 0.52 -6.48 5.57
C ALA A 377 -0.52 -7.41 6.20
N ALA A 378 -0.16 -8.69 6.42
CA ALA A 378 -1.09 -9.61 7.04
C ALA A 378 -1.46 -9.17 8.46
N ALA A 379 -0.56 -8.44 9.11
CA ALA A 379 -0.78 -7.92 10.46
C ALA A 379 -1.52 -6.58 10.47
N GLY A 380 -1.91 -6.07 9.30
CA GLY A 380 -2.55 -4.77 9.21
C GLY A 380 -4.05 -4.88 8.95
N PHE A 381 -4.69 -3.72 8.82
CA PHE A 381 -6.10 -3.67 8.50
C PHE A 381 -6.37 -4.40 7.19
N GLY A 382 -7.42 -5.22 7.18
CA GLY A 382 -7.69 -6.08 6.05
C GLY A 382 -6.78 -7.27 5.91
N GLY A 383 -5.80 -7.44 6.80
CA GLY A 383 -4.88 -8.55 6.68
C GLY A 383 -5.43 -9.84 7.25
N SER A 384 -4.87 -10.96 6.78
CA SER A 384 -5.35 -12.26 7.23
C SER A 384 -5.13 -12.49 8.72
N ASN A 385 -4.30 -11.67 9.38
CA ASN A 385 -4.10 -11.79 10.82
C ASN A 385 -3.92 -10.40 11.44
N GLY A 386 -4.72 -9.44 10.99
CA GLY A 386 -4.60 -8.08 11.44
C GLY A 386 -5.95 -7.41 11.67
N PRO A 387 -5.93 -6.20 12.24
CA PRO A 387 -4.73 -5.45 12.65
C PRO A 387 -4.19 -5.97 13.97
N ASP A 388 -2.89 -6.13 14.05
CA ASP A 388 -2.24 -6.57 15.29
C ASP A 388 -2.44 -5.52 16.38
N PRO A 389 -3.10 -5.84 17.49
CA PRO A 389 -3.23 -4.86 18.58
C PRO A 389 -1.94 -4.64 19.34
N ALA A 390 -0.90 -5.43 19.06
CA ALA A 390 0.41 -5.24 19.66
C ALA A 390 1.49 -5.52 18.62
N GLY A 391 1.38 -4.86 17.46
CA GLY A 391 2.41 -4.97 16.46
C GLY A 391 3.75 -4.53 17.02
N PRO A 392 4.84 -5.18 16.60
CA PRO A 392 4.92 -6.24 15.58
C PRO A 392 4.87 -7.67 16.11
N ASP A 393 4.06 -7.97 17.14
CA ASP A 393 4.02 -9.32 17.73
C ASP A 393 3.81 -10.40 16.68
N VAL A 394 2.78 -10.27 15.84
CA VAL A 394 2.52 -11.36 14.91
C VAL A 394 3.42 -11.26 13.68
N SER A 395 4.36 -10.32 13.66
CA SER A 395 5.31 -10.17 12.56
C SER A 395 6.75 -10.48 12.97
N GLN A 396 6.92 -11.30 14.00
CA GLN A 396 8.25 -11.50 14.58
C GLN A 396 9.23 -12.14 13.60
N ARG A 397 8.78 -13.08 12.77
CA ARG A 397 9.68 -13.65 11.78
C ARG A 397 10.10 -12.60 10.75
N TYR A 398 9.15 -11.80 10.31
CA TYR A 398 9.41 -10.79 9.28
C TYR A 398 10.46 -9.78 9.76
N ILE A 399 10.31 -9.26 10.98
CA ILE A 399 11.21 -8.20 11.42
C ILE A 399 12.64 -8.69 11.66
N THR A 400 12.90 -10.01 11.75
CA THR A 400 14.29 -10.44 11.84
C THR A 400 15.09 -10.01 10.63
N HIS A 401 14.42 -9.64 9.54
CA HIS A 401 15.10 -9.27 8.32
C HIS A 401 15.28 -7.77 8.16
N ILE A 402 14.63 -6.95 8.98
CA ILE A 402 14.64 -5.49 8.76
C ILE A 402 14.72 -4.66 10.03
N ALA A 403 14.45 -5.24 11.19
CA ALA A 403 14.44 -4.42 12.39
C ALA A 403 15.85 -4.16 12.89
N ALA A 404 16.00 -3.10 13.66
CA ALA A 404 17.23 -2.87 14.41
C ALA A 404 17.57 -4.15 15.17
N ARG A 405 18.81 -4.62 15.02
CA ARG A 405 19.15 -5.94 15.55
C ARG A 405 20.67 -6.08 15.65
N GLY A 406 21.10 -7.24 16.14
CA GLY A 406 22.51 -7.53 16.26
C GLY A 406 22.79 -8.97 15.86
N VAL A 407 24.06 -9.23 15.57
CA VAL A 407 24.51 -10.56 15.16
C VAL A 407 25.73 -10.94 15.98
N LEU A 408 25.73 -12.16 16.52
CA LEU A 408 26.89 -12.74 17.17
C LEU A 408 27.06 -14.15 16.63
N ILE A 409 28.29 -14.50 16.23
CA ILE A 409 28.58 -15.82 15.70
C ILE A 409 29.72 -16.40 16.50
N VAL A 410 29.51 -17.60 17.03
CA VAL A 410 30.40 -18.20 18.01
C VAL A 410 30.92 -19.52 17.43
N ASP A 411 32.23 -19.72 17.50
CA ASP A 411 32.86 -20.96 17.03
C ASP A 411 33.01 -21.90 18.22
N THR A 412 32.26 -23.00 18.21
CA THR A 412 32.32 -23.99 19.28
C THR A 412 33.38 -25.06 19.03
N ASN A 413 34.07 -25.02 17.91
CA ASN A 413 35.11 -26.00 17.58
C ASN A 413 36.45 -25.54 18.20
N VAL A 414 36.43 -25.40 19.52
CA VAL A 414 37.56 -24.91 20.29
C VAL A 414 37.64 -25.70 21.60
N THR A 415 38.74 -25.51 22.32
CA THR A 415 38.92 -26.23 23.58
C THR A 415 37.84 -25.84 24.58
N GLY A 416 37.21 -26.84 25.18
CA GLY A 416 36.08 -26.62 26.06
C GLY A 416 34.76 -26.40 25.33
N GLY A 417 34.78 -26.29 24.01
CA GLY A 417 33.55 -26.17 23.25
C GLY A 417 32.92 -27.52 22.93
N ALA A 418 31.65 -27.46 22.52
CA ALA A 418 30.90 -28.67 22.22
C ALA A 418 31.23 -29.25 20.85
N LYS A 419 32.01 -28.55 20.03
CA LYS A 419 32.39 -29.02 18.70
C LYS A 419 31.17 -29.20 17.81
N ILE A 420 30.26 -28.23 17.85
CA ILE A 420 29.08 -28.27 16.99
C ILE A 420 29.16 -27.12 15.99
N GLY A 421 30.38 -26.76 15.57
CA GLY A 421 30.53 -25.75 14.55
C GLY A 421 30.16 -24.37 15.03
N LEU A 422 29.62 -23.57 14.10
CA LEU A 422 29.29 -22.16 14.33
C LEU A 422 27.85 -22.01 14.78
N VAL A 423 27.63 -21.20 15.80
CA VAL A 423 26.31 -20.93 16.35
C VAL A 423 26.05 -19.43 16.28
N GLY A 424 24.89 -19.05 15.75
CA GLY A 424 24.53 -17.66 15.57
C GLY A 424 23.48 -17.25 16.59
N PHE A 425 23.62 -16.04 17.11
CA PHE A 425 22.65 -15.47 18.04
C PHE A 425 22.27 -14.11 17.50
N VAL A 426 20.99 -13.91 17.21
CA VAL A 426 20.51 -12.71 16.53
C VAL A 426 19.40 -12.08 17.36
N PRO A 427 19.74 -11.24 18.35
CA PRO A 427 18.72 -10.46 19.03
C PRO A 427 18.13 -9.41 18.10
N VAL A 428 16.81 -9.27 18.13
CA VAL A 428 16.07 -8.43 17.19
C VAL A 428 15.12 -7.54 17.98
N GLY A 429 15.22 -6.22 17.75
CA GLY A 429 14.37 -5.29 18.44
C GLY A 429 12.91 -5.40 18.04
N MET A 430 12.04 -4.95 18.94
CA MET A 430 10.63 -4.78 18.67
C MET A 430 10.21 -3.42 19.20
N SER A 431 9.82 -2.51 18.31
CA SER A 431 9.25 -1.21 18.69
C SER A 431 10.28 -0.48 19.55
N GLU A 432 9.90 0.08 20.70
CA GLU A 432 10.85 0.89 21.46
C GLU A 432 11.63 0.06 22.49
N VAL A 433 11.68 -1.26 22.33
CA VAL A 433 12.71 -2.06 22.99
C VAL A 433 13.60 -2.59 21.87
N SER A 434 14.47 -1.72 21.36
CA SER A 434 15.28 -2.04 20.20
C SER A 434 16.76 -1.70 20.40
N THR A 435 17.16 -1.33 21.61
CA THR A 435 18.58 -1.12 21.92
C THR A 435 19.26 -2.46 22.16
N CYS A 436 20.14 -2.85 21.25
CA CYS A 436 20.86 -4.11 21.30
C CYS A 436 22.26 -3.85 21.86
N ASP A 437 22.49 -4.30 23.09
CA ASP A 437 23.67 -3.94 23.89
C ASP A 437 24.57 -5.16 24.07
N TRP A 438 25.61 -5.26 23.25
CA TRP A 438 26.62 -6.31 23.42
C TRP A 438 27.57 -5.95 24.54
N PHE A 439 27.73 -6.82 25.52
CA PHE A 439 28.70 -6.55 26.57
C PHE A 439 30.12 -6.82 26.05
N ASP A 440 31.11 -6.21 26.72
CA ASP A 440 32.48 -6.25 26.21
C ASP A 440 33.05 -7.66 26.18
N ASN A 441 32.46 -8.61 26.92
CA ASN A 441 32.99 -9.96 26.82
C ASN A 441 32.68 -10.63 25.49
N THR A 442 31.92 -9.99 24.58
CA THR A 442 31.60 -10.59 23.28
C THR A 442 32.44 -10.03 22.14
N GLU A 443 33.45 -9.21 22.42
CA GLU A 443 34.34 -8.71 21.38
CA GLU A 443 34.33 -8.72 21.37
C GLU A 443 34.91 -9.87 20.56
N GLU A 444 34.99 -9.65 19.25
CA GLU A 444 35.53 -10.68 18.37
C GLU A 444 36.92 -11.10 18.84
N GLY A 445 37.12 -12.40 18.96
CA GLY A 445 38.36 -12.96 19.44
C GLY A 445 38.32 -13.42 20.88
N LYS A 446 37.34 -12.95 21.65
CA LYS A 446 37.17 -13.43 23.01
C LYS A 446 36.40 -14.75 23.01
N THR A 447 36.61 -15.53 24.08
CA THR A 447 35.86 -16.76 24.30
C THR A 447 34.81 -16.52 25.37
N ILE A 448 33.58 -16.97 25.13
CA ILE A 448 32.52 -16.88 26.12
C ILE A 448 32.21 -18.28 26.61
N SER A 449 31.74 -18.36 27.86
CA SER A 449 31.31 -19.63 28.44
C SER A 449 29.79 -19.68 28.47
N LYS A 450 29.25 -20.83 28.08
CA LYS A 450 27.84 -21.16 28.20
C LYS A 450 27.26 -20.65 29.51
N GLY A 451 26.21 -19.83 29.43
CA GLY A 451 25.57 -19.27 30.60
C GLY A 451 26.05 -17.89 31.03
N ASP A 452 27.22 -17.44 30.56
CA ASP A 452 27.68 -16.07 30.85
C ASP A 452 26.67 -15.07 30.33
N VAL A 453 26.45 -13.99 31.10
CA VAL A 453 25.66 -12.88 30.59
C VAL A 453 26.50 -12.12 29.56
N ILE A 454 25.93 -11.91 28.37
CA ILE A 454 26.69 -11.38 27.24
C ILE A 454 26.07 -10.12 26.65
N GLY A 455 24.93 -9.68 27.15
CA GLY A 455 24.32 -8.45 26.67
C GLY A 455 22.91 -8.30 27.19
N ALA A 456 22.18 -7.34 26.62
CA ALA A 456 20.80 -7.13 27.04
C ALA A 456 20.08 -6.24 26.03
N PHE A 457 18.76 -6.43 25.95
CA PHE A 457 17.88 -5.41 25.39
C PHE A 457 17.69 -4.27 26.38
N HIS A 458 17.56 -3.05 25.84
CA HIS A 458 17.08 -1.91 26.60
C HIS A 458 15.93 -1.24 25.85
N SER A 459 15.02 -0.63 26.61
CA SER A 459 14.11 0.34 26.02
C SER A 459 14.93 1.46 25.36
N GLY A 460 14.66 1.71 24.09
CA GLY A 460 15.43 2.68 23.34
C GLY A 460 15.51 2.27 21.88
N GLY A 461 16.37 2.97 21.16
CA GLY A 461 16.47 2.80 19.72
C GLY A 461 17.70 2.02 19.27
C PYR B 1 11.74 -9.86 21.54
O PYR B 1 10.93 -10.68 22.01
CA PYR B 1 11.92 -8.53 22.35
CB PYR B 1 12.62 -7.40 21.65
N THR B 2 12.66 -10.01 20.47
CA THR B 2 12.63 -11.39 19.97
C THR B 2 14.07 -11.78 19.61
N HIS B 3 14.35 -13.05 19.31
CA HIS B 3 15.73 -13.43 18.97
C HIS B 3 15.72 -14.75 18.23
N CYS B 4 16.78 -14.96 17.45
CA CYS B 4 17.01 -16.22 16.75
C CYS B 4 18.30 -16.87 17.22
N LEU B 5 18.29 -18.19 17.30
CA LEU B 5 19.52 -18.97 17.38
C LEU B 5 19.65 -19.79 16.10
N ILE B 6 20.86 -19.82 15.55
CA ILE B 6 21.09 -20.41 14.23
C ILE B 6 22.16 -21.48 14.34
N PHE B 7 21.91 -22.65 13.76
CA PHE B 7 22.81 -23.79 13.85
C PHE B 7 23.10 -24.33 12.45
N GLN B 8 24.30 -24.87 12.28
CA GLN B 8 24.71 -25.43 11.00
C GLN B 8 24.07 -26.81 10.76
N ARG B 9 23.97 -27.15 9.47
CA ARG B 9 23.31 -28.39 9.06
CA ARG B 9 23.32 -28.40 9.05
C ARG B 9 23.92 -29.61 9.75
N ASP B 10 25.25 -29.73 9.72
CA ASP B 10 25.86 -30.94 10.29
C ASP B 10 25.81 -30.94 11.81
N ALA B 11 25.72 -29.77 12.44
CA ALA B 11 25.52 -29.72 13.88
C ALA B 11 24.13 -30.20 14.28
N VAL B 12 23.11 -29.84 13.50
CA VAL B 12 21.74 -30.26 13.82
C VAL B 12 21.63 -31.77 13.79
N LYS B 13 22.41 -32.44 12.93
CA LYS B 13 22.40 -33.90 12.91
C LYS B 13 22.83 -34.49 14.24
N LYS B 14 23.66 -33.77 15.00
CA LYS B 14 24.24 -34.26 16.24
C LYS B 14 23.46 -33.83 17.48
N LEU B 15 22.41 -33.03 17.33
CA LEU B 15 21.76 -32.38 18.46
C LEU B 15 20.34 -32.87 18.63
N GLN B 16 19.90 -32.93 19.88
CA GLN B 16 18.52 -33.25 20.24
C GLN B 16 17.94 -32.02 20.94
N PHE B 17 17.07 -31.29 20.25
CA PHE B 17 16.41 -30.14 20.85
C PHE B 17 15.25 -30.58 21.73
N ILE B 18 15.00 -29.80 22.77
CA ILE B 18 13.86 -30.07 23.63
C ILE B 18 12.59 -29.85 22.83
N PRO B 19 11.54 -30.63 23.09
CA PRO B 19 10.33 -30.53 22.26
C PRO B 19 9.64 -29.17 22.32
N LYS B 20 9.65 -28.51 23.49
CA LYS B 20 9.01 -27.21 23.62
C LYS B 20 9.59 -26.20 22.63
N ALA B 21 10.89 -26.30 22.35
CA ALA B 21 11.55 -25.44 21.39
C ALA B 21 11.37 -25.91 19.95
N GLN B 22 11.53 -27.22 19.70
CA GLN B 22 11.46 -27.72 18.34
C GLN B 22 10.04 -27.75 17.79
N TYR B 23 9.04 -27.83 18.67
CA TYR B 23 7.62 -27.89 18.29
C TYR B 23 6.89 -26.78 19.04
N PRO B 24 7.14 -25.53 18.67
CA PRO B 24 6.79 -24.40 19.55
C PRO B 24 5.31 -24.30 19.88
N GLU B 25 4.41 -24.82 19.05
CA GLU B 25 2.99 -24.72 19.34
CA GLU B 25 3.00 -24.68 19.36
C GLU B 25 2.63 -25.42 20.65
N ILE B 26 3.46 -26.36 21.10
CA ILE B 26 3.16 -27.05 22.37
C ILE B 26 3.57 -26.24 23.59
N ALA B 27 4.36 -25.18 23.43
CA ALA B 27 4.85 -24.43 24.57
C ALA B 27 3.73 -23.61 25.21
N THR B 28 3.69 -23.62 26.54
CA THR B 28 2.72 -22.83 27.28
C THR B 28 3.36 -21.80 28.21
N THR B 29 4.68 -21.83 28.41
CA THR B 29 5.37 -20.86 29.25
C THR B 29 6.69 -20.47 28.60
N ASN B 30 7.37 -19.50 29.22
CA ASN B 30 8.77 -19.25 28.90
C ASN B 30 9.60 -20.50 29.15
N LEU B 31 10.68 -20.63 28.40
CA LEU B 31 11.79 -21.48 28.78
C LEU B 31 12.76 -20.67 29.64
N ALA B 32 13.33 -21.32 30.65
CA ALA B 32 14.23 -20.63 31.56
C ALA B 32 15.58 -20.41 30.89
N VAL B 33 16.09 -19.17 31.00
CA VAL B 33 17.42 -18.90 30.51
C VAL B 33 18.40 -19.83 31.24
N ASN B 34 19.45 -20.24 30.51
CA ASN B 34 20.50 -21.16 30.97
C ASN B 34 20.05 -22.62 31.06
N SER B 35 18.76 -22.89 30.88
CA SER B 35 18.32 -24.29 30.92
C SER B 35 18.54 -24.98 29.58
N GLU B 36 18.42 -26.30 29.58
CA GLU B 36 18.71 -27.08 28.40
C GLU B 36 17.87 -26.63 27.21
N LEU B 37 18.54 -26.38 26.09
CA LEU B 37 17.85 -26.20 24.80
C LEU B 37 18.14 -27.35 23.83
N ALA B 38 19.37 -27.82 23.76
CA ALA B 38 19.68 -28.99 22.95
C ALA B 38 20.88 -29.73 23.54
N LYS B 39 20.89 -31.05 23.40
CA LYS B 39 21.98 -31.88 23.89
C LYS B 39 22.58 -32.71 22.76
N LEU B 40 23.87 -33.00 22.90
CA LEU B 40 24.54 -33.88 21.95
C LEU B 40 24.03 -35.30 22.09
N THR B 41 23.87 -35.97 20.96
CA THR B 41 23.40 -37.36 20.94
C THR B 41 24.51 -38.31 20.54
N VAL C 81 -4.25 -57.54 -22.27
CA VAL C 81 -5.25 -58.52 -21.87
C VAL C 81 -6.63 -57.82 -21.74
N GLU C 82 -6.94 -57.23 -20.60
CA GLU C 82 -8.17 -56.46 -20.48
C GLU C 82 -8.00 -55.11 -21.17
N ASN C 83 -9.09 -54.62 -21.74
CA ASN C 83 -9.21 -53.24 -22.19
C ASN C 83 -8.85 -52.30 -21.05
N PRO C 84 -7.83 -51.45 -21.20
CA PRO C 84 -7.45 -50.56 -20.09
C PRO C 84 -8.52 -49.53 -19.73
N VAL C 85 -9.39 -49.16 -20.67
CA VAL C 85 -10.52 -48.31 -20.31
C VAL C 85 -11.48 -49.05 -19.40
N GLU C 86 -11.66 -50.36 -19.62
CA GLU C 86 -12.53 -51.15 -18.75
C GLU C 86 -11.90 -51.32 -17.36
N THR C 87 -10.58 -51.47 -17.30
CA THR C 87 -9.90 -51.46 -16.02
C THR C 87 -10.15 -50.15 -15.27
N PHE C 88 -10.12 -49.03 -16.00
CA PHE C 88 -10.39 -47.71 -15.43
C PHE C 88 -11.82 -47.60 -14.92
N ARG C 89 -12.77 -48.09 -15.72
CA ARG C 89 -14.17 -48.11 -15.28
CA ARG C 89 -14.17 -48.11 -15.28
C ARG C 89 -14.33 -48.85 -13.95
N LYS C 90 -13.71 -50.03 -13.83
CA LYS C 90 -13.79 -50.79 -12.59
C LYS C 90 -13.13 -50.07 -11.43
N LEU C 91 -11.98 -49.43 -11.67
CA LEU C 91 -11.33 -48.65 -10.62
C LEU C 91 -12.30 -47.60 -10.07
N ILE C 92 -12.92 -46.84 -10.97
CA ILE C 92 -13.85 -45.78 -10.56
C ILE C 92 -15.04 -46.34 -9.81
N GLU C 93 -15.66 -47.38 -10.36
CA GLU C 93 -16.92 -47.87 -9.81
C GLU C 93 -16.75 -48.72 -8.55
N ASN C 94 -15.58 -49.34 -8.36
CA ASN C 94 -15.33 -50.20 -7.21
C ASN C 94 -14.64 -49.47 -6.06
N ASP C 95 -14.52 -48.15 -6.14
CA ASP C 95 -13.97 -47.33 -5.06
C ASP C 95 -14.92 -46.20 -4.76
N SER C 96 -15.46 -46.18 -3.53
CA SER C 96 -16.49 -45.19 -3.19
C SER C 96 -15.98 -43.77 -3.39
N THR C 97 -14.75 -43.49 -2.97
CA THR C 97 -14.24 -42.13 -3.09
C THR C 97 -14.02 -41.74 -4.55
N LEU C 98 -13.40 -42.62 -5.34
CA LEU C 98 -13.19 -42.29 -6.74
C LEU C 98 -14.53 -42.18 -7.47
N TYR C 99 -15.50 -43.02 -7.10
CA TYR C 99 -16.84 -42.91 -7.69
C TYR C 99 -17.42 -41.54 -7.44
N MET C 100 -17.34 -41.07 -6.19
CA MET C 100 -17.78 -39.72 -5.86
C MET C 100 -17.04 -38.67 -6.69
N LEU C 101 -15.71 -38.76 -6.76
CA LEU C 101 -14.93 -37.71 -7.43
C LEU C 101 -15.24 -37.69 -8.93
N ALA C 102 -15.44 -38.87 -9.52
CA ALA C 102 -15.75 -38.99 -10.94
C ALA C 102 -17.10 -38.37 -11.30
N HIS C 103 -17.97 -38.15 -10.31
CA HIS C 103 -19.16 -37.33 -10.54
C HIS C 103 -18.89 -35.85 -10.25
N SER C 104 -18.31 -35.58 -9.08
CA SER C 104 -18.15 -34.19 -8.64
C SER C 104 -17.27 -33.38 -9.57
N MET C 105 -16.27 -34.02 -10.20
CA MET C 105 -15.38 -33.24 -11.06
C MET C 105 -16.09 -32.71 -12.31
N PHE C 106 -17.23 -33.32 -12.67
CA PHE C 106 -18.09 -32.76 -13.71
C PHE C 106 -19.15 -31.83 -13.13
N ASP C 107 -19.75 -32.20 -11.99
CA ASP C 107 -20.71 -31.32 -11.32
C ASP C 107 -20.12 -29.95 -11.08
N GLU C 108 -18.82 -29.87 -10.80
CA GLU C 108 -18.19 -28.62 -10.44
C GLU C 108 -17.83 -27.75 -11.64
N VAL C 109 -18.00 -28.25 -12.86
CA VAL C 109 -17.85 -27.40 -14.04
C VAL C 109 -19.11 -26.58 -14.22
N PRO C 110 -19.02 -25.24 -14.34
CA PRO C 110 -20.23 -24.43 -14.51
C PRO C 110 -21.02 -24.86 -15.73
N GLU C 111 -22.35 -24.75 -15.64
CA GLU C 111 -23.22 -25.06 -16.77
CA GLU C 111 -23.17 -25.09 -16.80
C GLU C 111 -23.20 -23.97 -17.84
N LYS C 112 -22.91 -22.73 -17.45
CA LYS C 112 -23.07 -21.59 -18.33
C LYS C 112 -21.92 -21.45 -19.31
N ALA C 113 -22.23 -20.88 -20.47
CA ALA C 113 -21.21 -20.58 -21.47
C ALA C 113 -20.06 -19.80 -20.83
N PRO C 114 -18.80 -20.07 -21.24
CA PRO C 114 -18.39 -20.96 -22.33
C PRO C 114 -18.21 -22.43 -21.91
N TYR C 115 -18.50 -22.76 -20.66
CA TYR C 115 -18.17 -24.09 -20.15
C TYR C 115 -19.18 -25.16 -20.53
N ASP C 116 -20.25 -24.79 -21.23
CA ASP C 116 -21.10 -25.79 -21.87
C ASP C 116 -20.43 -26.45 -23.05
N ARG C 117 -19.30 -25.91 -23.51
CA ARG C 117 -18.51 -26.47 -24.59
C ARG C 117 -17.09 -26.69 -24.11
N ASP C 118 -16.37 -27.62 -24.76
CA ASP C 118 -14.98 -27.87 -24.41
C ASP C 118 -14.16 -26.66 -24.85
N PRO C 119 -12.87 -26.57 -24.46
CA PRO C 119 -12.12 -25.34 -24.74
C PRO C 119 -11.96 -25.03 -26.22
N THR C 120 -12.12 -26.01 -27.13
CA THR C 120 -12.06 -25.69 -28.55
C THR C 120 -13.29 -24.94 -29.01
N THR C 121 -14.35 -24.93 -28.21
CA THR C 121 -15.70 -24.40 -28.48
C THR C 121 -16.44 -25.22 -29.53
N LEU C 122 -15.85 -26.29 -30.06
CA LEU C 122 -16.43 -27.00 -31.18
C LEU C 122 -17.41 -28.10 -30.77
N LYS C 123 -17.36 -28.58 -29.54
CA LYS C 123 -18.24 -29.66 -29.09
C LYS C 123 -18.74 -29.36 -27.68
N LYS C 124 -19.88 -29.97 -27.36
CA LYS C 124 -20.42 -29.88 -26.00
CA LYS C 124 -20.41 -29.87 -26.00
C LYS C 124 -19.45 -30.50 -25.00
N GLN C 125 -19.39 -29.90 -23.81
CA GLN C 125 -18.56 -30.42 -22.74
C GLN C 125 -19.14 -31.73 -22.20
N VAL C 126 -18.28 -32.74 -22.05
CA VAL C 126 -18.68 -33.98 -21.40
C VAL C 126 -18.99 -33.72 -19.94
N ARG C 127 -20.07 -34.33 -19.43
CA ARG C 127 -20.58 -34.06 -18.09
CA ARG C 127 -20.50 -34.05 -18.06
C ARG C 127 -20.67 -35.30 -17.20
N ASN C 128 -20.20 -36.46 -17.66
CA ASN C 128 -20.25 -37.63 -16.79
C ASN C 128 -19.14 -38.60 -17.20
N TYR C 129 -18.74 -39.43 -16.23
CA TYR C 129 -17.58 -40.29 -16.43
C TYR C 129 -17.84 -41.42 -17.42
N LYS C 130 -19.10 -41.83 -17.61
CA LYS C 130 -19.36 -42.92 -18.55
C LYS C 130 -19.20 -42.46 -19.99
N THR C 131 -19.69 -41.25 -20.30
CA THR C 131 -19.38 -40.67 -21.60
C THR C 131 -17.88 -40.48 -21.76
N MET C 132 -17.20 -40.06 -20.70
CA MET C 132 -15.76 -39.87 -20.79
C MET C 132 -15.08 -41.19 -21.16
N LEU C 133 -15.53 -42.29 -20.53
CA LEU C 133 -14.93 -43.60 -20.79
C LEU C 133 -15.24 -44.08 -22.20
N TYR C 134 -16.49 -43.89 -22.64
CA TYR C 134 -16.82 -44.23 -24.02
C TYR C 134 -15.88 -43.51 -24.99
N LEU C 135 -15.70 -42.20 -24.79
CA LEU C 135 -14.83 -41.43 -25.68
C LEU C 135 -13.38 -41.89 -25.58
N PHE C 136 -12.88 -42.11 -24.36
CA PHE C 136 -11.51 -42.61 -24.22
C PHE C 136 -11.34 -43.92 -24.98
N ASN C 137 -12.32 -44.81 -24.90
CA ASN C 137 -12.20 -46.08 -25.62
C ASN C 137 -12.17 -45.86 -27.12
N THR C 138 -13.03 -44.98 -27.64
CA THR C 138 -13.02 -44.70 -29.08
CA THR C 138 -13.03 -44.69 -29.07
C THR C 138 -11.71 -44.04 -29.50
N LEU C 139 -11.15 -43.18 -28.66
CA LEU C 139 -9.91 -42.48 -29.00
C LEU C 139 -8.73 -43.43 -29.11
N LEU C 140 -8.80 -44.62 -28.50
CA LEU C 140 -7.71 -45.60 -28.61
C LEU C 140 -7.36 -45.90 -30.06
N THR C 141 -8.29 -45.71 -31.00
CA THR C 141 -8.01 -45.93 -32.42
C THR C 141 -8.30 -44.68 -33.24
N GLU C 142 -7.96 -43.51 -32.71
CA GLU C 142 -8.02 -42.24 -33.44
C GLU C 142 -6.70 -41.51 -33.33
N VAL C 143 -6.31 -40.84 -34.42
CA VAL C 143 -5.21 -39.88 -34.37
C VAL C 143 -5.81 -38.52 -34.00
N PRO C 144 -5.03 -37.59 -33.44
CA PRO C 144 -5.60 -36.26 -33.16
C PRO C 144 -6.07 -35.59 -34.44
N GLU C 145 -7.15 -34.84 -34.30
CA GLU C 145 -7.74 -34.13 -35.43
C GLU C 145 -7.15 -32.73 -35.53
N TYR C 146 -6.78 -32.33 -36.75
CA TYR C 146 -6.37 -30.95 -36.99
C TYR C 146 -7.64 -30.12 -37.20
N PHE C 147 -8.26 -29.71 -36.10
CA PHE C 147 -9.57 -29.09 -36.23
C PHE C 147 -9.53 -27.64 -36.73
N LEU C 148 -8.33 -27.05 -36.88
CA LEU C 148 -8.23 -25.69 -37.37
C LEU C 148 -8.44 -25.56 -38.88
N ARG C 149 -8.48 -26.66 -39.62
CA ARG C 149 -8.72 -26.58 -41.06
C ARG C 149 -10.05 -25.91 -41.35
N ASP C 150 -11.14 -26.46 -40.82
CA ASP C 150 -12.48 -25.92 -41.04
C ASP C 150 -12.91 -24.90 -40.01
N ASN C 151 -12.15 -24.74 -38.92
CA ASN C 151 -12.48 -23.80 -37.86
C ASN C 151 -11.23 -23.01 -37.49
N PRO C 152 -10.74 -22.16 -38.39
CA PRO C 152 -9.41 -21.56 -38.19
C PRO C 152 -9.31 -20.62 -37.00
N ASN C 153 -10.43 -20.10 -36.48
CA ASN C 153 -10.38 -19.03 -35.49
C ASN C 153 -10.67 -19.49 -34.06
N VAL C 154 -10.82 -20.78 -33.81
CA VAL C 154 -11.16 -21.24 -32.46
C VAL C 154 -9.88 -21.42 -31.64
N PRO C 155 -9.96 -21.50 -30.31
CA PRO C 155 -8.75 -21.72 -29.51
C PRO C 155 -8.03 -22.98 -29.95
N SER C 156 -6.71 -22.87 -30.10
CA SER C 156 -5.89 -23.89 -30.73
C SER C 156 -4.93 -24.57 -29.76
N GLY C 157 -4.96 -24.22 -28.48
CA GLY C 157 -3.97 -24.71 -27.54
C GLY C 157 -3.97 -26.22 -27.32
N LEU C 158 -5.04 -26.92 -27.75
CA LEU C 158 -5.16 -28.36 -27.52
C LEU C 158 -5.15 -29.16 -28.83
N ILE C 159 -4.71 -28.55 -29.93
CA ILE C 159 -4.38 -29.33 -31.12
C ILE C 159 -3.42 -30.44 -30.75
N GLY C 160 -3.77 -31.67 -31.08
CA GLY C 160 -2.98 -32.84 -30.74
C GLY C 160 -3.45 -33.60 -29.52
N PHE C 161 -4.44 -33.09 -28.78
CA PHE C 161 -4.74 -33.57 -27.44
C PHE C 161 -6.22 -33.84 -27.25
N PRO C 162 -6.75 -34.93 -27.79
CA PRO C 162 -8.20 -35.18 -27.66
C PRO C 162 -8.62 -35.59 -26.26
N PHE C 163 -7.77 -36.33 -25.52
CA PHE C 163 -8.10 -36.64 -24.13
C PHE C 163 -8.14 -35.36 -23.30
N ASN C 164 -7.12 -34.50 -23.47
CA ASN C 164 -7.02 -33.23 -22.74
C ASN C 164 -8.26 -32.37 -22.97
N ILE C 165 -8.78 -32.38 -24.19
CA ILE C 165 -9.98 -31.59 -24.53
C ILE C 165 -11.17 -32.03 -23.66
N ILE C 166 -11.33 -33.33 -23.47
CA ILE C 166 -12.46 -33.85 -22.70
C ILE C 166 -12.37 -33.42 -21.24
N VAL C 167 -11.18 -33.47 -20.65
CA VAL C 167 -11.03 -33.33 -19.20
C VAL C 167 -10.54 -31.94 -18.80
N ASP C 168 -10.39 -31.01 -19.74
CA ASP C 168 -9.73 -29.74 -19.42
C ASP C 168 -10.49 -28.96 -18.34
N TRP C 169 -11.80 -28.77 -18.52
CA TRP C 169 -12.53 -28.07 -17.45
C TRP C 169 -12.59 -28.90 -16.17
N PRO C 170 -12.93 -30.21 -16.20
CA PRO C 170 -12.83 -31.01 -14.96
C PRO C 170 -11.49 -30.92 -14.25
N MET C 171 -10.37 -30.85 -15.00
CA MET C 171 -9.06 -30.63 -14.40
C MET C 171 -9.00 -29.39 -13.52
N GLY C 172 -9.83 -28.39 -13.83
CA GLY C 172 -9.79 -27.14 -13.12
C GLY C 172 -10.69 -27.05 -11.91
N THR C 173 -11.32 -28.15 -11.50
CA THR C 173 -12.22 -28.20 -10.35
C THR C 173 -11.51 -28.78 -9.15
N PRO C 174 -11.97 -28.48 -7.93
CA PRO C 174 -11.34 -29.09 -6.75
C PRO C 174 -11.40 -30.60 -6.75
N SER C 175 -12.57 -31.19 -7.08
CA SER C 175 -12.63 -32.66 -7.11
C SER C 175 -11.82 -33.22 -8.26
N GLY C 176 -11.80 -32.52 -9.40
CA GLY C 176 -10.97 -32.96 -10.50
C GLY C 176 -9.49 -32.94 -10.16
N ARG C 177 -9.04 -31.91 -9.44
CA ARG C 177 -7.64 -31.88 -9.04
CA ARG C 177 -7.63 -31.89 -9.06
C ARG C 177 -7.30 -33.08 -8.17
N GLN C 178 -8.20 -33.43 -7.25
CA GLN C 178 -7.97 -34.60 -6.41
C GLN C 178 -7.95 -35.87 -7.25
N PHE C 179 -8.94 -36.03 -8.12
CA PHE C 179 -9.02 -37.21 -8.99
C PHE C 179 -7.72 -37.40 -9.77
N PHE C 180 -7.21 -36.33 -10.39
CA PHE C 180 -6.05 -36.49 -11.27
C PHE C 180 -4.71 -36.49 -10.51
N LEU C 181 -4.75 -36.45 -9.17
CA LEU C 181 -3.56 -36.72 -8.36
C LEU C 181 -3.56 -38.13 -7.78
N ASP C 182 -4.64 -38.89 -7.99
CA ASP C 182 -4.71 -40.22 -7.42
C ASP C 182 -3.77 -41.17 -8.17
N THR C 183 -2.91 -41.88 -7.43
CA THR C 183 -1.92 -42.72 -8.10
C THR C 183 -2.58 -43.87 -8.87
N ARG C 184 -3.68 -44.43 -8.36
CA ARG C 184 -4.34 -45.50 -9.10
C ARG C 184 -4.97 -44.97 -10.38
N VAL C 185 -5.58 -43.79 -10.31
CA VAL C 185 -6.10 -43.14 -11.51
C VAL C 185 -4.99 -42.97 -12.53
N ASN C 186 -3.83 -42.49 -12.08
CA ASN C 186 -2.77 -42.23 -13.03
C ASN C 186 -2.15 -43.51 -13.58
N LYS C 187 -2.09 -44.59 -12.80
CA LYS C 187 -1.68 -45.87 -13.39
CA LYS C 187 -1.70 -45.88 -13.37
C LYS C 187 -2.67 -46.30 -14.48
N CYS C 188 -3.98 -46.09 -14.26
CA CYS C 188 -4.94 -46.47 -15.28
C CYS C 188 -4.79 -45.60 -16.52
N LEU C 189 -4.56 -44.29 -16.34
CA LEU C 189 -4.38 -43.41 -17.48
C LEU C 189 -3.10 -43.74 -18.24
N LYS C 190 -2.01 -44.04 -17.52
CA LYS C 190 -0.79 -44.50 -18.18
C LYS C 190 -1.08 -45.65 -19.13
N ASP C 191 -1.81 -46.66 -18.64
CA ASP C 191 -2.09 -47.84 -19.46
C ASP C 191 -3.00 -47.51 -20.63
N ILE C 192 -3.97 -46.61 -20.42
CA ILE C 192 -4.82 -46.17 -21.52
C ILE C 192 -4.01 -45.42 -22.56
N LEU C 193 -3.17 -44.47 -22.12
CA LEU C 193 -2.41 -43.67 -23.07
C LEU C 193 -1.33 -44.49 -23.76
N ASN C 194 -0.79 -45.50 -23.08
CA ASN C 194 0.18 -46.37 -23.74
C ASN C 194 -0.50 -47.27 -24.78
N LYS C 195 -1.73 -47.71 -24.51
CA LYS C 195 -2.50 -48.43 -25.53
C LYS C 195 -2.73 -47.55 -26.75
N TRP C 196 -3.02 -46.27 -26.52
CA TRP C 196 -3.19 -45.32 -27.62
C TRP C 196 -1.90 -45.17 -28.41
N ASN C 197 -0.78 -45.05 -27.71
CA ASN C 197 0.53 -45.00 -28.35
C ASN C 197 0.77 -46.20 -29.26
N GLU C 198 0.34 -47.39 -28.83
CA GLU C 198 0.47 -48.57 -29.69
C GLU C 198 -0.22 -48.35 -31.04
N PHE C 199 -1.41 -47.75 -31.00
CA PHE C 199 -2.12 -47.45 -32.23
C PHE C 199 -1.43 -46.34 -33.02
N LEU C 200 -0.97 -45.29 -32.33
CA LEU C 200 -0.33 -44.19 -33.04
C LEU C 200 0.97 -44.59 -33.74
N LYS C 201 1.63 -45.65 -33.31
CA LYS C 201 2.82 -46.12 -34.02
C LYS C 201 2.55 -47.33 -34.90
N ASP C 202 1.27 -47.65 -35.14
CA ASP C 202 0.90 -48.77 -35.98
C ASP C 202 0.69 -48.25 -37.40
N PRO C 203 1.55 -48.59 -38.37
CA PRO C 203 1.34 -48.10 -39.74
C PRO C 203 0.07 -48.63 -40.38
N THR C 204 -0.55 -49.66 -39.82
CA THR C 204 -1.82 -50.17 -40.34
C THR C 204 -3.04 -49.55 -39.68
N ALA C 205 -2.87 -48.70 -38.67
CA ALA C 205 -3.98 -48.15 -37.89
C ALA C 205 -4.95 -49.25 -37.45
N GLN C 206 -4.38 -50.28 -36.84
CA GLN C 206 -5.10 -51.43 -36.31
C GLN C 206 -5.90 -52.14 -37.40
N GLY C 207 -5.19 -52.56 -38.45
CA GLY C 207 -5.74 -53.48 -39.41
C GLY C 207 -6.46 -52.85 -40.58
N ASN C 208 -6.09 -51.63 -40.97
CA ASN C 208 -6.70 -50.96 -42.11
C ASN C 208 -5.75 -50.89 -43.31
N GLY C 209 -4.93 -51.93 -43.50
CA GLY C 209 -4.01 -51.97 -44.62
C GLY C 209 -2.75 -51.20 -44.33
N ASN C 210 -1.73 -51.43 -45.18
CA ASN C 210 -0.42 -50.86 -44.91
C ASN C 210 -0.41 -49.33 -45.00
N LYS C 211 -1.39 -48.72 -45.65
CA LYS C 211 -1.47 -47.26 -45.68
C LYS C 211 -2.45 -46.72 -44.64
N GLY C 212 -2.94 -47.59 -43.75
CA GLY C 212 -3.97 -47.16 -42.80
C GLY C 212 -3.51 -46.02 -41.90
N GLY C 213 -2.27 -46.12 -41.39
CA GLY C 213 -1.77 -45.06 -40.52
C GLY C 213 -1.63 -43.73 -41.22
N ASN C 214 -1.20 -43.76 -42.48
CA ASN C 214 -1.04 -42.52 -43.25
C ASN C 214 -2.40 -41.93 -43.64
N GLN C 215 -3.35 -42.79 -44.03
CA GLN C 215 -4.67 -42.28 -44.42
C GLN C 215 -5.39 -41.64 -43.23
N ALA C 216 -5.23 -42.21 -42.04
CA ALA C 216 -5.82 -41.61 -40.85
C ALA C 216 -5.33 -40.17 -40.66
N LEU C 217 -4.04 -39.92 -40.91
CA LEU C 217 -3.51 -38.57 -40.81
C LEU C 217 -4.14 -37.65 -41.85
N ILE C 218 -4.31 -38.15 -43.08
CA ILE C 218 -4.95 -37.34 -44.13
C ILE C 218 -6.42 -37.09 -43.78
N ASP C 219 -7.13 -38.12 -43.32
CA ASP C 219 -8.53 -37.92 -42.95
C ASP C 219 -8.67 -36.90 -41.82
N ALA C 220 -7.67 -36.82 -40.94
CA ALA C 220 -7.74 -35.92 -39.80
C ALA C 220 -7.34 -34.48 -40.13
N GLY C 221 -7.01 -34.19 -41.39
CA GLY C 221 -6.77 -32.83 -41.82
C GLY C 221 -5.31 -32.39 -41.83
N TRP C 222 -4.37 -33.27 -41.50
CA TRP C 222 -2.98 -32.84 -41.37
C TRP C 222 -2.32 -32.52 -42.71
N SER C 223 -2.88 -32.96 -43.82
CA SER C 223 -2.32 -32.57 -45.12
C SER C 223 -2.91 -31.28 -45.66
N SER C 224 -3.80 -30.62 -44.91
CA SER C 224 -4.37 -29.36 -45.36
C SER C 224 -3.30 -28.29 -45.46
N ASP C 225 -3.55 -27.28 -46.32
CA ASP C 225 -2.67 -26.12 -46.36
C ASP C 225 -2.55 -25.50 -44.99
N ALA C 226 -3.65 -25.47 -44.23
CA ALA C 226 -3.61 -24.85 -42.90
C ALA C 226 -2.58 -25.52 -42.02
N ALA C 227 -2.65 -26.86 -41.92
CA ALA C 227 -1.73 -27.59 -41.05
C ALA C 227 -0.29 -27.50 -41.54
N VAL C 228 -0.06 -27.72 -42.83
CA VAL C 228 1.31 -27.76 -43.31
C VAL C 228 1.96 -26.39 -43.23
N GLU C 229 1.22 -25.33 -43.56
CA GLU C 229 1.76 -23.97 -43.40
C GLU C 229 2.10 -23.69 -41.94
N GLN C 230 1.26 -24.15 -41.02
CA GLN C 230 1.54 -23.95 -39.60
C GLN C 230 2.84 -24.67 -39.19
N LEU C 231 3.03 -25.91 -39.67
CA LEU C 231 4.25 -26.63 -39.31
C LEU C 231 5.48 -25.97 -39.92
N VAL C 232 5.37 -25.51 -41.17
CA VAL C 232 6.50 -24.85 -41.82
C VAL C 232 6.79 -23.52 -41.14
N ASN C 233 5.74 -22.72 -40.89
CA ASN C 233 5.96 -21.43 -40.23
C ASN C 233 6.57 -21.60 -38.85
N LYS C 234 6.12 -22.61 -38.10
CA LYS C 234 6.66 -22.81 -36.76
C LYS C 234 8.14 -23.19 -36.80
N ALA C 235 8.54 -24.06 -37.74
CA ALA C 235 9.95 -24.39 -37.85
C ALA C 235 10.76 -23.17 -38.28
N ASN C 236 10.19 -22.34 -39.16
CA ASN C 236 10.92 -21.18 -39.67
C ASN C 236 11.11 -20.09 -38.63
N GLU C 237 10.31 -20.05 -37.57
CA GLU C 237 10.33 -18.88 -36.69
C GLU C 237 11.58 -18.83 -35.83
N SER C 238 12.28 -19.94 -35.66
CA SER C 238 13.44 -19.97 -34.77
C SER C 238 14.77 -19.71 -35.49
N THR C 239 14.74 -19.42 -36.79
CA THR C 239 15.98 -19.35 -37.57
C THR C 239 15.89 -18.22 -38.59
N THR C 240 17.04 -17.65 -38.94
CA THR C 240 17.07 -16.68 -40.02
C THR C 240 17.08 -17.33 -41.39
N ASP C 241 17.55 -18.58 -41.48
CA ASP C 241 17.58 -19.34 -42.74
CA ASP C 241 17.58 -19.33 -42.74
C ASP C 241 16.25 -20.07 -42.91
N LYS C 242 15.27 -19.33 -43.44
CA LYS C 242 13.92 -19.87 -43.62
C LYS C 242 13.81 -20.69 -44.91
N LYS C 243 12.92 -21.69 -44.87
CA LYS C 243 12.68 -22.57 -46.00
C LYS C 243 11.23 -22.46 -46.47
N LYS C 244 11.01 -22.65 -47.77
CA LYS C 244 9.66 -22.48 -48.29
C LYS C 244 8.78 -23.70 -48.07
N THR C 245 9.32 -24.91 -48.13
CA THR C 245 8.49 -26.10 -48.09
C THR C 245 8.85 -27.02 -46.93
N PHE C 246 7.88 -27.84 -46.56
CA PHE C 246 8.05 -28.81 -45.48
C PHE C 246 9.18 -29.78 -45.79
N SER C 247 9.28 -30.22 -47.05
CA SER C 247 10.28 -31.22 -47.40
C SER C 247 11.71 -30.70 -47.32
N GLU C 248 11.91 -29.38 -47.31
CA GLU C 248 13.25 -28.83 -47.10
C GLU C 248 13.64 -28.77 -45.64
N ILE C 249 12.69 -29.00 -44.72
CA ILE C 249 12.92 -28.82 -43.29
C ILE C 249 12.99 -30.16 -42.56
N PHE C 250 12.03 -31.05 -42.83
CA PHE C 250 11.91 -32.29 -42.10
C PHE C 250 12.11 -33.48 -43.01
N GLN C 251 12.73 -34.53 -42.46
CA GLN C 251 12.88 -35.79 -43.19
C GLN C 251 11.57 -36.57 -43.18
N HIS C 252 11.29 -37.28 -44.28
CA HIS C 252 10.07 -38.07 -44.40
C HIS C 252 10.31 -39.14 -45.46
N PRO C 253 9.42 -40.13 -45.56
CA PRO C 253 9.68 -41.24 -46.50
C PRO C 253 9.70 -40.80 -47.95
N ALA C 254 10.23 -41.71 -48.78
CA ALA C 254 10.36 -41.49 -50.22
C ALA C 254 9.01 -41.18 -50.87
N ASN C 255 9.06 -40.37 -51.91
CA ASN C 255 7.89 -40.02 -52.72
C ASN C 255 6.84 -39.24 -51.91
N GLY C 256 7.26 -38.71 -50.75
CA GLY C 256 6.33 -37.93 -49.95
C GLY C 256 6.06 -36.57 -50.57
N THR C 257 4.78 -36.19 -50.58
CA THR C 257 4.31 -34.89 -50.99
C THR C 257 3.29 -34.40 -49.96
N GLN C 258 2.86 -33.15 -50.08
CA GLN C 258 1.79 -32.69 -49.20
C GLN C 258 0.55 -33.54 -49.38
N GLU C 259 0.25 -33.94 -50.61
CA GLU C 259 -0.99 -34.65 -50.89
C GLU C 259 -1.08 -35.99 -50.18
N ASN C 260 0.05 -36.70 -50.04
CA ASN C 260 0.07 -37.96 -49.29
C ASN C 260 0.62 -37.77 -47.87
N PHE C 261 0.50 -36.56 -47.33
CA PHE C 261 1.12 -36.16 -46.05
C PHE C 261 2.52 -36.75 -45.90
N PHE C 262 3.34 -36.53 -46.94
CA PHE C 262 4.77 -36.86 -46.96
C PHE C 262 5.02 -38.34 -46.70
N ASN C 263 4.01 -39.17 -46.97
CA ASN C 263 4.09 -40.62 -46.79
C ASN C 263 4.49 -41.01 -45.37
N TYR C 264 4.28 -40.14 -44.39
CA TYR C 264 4.46 -40.56 -43.00
C TYR C 264 3.57 -41.76 -42.71
N ALA C 265 4.20 -42.82 -42.19
CA ALA C 265 3.49 -44.09 -42.09
C ALA C 265 2.48 -44.11 -40.95
N CYS C 266 2.65 -43.26 -39.94
CA CYS C 266 1.77 -43.22 -38.79
C CYS C 266 2.03 -41.91 -38.04
N TRP C 267 1.09 -41.58 -37.15
CA TRP C 267 1.24 -40.40 -36.30
C TRP C 267 2.60 -40.33 -35.64
N ASP C 268 3.03 -41.43 -35.03
CA ASP C 268 4.27 -41.39 -34.25
C ASP C 268 5.48 -40.97 -35.09
N ASN C 269 5.58 -41.49 -36.33
CA ASN C 269 6.70 -41.09 -37.20
C ASN C 269 6.65 -39.60 -37.52
N PHE C 270 5.45 -39.08 -37.78
CA PHE C 270 5.30 -37.64 -38.01
C PHE C 270 5.66 -36.86 -36.75
N PHE C 271 5.15 -37.30 -35.60
CA PHE C 271 5.32 -36.55 -34.35
C PHE C 271 6.79 -36.44 -33.97
N THR C 272 7.54 -37.53 -34.13
CA THR C 272 8.96 -37.58 -33.78
C THR C 272 9.87 -37.37 -34.99
N ARG C 273 9.37 -36.72 -36.05
CA ARG C 273 10.16 -36.48 -37.25
C ARG C 273 11.46 -35.74 -36.93
N ARG C 274 12.49 -36.01 -37.75
CA ARG C 274 13.78 -35.37 -37.60
C ARG C 274 13.90 -34.23 -38.60
N PHE C 275 14.71 -33.23 -38.23
CA PHE C 275 15.12 -32.19 -39.16
C PHE C 275 16.04 -32.77 -40.23
N LYS C 276 15.97 -32.17 -41.42
CA LYS C 276 16.93 -32.48 -42.46
C LYS C 276 18.32 -32.06 -42.05
N ASP C 277 19.32 -32.82 -42.52
CA ASP C 277 20.71 -32.50 -42.22
C ASP C 277 21.00 -31.05 -42.61
N GLY C 278 21.70 -30.34 -41.72
CA GLY C 278 22.07 -28.97 -41.96
C GLY C 278 21.03 -27.93 -41.58
N VAL C 279 19.78 -28.34 -41.34
CA VAL C 279 18.74 -27.37 -41.01
C VAL C 279 18.87 -26.87 -39.57
N ARG C 280 19.44 -27.67 -38.68
CA ARG C 280 19.67 -27.30 -37.29
C ARG C 280 21.14 -27.55 -36.94
N PRO C 281 22.04 -26.71 -37.44
CA PRO C 281 23.47 -26.91 -37.18
C PRO C 281 23.82 -26.73 -35.71
N VAL C 282 24.85 -27.46 -35.28
CA VAL C 282 25.26 -27.45 -33.88
C VAL C 282 26.20 -26.27 -33.63
N ALA C 283 25.81 -25.39 -32.70
CA ALA C 283 26.62 -24.21 -32.43
C ALA C 283 27.94 -24.56 -31.73
N ASP C 284 28.91 -23.66 -31.85
CA ASP C 284 30.19 -23.85 -31.17
C ASP C 284 30.07 -23.74 -29.66
N ALA C 285 29.03 -23.06 -29.17
CA ALA C 285 28.90 -22.79 -27.74
C ALA C 285 28.91 -24.07 -26.91
N ALA C 286 29.39 -23.94 -25.66
CA ALA C 286 29.47 -25.08 -24.75
C ALA C 286 28.11 -25.71 -24.46
N VAL C 287 27.05 -24.90 -24.40
CA VAL C 287 25.70 -25.40 -24.13
C VAL C 287 24.80 -25.00 -25.29
N VAL C 288 24.10 -25.98 -25.86
CA VAL C 288 23.15 -25.72 -26.92
C VAL C 288 21.76 -26.14 -26.44
N ASN C 289 20.75 -25.65 -27.16
CA ASN C 289 19.37 -25.98 -26.85
C ASN C 289 19.09 -27.45 -27.09
N ALA C 290 18.57 -28.12 -26.06
CA ALA C 290 18.22 -29.54 -26.16
C ALA C 290 16.92 -29.78 -26.90
N CYS C 291 16.02 -28.79 -26.94
CA CYS C 291 14.72 -28.96 -27.56
C CYS C 291 14.42 -27.74 -28.40
N GLU C 292 13.65 -27.95 -29.47
CA GLU C 292 13.07 -26.85 -30.22
C GLU C 292 11.94 -26.30 -29.36
N SER C 293 12.18 -25.17 -28.67
CA SER C 293 11.35 -24.89 -27.50
C SER C 293 11.33 -23.40 -27.17
N PHE C 294 10.29 -23.00 -26.44
CA PHE C 294 10.00 -21.59 -26.17
C PHE C 294 10.35 -21.27 -24.73
N PRO C 295 11.31 -20.36 -24.49
CA PRO C 295 11.74 -20.08 -23.10
C PRO C 295 10.57 -19.78 -22.18
N LEU C 296 10.61 -20.38 -20.99
CA LEU C 296 9.56 -20.19 -20.00
C LEU C 296 10.08 -19.53 -18.72
N SER C 297 11.11 -20.11 -18.11
CA SER C 297 11.61 -19.68 -16.82
C SER C 297 13.12 -19.83 -16.78
N PHE C 298 13.78 -18.94 -16.03
CA PHE C 298 15.20 -19.12 -15.70
C PHE C 298 15.36 -18.72 -14.23
N ASP C 299 15.66 -19.69 -13.37
CA ASP C 299 15.75 -19.47 -11.94
C ASP C 299 17.17 -19.70 -11.46
N THR C 300 17.68 -18.81 -10.61
CA THR C 300 19.03 -18.95 -10.08
C THR C 300 18.97 -19.27 -8.59
N ASP C 301 20.06 -19.88 -8.10
CA ASP C 301 20.25 -20.19 -6.69
C ASP C 301 19.07 -20.99 -6.12
N VAL C 302 18.78 -22.13 -6.75
CA VAL C 302 17.61 -22.92 -6.39
C VAL C 302 17.90 -23.77 -5.16
N SER C 303 16.82 -24.17 -4.47
CA SER C 303 16.91 -24.85 -3.19
C SER C 303 16.93 -26.37 -3.34
N ARG C 304 17.43 -27.04 -2.29
CA ARG C 304 17.36 -28.50 -2.24
C ARG C 304 15.92 -28.97 -2.32
N ARG C 305 15.04 -28.36 -1.53
CA ARG C 305 13.61 -28.65 -1.57
C ARG C 305 12.88 -27.34 -1.28
N ASN C 306 11.69 -27.18 -1.86
CA ASN C 306 10.99 -25.91 -1.70
C ASN C 306 9.50 -26.14 -1.83
N THR C 307 8.73 -25.11 -1.47
CA THR C 307 7.26 -25.16 -1.45
C THR C 307 6.72 -24.93 -2.86
N PHE C 308 6.89 -25.94 -3.72
CA PHE C 308 6.55 -25.81 -5.13
C PHE C 308 5.06 -25.57 -5.36
N TRP C 309 4.22 -25.79 -4.35
CA TRP C 309 2.78 -25.59 -4.47
C TRP C 309 2.34 -24.16 -4.20
N LEU C 310 3.23 -23.30 -3.73
CA LEU C 310 2.84 -21.93 -3.45
C LEU C 310 2.98 -21.06 -4.69
N LYS C 311 2.32 -19.90 -4.67
CA LYS C 311 2.31 -19.03 -5.83
C LYS C 311 3.73 -18.65 -6.23
N GLY C 312 3.97 -18.59 -7.54
CA GLY C 312 5.31 -18.53 -8.06
C GLY C 312 5.91 -19.87 -8.41
N THR C 313 5.44 -20.95 -7.77
CA THR C 313 5.97 -22.30 -7.95
C THR C 313 7.50 -22.33 -7.89
N PRO C 314 8.12 -22.09 -6.74
CA PRO C 314 9.58 -22.23 -6.67
C PRO C 314 9.97 -23.68 -6.94
N TYR C 315 11.07 -23.86 -7.66
CA TYR C 315 11.53 -25.20 -8.00
C TYR C 315 12.00 -25.94 -6.76
N SER C 316 11.70 -27.24 -6.70
CA SER C 316 12.11 -28.11 -5.60
C SER C 316 12.89 -29.27 -6.21
N LEU C 317 14.22 -29.19 -6.14
CA LEU C 317 15.07 -30.19 -6.78
C LEU C 317 14.80 -31.59 -6.27
N HIS C 318 14.63 -31.73 -4.95
CA HIS C 318 14.41 -33.04 -4.36
C HIS C 318 13.19 -33.72 -4.97
N ASP C 319 12.11 -32.95 -5.19
CA ASP C 319 10.90 -33.50 -5.79
C ASP C 319 11.05 -33.69 -7.28
N MET C 320 11.61 -32.68 -7.98
CA MET C 320 11.71 -32.74 -9.44
C MET C 320 12.55 -33.93 -9.89
N LEU C 321 13.69 -34.15 -9.24
CA LEU C 321 14.62 -35.17 -9.68
C LEU C 321 14.28 -36.55 -9.14
N GLY C 322 13.21 -36.69 -8.34
CA GLY C 322 12.79 -38.01 -7.91
C GLY C 322 13.53 -38.58 -6.72
N ALA C 323 14.21 -37.74 -5.94
CA ALA C 323 14.88 -38.19 -4.73
C ALA C 323 13.91 -38.67 -3.67
N THR C 324 12.63 -38.35 -3.81
CA THR C 324 11.60 -38.92 -2.95
C THR C 324 11.59 -40.44 -3.02
N GLN C 325 11.94 -41.00 -4.18
CA GLN C 325 11.81 -42.44 -4.40
CA GLN C 325 11.82 -42.43 -4.35
C GLN C 325 13.08 -43.11 -4.91
N ASP C 326 14.13 -42.36 -5.25
CA ASP C 326 15.39 -42.99 -5.64
C ASP C 326 16.52 -42.31 -4.88
N GLU C 327 17.00 -42.97 -3.82
CA GLU C 327 18.07 -42.38 -3.04
C GLU C 327 19.34 -42.19 -3.85
N ARG C 328 19.52 -42.95 -4.93
CA ARG C 328 20.72 -42.80 -5.74
C ARG C 328 20.80 -41.43 -6.42
N VAL C 329 19.68 -40.73 -6.60
CA VAL C 329 19.76 -39.38 -7.19
C VAL C 329 19.99 -38.30 -6.14
N ALA C 330 19.95 -38.65 -4.85
CA ALA C 330 20.04 -37.65 -3.79
C ALA C 330 21.35 -36.85 -3.85
N SER C 331 22.46 -37.50 -4.15
CA SER C 331 23.72 -36.76 -4.20
C SER C 331 23.71 -35.74 -5.34
N TYR C 332 23.02 -36.04 -6.44
CA TYR C 332 22.92 -35.08 -7.53
C TYR C 332 22.02 -33.91 -7.16
N VAL C 333 20.96 -34.16 -6.39
CA VAL C 333 20.16 -33.06 -5.84
C VAL C 333 21.05 -32.12 -5.05
N ASP C 334 21.84 -32.67 -4.10
CA ASP C 334 22.75 -31.83 -3.31
C ASP C 334 23.73 -31.07 -4.21
N GLY C 335 24.24 -31.71 -5.27
CA GLY C 335 25.17 -31.03 -6.16
C GLY C 335 24.57 -29.88 -6.95
N PHE C 336 23.24 -29.87 -7.10
CA PHE C 336 22.55 -28.81 -7.82
C PHE C 336 22.03 -27.70 -6.91
N VAL C 337 22.16 -27.84 -5.60
CA VAL C 337 21.73 -26.77 -4.70
C VAL C 337 22.49 -25.50 -5.02
N GLY C 338 21.75 -24.38 -5.07
CA GLY C 338 22.36 -23.14 -5.48
C GLY C 338 22.63 -23.02 -6.95
N GLY C 339 22.26 -24.02 -7.74
CA GLY C 339 22.42 -23.96 -9.18
C GLY C 339 21.27 -23.23 -9.82
N SER C 340 21.17 -23.38 -11.15
CA SER C 340 20.16 -22.67 -11.94
C SER C 340 19.31 -23.66 -12.72
N VAL C 341 18.03 -23.33 -12.87
CA VAL C 341 17.07 -24.15 -13.60
C VAL C 341 16.51 -23.32 -14.74
N TYR C 342 16.62 -23.84 -15.96
CA TYR C 342 15.99 -23.24 -17.13
C TYR C 342 14.89 -24.15 -17.64
N GLN C 343 13.74 -23.57 -17.97
CA GLN C 343 12.61 -24.36 -18.47
C GLN C 343 12.10 -23.74 -19.76
N ALA C 344 11.71 -24.61 -20.71
CA ALA C 344 11.16 -24.15 -21.98
C ALA C 344 10.12 -25.14 -22.49
N PHE C 345 9.15 -24.60 -23.24
CA PHE C 345 7.93 -25.28 -23.66
C PHE C 345 8.03 -25.74 -25.11
N LEU C 346 7.57 -26.98 -25.38
CA LEU C 346 7.50 -27.56 -26.73
C LEU C 346 6.06 -27.61 -27.20
N SER C 347 5.72 -26.81 -28.20
CA SER C 347 4.36 -26.81 -28.71
C SER C 347 4.08 -28.05 -29.56
N ALA C 348 2.79 -28.27 -29.83
CA ALA C 348 2.39 -29.45 -30.58
C ALA C 348 2.91 -29.42 -32.02
N ASP C 349 3.08 -28.23 -32.59
CA ASP C 349 3.60 -28.10 -33.95
C ASP C 349 5.10 -27.91 -34.00
N SER C 350 5.81 -28.19 -32.90
CA SER C 350 7.27 -28.13 -32.85
C SER C 350 7.88 -29.52 -32.99
N TYR C 351 9.13 -29.54 -33.44
CA TYR C 351 10.01 -30.70 -33.31
C TYR C 351 9.97 -31.24 -31.87
N HIS C 352 9.88 -32.56 -31.75
CA HIS C 352 9.65 -33.20 -30.46
C HIS C 352 10.78 -34.12 -30.01
N CYS C 353 11.87 -34.23 -30.76
CA CYS C 353 12.96 -35.07 -30.27
C CYS C 353 13.86 -34.25 -29.36
N TRP C 354 14.77 -34.94 -28.68
CA TRP C 354 15.68 -34.31 -27.74
C TRP C 354 17.10 -34.44 -28.26
N ASN C 355 17.86 -33.34 -28.19
CA ASN C 355 19.25 -33.31 -28.61
C ASN C 355 20.16 -33.00 -27.42
N ALA C 356 21.33 -33.61 -27.38
CA ALA C 356 22.25 -33.43 -26.26
C ALA C 356 22.66 -31.96 -26.11
N PRO C 357 22.37 -31.32 -24.98
CA PRO C 357 22.75 -29.91 -24.83
C PRO C 357 24.24 -29.70 -24.61
N VAL C 358 24.94 -30.72 -24.09
CA VAL C 358 26.39 -30.66 -23.84
C VAL C 358 27.00 -32.00 -24.22
N THR C 359 28.32 -31.99 -24.37
CA THR C 359 29.11 -33.22 -24.49
C THR C 359 29.46 -33.72 -23.09
N GLY C 360 29.30 -35.01 -22.84
CA GLY C 360 29.76 -35.55 -21.58
C GLY C 360 29.31 -36.98 -21.38
N LYS C 361 29.63 -37.49 -20.19
CA LYS C 361 29.36 -38.88 -19.83
C LYS C 361 28.10 -38.95 -18.99
N VAL C 362 27.18 -39.82 -19.39
CA VAL C 362 25.95 -40.01 -18.62
C VAL C 362 26.29 -40.70 -17.31
N VAL C 363 25.95 -40.06 -16.20
CA VAL C 363 26.16 -40.65 -14.88
C VAL C 363 24.86 -41.04 -14.20
N TYR C 364 23.72 -40.56 -14.67
CA TYR C 364 22.44 -40.95 -14.07
C TYR C 364 21.35 -40.82 -15.13
N ARG C 365 20.46 -41.84 -15.21
CA ARG C 365 19.30 -41.75 -16.09
C ARG C 365 18.11 -42.42 -15.42
N SER C 366 16.94 -41.81 -15.52
CA SER C 366 15.76 -42.39 -14.89
C SER C 366 14.49 -42.01 -15.64
N LEU C 367 13.45 -42.78 -15.35
CA LEU C 367 12.09 -42.43 -15.68
C LEU C 367 11.30 -42.37 -14.38
N ILE C 368 10.43 -41.38 -14.25
CA ILE C 368 9.63 -41.22 -13.05
C ILE C 368 8.16 -41.26 -13.44
N ASP C 369 7.40 -42.18 -12.82
CA ASP C 369 5.96 -42.22 -13.02
C ASP C 369 5.30 -41.01 -12.35
N GLY C 370 4.16 -40.59 -12.89
CA GLY C 370 3.48 -39.47 -12.25
C GLY C 370 2.17 -39.11 -12.88
N THR C 371 1.83 -37.82 -12.81
CA THR C 371 0.51 -37.34 -13.25
C THR C 371 0.50 -37.06 -14.74
N TYR C 372 -0.71 -36.81 -15.25
CA TYR C 372 -0.96 -36.48 -16.65
C TYR C 372 -1.79 -35.20 -16.77
N PHE C 373 -2.86 -35.11 -15.97
CA PHE C 373 -3.81 -34.00 -16.06
C PHE C 373 -3.90 -33.24 -14.74
N ALA C 374 -2.81 -33.20 -13.98
CA ALA C 374 -2.75 -32.41 -12.76
C ALA C 374 -2.29 -30.99 -13.08
N GLU C 375 -3.05 -30.00 -12.61
CA GLU C 375 -2.68 -28.60 -12.76
C GLU C 375 -2.91 -27.89 -11.41
N THR C 376 -2.42 -26.66 -11.31
CA THR C 376 -2.54 -25.92 -10.04
C THR C 376 -3.97 -25.45 -9.79
N ALA C 377 -4.25 -25.15 -8.50
CA ALA C 377 -5.48 -24.47 -8.16
C ALA C 377 -5.58 -23.10 -8.83
N ALA C 378 -4.44 -22.38 -8.95
CA ALA C 378 -4.49 -21.08 -9.64
C ALA C 378 -4.92 -21.23 -11.08
N ALA C 379 -4.66 -22.39 -11.67
CA ALA C 379 -5.06 -22.70 -13.04
C ALA C 379 -6.50 -23.20 -13.15
N GLY C 380 -7.23 -23.32 -12.03
CA GLY C 380 -8.56 -23.88 -12.03
C GLY C 380 -9.64 -22.80 -11.92
N PHE C 381 -10.89 -23.26 -11.85
CA PHE C 381 -11.99 -22.33 -11.69
C PHE C 381 -11.82 -21.53 -10.41
N GLY C 382 -12.08 -20.22 -10.51
CA GLY C 382 -11.84 -19.33 -9.40
C GLY C 382 -10.37 -19.01 -9.14
N GLY C 383 -9.44 -19.55 -9.92
CA GLY C 383 -8.03 -19.31 -9.68
C GLY C 383 -7.52 -18.02 -10.29
N SER C 384 -6.42 -17.50 -9.74
CA SER C 384 -5.90 -16.22 -10.23
C SER C 384 -5.44 -16.27 -11.68
N ASN C 385 -5.27 -17.46 -12.26
CA ASN C 385 -4.94 -17.59 -13.69
C ASN C 385 -5.70 -18.75 -14.30
N GLY C 386 -6.97 -18.91 -13.93
CA GLY C 386 -7.74 -20.04 -14.37
C GLY C 386 -9.18 -19.68 -14.72
N PRO C 387 -9.90 -20.63 -15.31
CA PRO C 387 -9.47 -21.99 -15.65
C PRO C 387 -8.63 -22.00 -16.93
N ASP C 388 -7.53 -22.72 -16.91
CA ASP C 388 -6.66 -22.84 -18.07
C ASP C 388 -7.40 -23.57 -19.19
N PRO C 389 -7.61 -22.94 -20.36
CA PRO C 389 -8.23 -23.67 -21.47
C PRO C 389 -7.32 -24.69 -22.12
N ALA C 390 -6.06 -24.75 -21.72
CA ALA C 390 -5.13 -25.76 -22.21
C ALA C 390 -4.22 -26.23 -21.08
N GLY C 391 -4.84 -26.66 -19.97
CA GLY C 391 -4.12 -27.27 -18.87
C GLY C 391 -3.34 -28.48 -19.36
N PRO C 392 -2.11 -28.66 -18.84
CA PRO C 392 -1.44 -27.88 -17.78
C PRO C 392 -0.51 -26.73 -18.24
N ASP C 393 -0.84 -26.00 -19.32
CA ASP C 393 0.08 -24.99 -19.87
C ASP C 393 0.55 -23.98 -18.82
N VAL C 394 -0.38 -23.37 -18.07
CA VAL C 394 0.07 -22.35 -17.12
C VAL C 394 0.55 -22.96 -15.82
N SER C 395 0.60 -24.30 -15.74
CA SER C 395 1.12 -25.03 -14.58
C SER C 395 2.43 -25.76 -14.88
N GLN C 396 3.19 -25.28 -15.87
CA GLN C 396 4.37 -26.02 -16.32
C GLN C 396 5.42 -26.16 -15.23
N ARG C 397 5.69 -25.10 -14.46
CA ARG C 397 6.66 -25.22 -13.39
C ARG C 397 6.19 -26.24 -12.34
N TYR C 398 4.90 -26.19 -12.01
CA TYR C 398 4.34 -27.09 -11.01
C TYR C 398 4.53 -28.55 -11.41
N ILE C 399 4.19 -28.90 -12.65
CA ILE C 399 4.20 -30.31 -13.03
C ILE C 399 5.61 -30.91 -13.13
N THR C 400 6.66 -30.09 -13.13
CA THR C 400 8.01 -30.69 -13.11
C THR C 400 8.23 -31.50 -11.85
N HIS C 401 7.39 -31.32 -10.85
CA HIS C 401 7.54 -32.01 -9.57
C HIS C 401 6.69 -33.27 -9.44
N ILE C 402 5.71 -33.48 -10.34
CA ILE C 402 4.75 -34.57 -10.15
C ILE C 402 4.38 -35.31 -11.42
N ALA C 403 4.65 -34.73 -12.59
CA ALA C 403 4.20 -35.35 -13.83
C ALA C 403 5.14 -36.48 -14.25
N ALA C 404 4.61 -37.42 -15.03
CA ALA C 404 5.44 -38.42 -15.68
C ALA C 404 6.60 -37.72 -16.40
N ARG C 405 7.82 -38.20 -16.18
CA ARG C 405 8.98 -37.43 -16.62
C ARG C 405 10.22 -38.31 -16.62
N GLY C 406 11.35 -37.71 -17.00
CA GLY C 406 12.62 -38.42 -16.99
C GLY C 406 13.74 -37.49 -16.57
N VAL C 407 14.86 -38.09 -16.18
CA VAL C 407 16.02 -37.36 -15.69
C VAL C 407 17.26 -37.94 -16.37
N LEU C 408 18.07 -37.06 -16.97
CA LEU C 408 19.40 -37.42 -17.47
C LEU C 408 20.40 -36.48 -16.81
N ILE C 409 21.50 -37.02 -16.28
CA ILE C 409 22.55 -36.19 -15.69
C ILE C 409 23.87 -36.55 -16.35
N VAL C 410 24.55 -35.53 -16.87
CA VAL C 410 25.69 -35.68 -17.76
C VAL C 410 26.91 -35.00 -17.13
N ASP C 411 28.02 -35.72 -17.02
CA ASP C 411 29.27 -35.20 -16.48
C ASP C 411 30.10 -34.62 -17.62
N THR C 412 30.27 -33.30 -17.65
CA THR C 412 31.04 -32.66 -18.70
C THR C 412 32.51 -32.51 -18.32
N ASN C 413 32.91 -32.91 -17.12
CA ASN C 413 34.31 -32.86 -16.68
C ASN C 413 35.02 -34.11 -17.20
N VAL C 414 35.09 -34.22 -18.53
CA VAL C 414 35.65 -35.35 -19.24
C VAL C 414 36.37 -34.84 -20.47
N THR C 415 37.15 -35.72 -21.10
CA THR C 415 37.86 -35.35 -22.32
C THR C 415 36.85 -34.98 -23.40
N GLY C 416 37.10 -33.85 -24.07
CA GLY C 416 36.15 -33.32 -25.02
C GLY C 416 34.98 -32.57 -24.43
N GLY C 417 34.84 -32.58 -23.10
CA GLY C 417 33.77 -31.83 -22.46
C GLY C 417 34.15 -30.38 -22.16
N ALA C 418 33.11 -29.57 -21.89
CA ALA C 418 33.31 -28.16 -21.60
C ALA C 418 33.77 -27.90 -20.18
N LYS C 419 33.81 -28.92 -19.32
CA LYS C 419 34.28 -28.78 -17.93
C LYS C 419 33.39 -27.83 -17.13
N ILE C 420 32.08 -28.03 -17.25
CA ILE C 420 31.14 -27.21 -16.47
C ILE C 420 30.38 -28.11 -15.51
N GLY C 421 31.04 -29.16 -15.02
CA GLY C 421 30.41 -29.99 -14.01
C GLY C 421 29.27 -30.83 -14.55
N LEU C 422 28.29 -31.10 -13.69
CA LEU C 422 27.13 -31.93 -14.03
C LEU C 422 26.00 -31.07 -14.60
N VAL C 423 25.41 -31.54 -15.70
CA VAL C 423 24.30 -30.85 -16.35
C VAL C 423 23.09 -31.78 -16.36
N GLY C 424 21.94 -31.28 -15.93
CA GLY C 424 20.75 -32.09 -15.82
C GLY C 424 19.79 -31.75 -16.97
N PHE C 425 19.12 -32.78 -17.48
CA PHE C 425 18.09 -32.62 -18.50
C PHE C 425 16.86 -33.39 -18.02
N VAL C 426 15.76 -32.65 -17.80
CA VAL C 426 14.54 -33.21 -17.23
C VAL C 426 13.37 -33.00 -18.20
N PRO C 427 13.17 -33.90 -19.16
CA PRO C 427 11.94 -33.85 -19.96
C PRO C 427 10.73 -34.18 -19.09
N VAL C 428 9.67 -33.39 -19.24
CA VAL C 428 8.48 -33.50 -18.39
C VAL C 428 7.24 -33.62 -19.28
N GLY C 429 6.45 -34.66 -19.05
CA GLY C 429 5.25 -34.85 -19.83
C GLY C 429 4.20 -33.79 -19.58
N MET C 430 3.31 -33.62 -20.56
CA MET C 430 2.14 -32.77 -20.43
C MET C 430 0.97 -33.52 -21.05
N SER C 431 -0.02 -33.86 -20.22
CA SER C 431 -1.26 -34.49 -20.70
C SER C 431 -0.88 -35.76 -21.47
N GLU C 432 -1.44 -36.01 -22.65
CA GLU C 432 -1.17 -37.27 -23.32
C GLU C 432 0.05 -37.19 -24.25
N VAL C 433 0.93 -36.21 -24.06
CA VAL C 433 2.29 -36.31 -24.59
C VAL C 433 3.21 -36.45 -23.39
N SER C 434 3.29 -37.67 -22.85
CA SER C 434 4.03 -37.94 -21.63
C SER C 434 4.93 -39.16 -21.76
N THR C 435 5.09 -39.71 -22.96
CA THR C 435 6.01 -40.82 -23.16
C THR C 435 7.42 -40.25 -23.30
N CYS C 436 8.28 -40.59 -22.35
CA CYS C 436 9.64 -40.09 -22.30
C CYS C 436 10.56 -41.20 -22.78
N ASP C 437 11.06 -41.06 -24.01
CA ASP C 437 11.76 -42.12 -24.72
C ASP C 437 13.26 -41.78 -24.77
N TRP C 438 14.05 -42.40 -23.89
CA TRP C 438 15.50 -42.27 -23.93
C TRP C 438 16.09 -43.24 -24.94
N PHE C 439 16.91 -42.73 -25.85
CA PHE C 439 17.55 -43.62 -26.82
C PHE C 439 18.71 -44.36 -26.15
N ASP C 440 19.11 -45.48 -26.77
CA ASP C 440 20.14 -46.32 -26.18
C ASP C 440 21.48 -45.61 -26.03
N ASN C 441 21.73 -44.53 -26.80
CA ASN C 441 22.99 -43.85 -26.61
C ASN C 441 23.06 -43.07 -25.30
N THR C 442 22.01 -43.09 -24.47
CA THR C 442 22.02 -42.39 -23.19
C THR C 442 22.18 -43.33 -21.99
N GLU C 443 22.48 -44.62 -22.22
CA GLU C 443 22.74 -45.52 -21.11
CA GLU C 443 22.72 -45.51 -21.10
C GLU C 443 23.83 -44.97 -20.22
N GLU C 444 23.66 -45.12 -18.90
CA GLU C 444 24.69 -44.67 -17.95
C GLU C 444 26.03 -45.30 -18.31
N GLY C 445 27.07 -44.47 -18.26
CA GLY C 445 28.41 -44.87 -18.64
C GLY C 445 28.79 -44.48 -20.06
N LYS C 446 27.82 -44.27 -20.93
CA LYS C 446 28.13 -43.84 -22.29
C LYS C 446 28.40 -42.35 -22.36
N THR C 447 29.12 -41.95 -23.40
CA THR C 447 29.39 -40.55 -23.68
C THR C 447 28.51 -40.07 -24.83
N ILE C 448 27.91 -38.90 -24.67
CA ILE C 448 27.10 -38.31 -25.72
C ILE C 448 27.81 -37.06 -26.21
N SER C 449 27.62 -36.74 -27.49
CA SER C 449 28.17 -35.54 -28.07
C SER C 449 27.08 -34.50 -28.23
N LYS C 450 27.42 -33.27 -27.89
CA LYS C 450 26.56 -32.10 -28.07
C LYS C 450 25.89 -32.14 -29.43
N GLY C 451 24.56 -32.07 -29.44
CA GLY C 451 23.81 -32.07 -30.66
C GLY C 451 23.30 -33.43 -31.11
N ASP C 452 23.85 -34.52 -30.58
CA ASP C 452 23.31 -35.86 -30.86
C ASP C 452 21.85 -35.95 -30.46
N VAL C 453 21.05 -36.63 -31.28
CA VAL C 453 19.67 -36.92 -30.90
C VAL C 453 19.70 -38.02 -29.83
N ILE C 454 19.11 -37.73 -28.67
CA ILE C 454 19.23 -38.61 -27.52
C ILE C 454 17.89 -39.16 -27.04
N GLY C 455 16.78 -38.73 -27.63
CA GLY C 455 15.49 -39.25 -27.23
C GLY C 455 14.36 -38.43 -27.83
N ALA C 456 13.15 -38.68 -27.34
CA ALA C 456 12.02 -37.93 -27.87
C ALA C 456 10.80 -38.09 -26.97
N PHE C 457 9.93 -37.06 -27.01
CA PHE C 457 8.57 -37.20 -26.55
C PHE C 457 7.75 -37.98 -27.57
N HIS C 458 6.82 -38.81 -27.09
CA HIS C 458 5.76 -39.34 -27.92
C HIS C 458 4.40 -39.10 -27.27
N SER C 459 3.36 -39.01 -28.11
CA SER C 459 2.00 -39.12 -27.63
C SER C 459 1.82 -40.47 -26.94
N GLY C 460 1.39 -40.46 -25.70
CA GLY C 460 1.33 -41.67 -24.92
C GLY C 460 1.51 -41.37 -23.45
N GLY C 461 1.59 -42.44 -22.68
CA GLY C 461 1.70 -42.35 -21.23
C GLY C 461 3.11 -42.47 -20.68
C PYR D 1 6.41 -29.79 -23.05
O PYR D 1 6.52 -28.66 -23.56
CA PYR D 1 5.69 -30.90 -23.89
CB PYR D 1 5.62 -32.27 -23.28
N THR D 2 7.27 -30.16 -21.97
CA THR D 2 8.07 -29.09 -21.37
C THR D 2 9.36 -29.75 -20.86
N HIS D 3 10.38 -28.97 -20.54
CA HIS D 3 11.62 -29.58 -20.07
C HIS D 3 12.44 -28.57 -19.30
N CYS D 4 13.26 -29.08 -18.40
CA CYS D 4 14.23 -28.29 -17.65
C CYS D 4 15.65 -28.71 -18.01
N LEU D 5 16.55 -27.74 -17.96
CA LEU D 5 17.98 -27.96 -17.94
C LEU D 5 18.51 -27.40 -16.63
N ILE D 6 19.40 -28.13 -15.98
CA ILE D 6 19.86 -27.79 -14.63
C ILE D 6 21.38 -27.68 -14.64
N PHE D 7 21.90 -26.59 -14.06
CA PHE D 7 23.33 -26.29 -14.07
C PHE D 7 23.81 -26.07 -12.64
N GLN D 8 25.03 -26.50 -12.36
CA GLN D 8 25.60 -26.33 -11.03
C GLN D 8 26.03 -24.89 -10.77
N ARG D 9 26.08 -24.55 -9.48
CA ARG D 9 26.38 -23.17 -9.07
C ARG D 9 27.69 -22.65 -9.66
N ASP D 10 28.77 -23.43 -9.54
CA ASP D 10 30.06 -22.93 -10.03
C ASP D 10 30.11 -22.88 -11.55
N ALA D 11 29.36 -23.76 -12.22
CA ALA D 11 29.32 -23.70 -13.68
C ALA D 11 28.64 -22.43 -14.18
N VAL D 12 27.55 -22.04 -13.53
CA VAL D 12 26.82 -20.84 -13.93
C VAL D 12 27.70 -19.60 -13.83
N LYS D 13 28.63 -19.60 -12.88
CA LYS D 13 29.57 -18.49 -12.79
C LYS D 13 30.43 -18.34 -14.04
N LYS D 14 30.64 -19.43 -14.79
CA LYS D 14 31.50 -19.43 -15.97
C LYS D 14 30.73 -19.29 -17.29
N LEU D 15 29.39 -19.28 -17.25
CA LEU D 15 28.59 -19.32 -18.45
C LEU D 15 27.86 -17.99 -18.66
N GLN D 16 27.69 -17.62 -19.92
CA GLN D 16 26.83 -16.50 -20.32
C GLN D 16 25.67 -17.08 -21.14
N PHE D 17 24.48 -17.05 -20.57
CA PHE D 17 23.31 -17.53 -21.30
C PHE D 17 22.81 -16.47 -22.27
N ILE D 18 22.20 -16.91 -23.36
CA ILE D 18 21.63 -15.98 -24.31
C ILE D 18 20.46 -15.26 -23.63
N PRO D 19 20.22 -13.97 -23.95
CA PRO D 19 19.16 -13.23 -23.24
C PRO D 19 17.77 -13.82 -23.39
N LYS D 20 17.43 -14.41 -24.54
CA LYS D 20 16.07 -14.91 -24.73
C LYS D 20 15.77 -16.04 -23.74
N ALA D 21 16.79 -16.79 -23.35
CA ALA D 21 16.64 -17.85 -22.36
C ALA D 21 16.74 -17.32 -20.94
N GLN D 22 17.72 -16.45 -20.66
CA GLN D 22 17.90 -15.96 -19.29
C GLN D 22 16.78 -15.03 -18.87
N TYR D 23 16.15 -14.34 -19.81
CA TYR D 23 15.07 -13.38 -19.53
C TYR D 23 13.86 -13.75 -20.38
N PRO D 24 13.18 -14.85 -20.03
CA PRO D 24 12.23 -15.47 -20.98
C PRO D 24 11.09 -14.57 -21.44
N GLU D 25 10.70 -13.56 -20.68
CA GLU D 25 9.62 -12.69 -21.12
CA GLU D 25 9.59 -12.73 -21.15
C GLU D 25 9.94 -11.97 -22.42
N ILE D 26 11.23 -11.83 -22.76
CA ILE D 26 11.59 -11.15 -24.01
C ILE D 26 11.44 -12.07 -25.22
N ALA D 27 11.40 -13.39 -25.02
CA ALA D 27 11.30 -14.34 -26.12
C ALA D 27 9.98 -14.19 -26.86
N THR D 28 10.05 -14.24 -28.20
CA THR D 28 8.84 -14.24 -29.01
C THR D 28 8.70 -15.46 -29.91
N THR D 29 9.72 -16.30 -30.01
CA THR D 29 9.65 -17.49 -30.85
C THR D 29 10.34 -18.65 -30.11
N ASN D 30 10.15 -19.86 -30.65
CA ASN D 30 11.02 -20.97 -30.28
C ASN D 30 12.49 -20.59 -30.43
N LEU D 31 13.33 -21.18 -29.58
CA LEU D 31 14.76 -21.26 -29.83
C LEU D 31 15.05 -22.53 -30.64
N ALA D 32 15.98 -22.42 -31.59
CA ALA D 32 16.30 -23.55 -32.45
C ALA D 32 17.11 -24.60 -31.70
N VAL D 33 16.67 -25.86 -31.78
CA VAL D 33 17.46 -26.96 -31.22
C VAL D 33 18.86 -26.90 -31.83
N ASN D 34 19.87 -27.24 -31.01
CA ASN D 34 21.29 -27.25 -31.38
C ASN D 34 21.90 -25.85 -31.50
N SER D 35 21.09 -24.79 -31.42
CA SER D 35 21.66 -23.45 -31.45
C SER D 35 22.16 -23.06 -30.06
N GLU D 36 22.93 -21.97 -30.01
CA GLU D 36 23.58 -21.56 -28.78
C GLU D 36 22.58 -21.32 -27.66
N LEU D 37 22.87 -21.85 -26.47
CA LEU D 37 22.14 -21.57 -25.25
C LEU D 37 23.00 -20.85 -24.22
N ALA D 38 24.23 -21.34 -24.00
CA ALA D 38 25.17 -20.64 -23.12
C ALA D 38 26.59 -20.89 -23.62
N LYS D 39 27.43 -19.88 -23.47
CA LYS D 39 28.84 -19.97 -23.86
C LYS D 39 29.75 -19.73 -22.66
N LEU D 40 30.93 -20.34 -22.71
CA LEU D 40 31.94 -20.10 -21.69
C LEU D 40 32.49 -18.68 -21.82
N THR D 41 32.61 -17.98 -20.70
CA THR D 41 33.27 -16.68 -20.68
C THR D 41 34.62 -16.70 -19.99
N SER D 42 34.88 -17.70 -19.15
CA SER D 42 36.14 -17.81 -18.42
C SER D 42 36.34 -19.24 -17.93
N ASN E 80 35.96 5.83 -15.51
CA ASN E 80 35.61 4.49 -15.03
C ASN E 80 34.35 4.53 -14.16
N VAL E 81 33.30 5.18 -14.65
CA VAL E 81 32.05 5.28 -13.92
C VAL E 81 31.26 3.98 -14.11
N GLU E 82 30.75 3.45 -12.99
CA GLU E 82 29.96 2.23 -13.05
C GLU E 82 28.69 2.44 -13.88
N ASN E 83 28.36 1.45 -14.69
CA ASN E 83 27.09 1.38 -15.42
C ASN E 83 25.95 1.68 -14.46
N PRO E 84 25.11 2.69 -14.74
CA PRO E 84 24.07 3.07 -13.76
C PRO E 84 23.01 2.00 -13.55
N VAL E 85 22.80 1.11 -14.53
CA VAL E 85 21.91 -0.02 -14.32
C VAL E 85 22.50 -0.99 -13.31
N GLU E 86 23.83 -1.15 -13.33
CA GLU E 86 24.49 -1.98 -12.33
C GLU E 86 24.41 -1.36 -10.95
N THR E 87 24.52 -0.03 -10.85
CA THR E 87 24.33 0.63 -9.56
C THR E 87 22.92 0.37 -9.04
N PHE E 88 21.92 0.43 -9.93
CA PHE E 88 20.54 0.16 -9.58
C PHE E 88 20.36 -1.30 -9.13
N ARG E 89 20.98 -2.24 -9.84
CA ARG E 89 20.94 -3.64 -9.43
CA ARG E 89 20.95 -3.64 -9.43
C ARG E 89 21.46 -3.80 -8.00
N LYS E 90 22.58 -3.15 -7.68
CA LYS E 90 23.14 -3.28 -6.33
C LYS E 90 22.24 -2.62 -5.29
N LEU E 91 21.65 -1.47 -5.62
CA LEU E 91 20.70 -0.85 -4.70
C LEU E 91 19.58 -1.81 -4.34
N ILE E 92 18.96 -2.42 -5.35
CA ILE E 92 17.84 -3.33 -5.13
C ILE E 92 18.29 -4.53 -4.29
N GLU E 93 19.42 -5.14 -4.68
CA GLU E 93 19.81 -6.40 -4.06
C GLU E 93 20.45 -6.21 -2.69
N ASN E 94 21.05 -5.05 -2.41
CA ASN E 94 21.71 -4.84 -1.13
C ASN E 94 20.83 -4.13 -0.12
N ASP E 95 19.53 -4.03 -0.39
CA ASP E 95 18.59 -3.45 0.56
C ASP E 95 17.39 -4.39 0.70
N SER E 96 17.19 -4.92 1.90
CA SER E 96 16.17 -5.95 2.09
C SER E 96 14.78 -5.43 1.71
N THR E 97 14.48 -4.18 2.06
CA THR E 97 13.16 -3.63 1.77
C THR E 97 12.97 -3.44 0.27
N LEU E 98 13.96 -2.86 -0.41
CA LEU E 98 13.83 -2.65 -1.84
C LEU E 98 13.82 -3.97 -2.60
N TYR E 99 14.59 -4.95 -2.12
CA TYR E 99 14.56 -6.28 -2.71
C TYR E 99 13.16 -6.87 -2.65
N MET E 100 12.52 -6.74 -1.48
CA MET E 100 11.13 -7.17 -1.34
C MET E 100 10.21 -6.44 -2.31
N LEU E 101 10.31 -5.10 -2.36
CA LEU E 101 9.40 -4.34 -3.19
C LEU E 101 9.61 -4.66 -4.66
N ALA E 102 10.86 -4.89 -5.06
CA ALA E 102 11.18 -5.20 -6.44
C ALA E 102 10.64 -6.56 -6.88
N HIS E 103 10.20 -7.40 -5.94
CA HIS E 103 9.45 -8.60 -6.30
C HIS E 103 7.95 -8.36 -6.24
N SER E 104 7.49 -7.77 -5.14
CA SER E 104 6.07 -7.60 -4.92
C SER E 104 5.43 -6.71 -5.98
N MET E 105 6.17 -5.72 -6.50
CA MET E 105 5.56 -4.84 -7.48
C MET E 105 5.23 -5.56 -8.78
N PHE E 106 5.90 -6.69 -9.07
CA PHE E 106 5.48 -7.55 -10.17
C PHE E 106 4.46 -8.59 -9.72
N ASP E 107 4.64 -9.19 -8.53
CA ASP E 107 3.66 -10.16 -8.04
C ASP E 107 2.27 -9.56 -8.01
N GLU E 108 2.18 -8.26 -7.74
CA GLU E 108 0.88 -7.63 -7.56
C GLU E 108 0.21 -7.25 -8.88
N VAL E 109 0.89 -7.42 -10.01
CA VAL E 109 0.22 -7.26 -11.31
C VAL E 109 -0.59 -8.52 -11.58
N PRO E 110 -1.88 -8.42 -11.91
CA PRO E 110 -2.66 -9.64 -12.19
C PRO E 110 -2.04 -10.44 -13.33
N GLU E 111 -2.16 -11.76 -13.25
CA GLU E 111 -1.70 -12.63 -14.33
CA GLU E 111 -1.67 -12.58 -14.36
C GLU E 111 -2.66 -12.65 -15.51
N LYS E 112 -3.92 -12.32 -15.28
CA LYS E 112 -4.94 -12.43 -16.33
C LYS E 112 -4.88 -11.28 -17.32
N ALA E 113 -5.23 -11.60 -18.56
CA ALA E 113 -5.35 -10.60 -19.62
C ALA E 113 -6.24 -9.45 -19.16
N PRO E 114 -5.94 -8.22 -19.54
CA PRO E 114 -4.88 -7.79 -20.47
C PRO E 114 -3.51 -7.62 -19.82
N TYR E 115 -3.35 -7.93 -18.53
CA TYR E 115 -2.12 -7.59 -17.83
C TYR E 115 -1.03 -8.62 -18.01
N ASP E 116 -1.28 -9.70 -18.76
CA ASP E 116 -0.18 -10.55 -19.22
C ASP E 116 0.67 -9.87 -20.27
N ARG E 117 0.23 -8.73 -20.81
CA ARG E 117 0.94 -7.96 -21.82
C ARG E 117 1.08 -6.53 -21.33
N ASP E 118 2.12 -5.82 -21.82
CA ASP E 118 2.29 -4.42 -21.46
C ASP E 118 1.18 -3.58 -22.10
N PRO E 119 1.04 -2.30 -21.72
CA PRO E 119 -0.10 -1.51 -22.23
C PRO E 119 -0.18 -1.37 -23.74
N THR E 120 0.94 -1.55 -24.47
CA THR E 120 0.85 -1.53 -25.92
C THR E 120 0.18 -2.76 -26.48
N THR E 121 0.09 -3.84 -25.67
CA THR E 121 -0.38 -5.18 -26.02
C THR E 121 0.58 -5.92 -26.94
N LEU E 122 1.71 -5.32 -27.31
CA LEU E 122 2.61 -5.91 -28.29
C LEU E 122 3.64 -6.87 -27.69
N LYS E 123 3.90 -6.79 -26.39
CA LYS E 123 4.87 -7.67 -25.76
C LYS E 123 4.33 -8.18 -24.44
N LYS E 124 4.81 -9.35 -24.03
CA LYS E 124 4.51 -9.87 -22.70
CA LYS E 124 4.51 -9.87 -22.70
C LYS E 124 4.96 -8.88 -21.63
N GLN E 125 4.21 -8.86 -20.54
CA GLN E 125 4.56 -8.03 -19.39
C GLN E 125 5.76 -8.63 -18.65
N VAL E 126 6.75 -7.79 -18.37
CA VAL E 126 7.88 -8.17 -17.52
CA VAL E 126 7.87 -8.23 -17.54
C VAL E 126 7.40 -8.47 -16.11
N ARG E 127 7.91 -9.56 -15.53
N ARG E 127 7.89 -9.55 -15.49
CA ARG E 127 7.46 -10.06 -14.24
CA ARG E 127 7.43 -9.87 -14.15
C ARG E 127 8.54 -10.13 -13.17
C ARG E 127 8.56 -10.18 -13.18
N ASN E 128 9.76 -9.67 -13.44
CA ASN E 128 10.80 -9.74 -12.42
C ASN E 128 11.83 -8.65 -12.68
N TYR E 129 12.50 -8.25 -11.60
CA TYR E 129 13.35 -7.07 -11.69
C TYR E 129 14.62 -7.33 -12.52
N LYS E 130 15.04 -8.58 -12.65
CA LYS E 130 16.26 -8.84 -13.42
C LYS E 130 16.01 -8.67 -14.92
N THR E 131 14.87 -9.17 -15.41
CA THR E 131 14.48 -8.88 -16.78
C THR E 131 14.31 -7.37 -16.98
N MET E 132 13.73 -6.69 -16.00
CA MET E 132 13.62 -5.23 -16.07
C MET E 132 15.00 -4.58 -16.24
N LEU E 133 15.97 -4.98 -15.41
CA LEU E 133 17.31 -4.39 -15.50
C LEU E 133 17.98 -4.72 -16.82
N TYR E 134 17.84 -5.96 -17.30
CA TYR E 134 18.41 -6.30 -18.61
C TYR E 134 17.85 -5.39 -19.69
N LEU E 135 16.53 -5.20 -19.67
CA LEU E 135 15.89 -4.35 -20.67
C LEU E 135 16.32 -2.90 -20.52
N PHE E 136 16.40 -2.40 -19.28
CA PHE E 136 16.87 -1.03 -19.08
C PHE E 136 18.26 -0.84 -19.65
N ASN E 137 19.15 -1.81 -19.43
CA ASN E 137 20.51 -1.71 -19.95
C ASN E 137 20.52 -1.69 -21.47
N THR E 138 19.74 -2.57 -22.10
CA THR E 138 19.67 -2.55 -23.56
C THR E 138 19.11 -1.22 -24.06
N LEU E 139 18.14 -0.64 -23.34
CA LEU E 139 17.55 0.62 -23.77
C LEU E 139 18.53 1.79 -23.72
N LEU E 140 19.62 1.66 -22.97
CA LEU E 140 20.61 2.74 -22.94
C LEU E 140 21.14 3.09 -24.33
N THR E 141 21.11 2.16 -25.28
CA THR E 141 21.56 2.43 -26.64
C THR E 141 20.44 2.21 -27.66
N GLU E 142 19.21 2.62 -27.32
CA GLU E 142 18.08 2.53 -28.25
CA GLU E 142 18.10 2.54 -28.28
C GLU E 142 17.28 3.82 -28.23
N VAL E 143 16.79 4.24 -29.39
CA VAL E 143 15.86 5.36 -29.44
C VAL E 143 14.46 4.75 -29.28
N PRO E 144 13.45 5.52 -28.89
CA PRO E 144 12.09 4.94 -28.82
C PRO E 144 11.62 4.51 -30.19
N GLU E 145 10.86 3.42 -30.21
CA GLU E 145 10.35 2.85 -31.44
C GLU E 145 8.97 3.41 -31.76
N TYR E 146 8.76 3.76 -33.03
CA TYR E 146 7.43 4.19 -33.47
C TYR E 146 6.64 2.92 -33.80
N PHE E 147 6.08 2.30 -32.76
CA PHE E 147 5.49 0.97 -32.95
C PHE E 147 4.14 1.01 -33.66
N LEU E 148 3.62 2.20 -33.95
CA LEU E 148 2.34 2.34 -34.64
C LEU E 148 2.44 2.11 -36.14
N ARG E 149 3.65 2.13 -36.71
CA ARG E 149 3.77 1.89 -38.15
C ARG E 149 3.23 0.53 -38.54
N ASP E 150 3.70 -0.52 -37.87
CA ASP E 150 3.22 -1.86 -38.18
C ASP E 150 2.02 -2.28 -37.33
N ASN E 151 1.68 -1.53 -36.30
CA ASN E 151 0.58 -1.86 -35.40
C ASN E 151 -0.27 -0.62 -35.17
N PRO E 152 -0.99 -0.15 -36.19
CA PRO E 152 -1.64 1.17 -36.08
C PRO E 152 -2.77 1.24 -35.06
N ASN E 153 -3.34 0.12 -34.64
CA ASN E 153 -4.56 0.17 -33.84
C ASN E 153 -4.33 -0.13 -32.37
N VAL E 154 -3.09 -0.30 -31.91
CA VAL E 154 -2.84 -0.63 -30.51
C VAL E 154 -2.82 0.64 -29.67
N PRO E 155 -2.97 0.55 -28.35
CA PRO E 155 -2.92 1.76 -27.51
C PRO E 155 -1.61 2.51 -27.71
N SER E 156 -1.72 3.81 -27.96
CA SER E 156 -0.59 4.60 -28.40
C SER E 156 -0.09 5.57 -27.35
N GLY E 157 -0.62 5.52 -26.13
CA GLY E 157 -0.31 6.52 -25.12
C GLY E 157 1.15 6.53 -24.67
N LEU E 158 1.91 5.47 -24.94
CA LEU E 158 3.29 5.38 -24.48
C LEU E 158 4.30 5.41 -25.63
N ILE E 159 3.87 5.87 -26.82
CA ILE E 159 4.81 6.15 -27.90
C ILE E 159 5.86 7.11 -27.37
N GLY E 160 7.14 6.75 -27.52
CA GLY E 160 8.25 7.52 -27.01
C GLY E 160 8.81 7.06 -25.67
N PHE E 161 8.20 6.07 -25.01
CA PHE E 161 8.48 5.79 -23.60
C PHE E 161 8.73 4.30 -23.37
N PRO E 162 9.88 3.78 -23.77
CA PRO E 162 10.16 2.34 -23.56
C PRO E 162 10.27 1.93 -22.11
N PHE E 163 10.89 2.75 -21.26
CA PHE E 163 10.96 2.43 -19.84
C PHE E 163 9.57 2.42 -19.22
N ASN E 164 8.78 3.45 -19.52
CA ASN E 164 7.41 3.58 -19.03
C ASN E 164 6.59 2.35 -19.36
N ILE E 165 6.80 1.79 -20.56
CA ILE E 165 6.04 0.62 -21.01
C ILE E 165 6.35 -0.58 -20.11
N ILE E 166 7.61 -0.74 -19.74
CA ILE E 166 8.01 -1.91 -18.94
C ILE E 166 7.38 -1.84 -17.55
N VAL E 167 7.32 -0.66 -16.95
CA VAL E 167 6.95 -0.52 -15.55
C VAL E 167 5.53 -0.01 -15.36
N ASP E 168 4.77 0.19 -16.43
CA ASP E 168 3.45 0.84 -16.30
C ASP E 168 2.51 0.06 -15.38
N TRP E 169 2.42 -1.27 -15.56
CA TRP E 169 1.52 -1.98 -14.65
C TRP E 169 2.11 -2.06 -13.24
N PRO E 170 3.41 -2.35 -13.05
CA PRO E 170 3.97 -2.29 -11.69
C PRO E 170 3.74 -0.96 -10.99
N MET E 171 3.78 0.15 -11.74
CA MET E 171 3.52 1.48 -11.18
C MET E 171 2.16 1.55 -10.49
N GLY E 172 1.21 0.75 -10.94
CA GLY E 172 -0.15 0.74 -10.43
C GLY E 172 -0.38 -0.13 -9.22
N THR E 173 0.67 -0.77 -8.71
CA THR E 173 0.52 -1.66 -7.57
C THR E 173 0.90 -0.95 -6.29
N PRO E 174 0.37 -1.41 -5.15
CA PRO E 174 0.77 -0.81 -3.87
C PRO E 174 2.26 -0.85 -3.62
N SER E 175 2.91 -1.98 -3.90
CA SER E 175 4.35 -2.08 -3.71
C SER E 175 5.10 -1.28 -4.76
N GLY E 176 4.58 -1.26 -5.98
CA GLY E 176 5.19 -0.43 -7.01
C GLY E 176 5.14 1.05 -6.66
N ARG E 177 4.01 1.51 -6.09
CA ARG E 177 3.92 2.91 -5.71
CA ARG E 177 3.92 2.91 -5.71
C ARG E 177 4.96 3.25 -4.65
N GLN E 178 5.17 2.36 -3.69
CA GLN E 178 6.21 2.58 -2.68
C GLN E 178 7.58 2.61 -3.33
N PHE E 179 7.87 1.63 -4.21
CA PHE E 179 9.16 1.56 -4.88
C PHE E 179 9.50 2.86 -5.60
N PHE E 180 8.55 3.38 -6.38
CA PHE E 180 8.86 4.54 -7.21
C PHE E 180 8.72 5.86 -6.47
N LEU E 181 8.46 5.84 -5.16
CA LEU E 181 8.61 7.00 -4.30
C LEU E 181 9.92 7.00 -3.51
N ASP E 182 10.72 5.94 -3.62
CA ASP E 182 11.96 5.84 -2.86
C ASP E 182 13.03 6.78 -3.45
N THR E 183 13.64 7.63 -2.60
CA THR E 183 14.58 8.62 -3.11
C THR E 183 15.84 7.98 -3.70
N ARG E 184 16.28 6.85 -3.13
CA ARG E 184 17.45 6.18 -3.71
C ARG E 184 17.13 5.54 -5.05
N VAL E 185 15.94 4.94 -5.17
CA VAL E 185 15.49 4.42 -6.45
C VAL E 185 15.49 5.52 -7.50
N ASN E 186 14.95 6.69 -7.15
CA ASN E 186 14.83 7.74 -8.15
C ASN E 186 16.19 8.40 -8.45
N LYS E 187 17.12 8.39 -7.51
CA LYS E 187 18.48 8.79 -7.88
C LYS E 187 19.09 7.80 -8.88
N CYS E 188 18.84 6.51 -8.68
CA CYS E 188 19.31 5.52 -9.64
C CYS E 188 18.64 5.70 -11.00
N LEU E 189 17.33 5.94 -11.00
CA LEU E 189 16.61 6.15 -12.25
C LEU E 189 17.11 7.41 -12.95
N LYS E 190 17.34 8.47 -12.18
CA LYS E 190 17.90 9.69 -12.74
C LYS E 190 19.18 9.41 -13.51
N ASP E 191 20.10 8.64 -12.92
CA ASP E 191 21.39 8.40 -13.57
C ASP E 191 21.23 7.49 -14.79
N ILE E 192 20.32 6.53 -14.71
CA ILE E 192 20.04 5.66 -15.85
C ILE E 192 19.46 6.48 -16.99
N LEU E 193 18.46 7.30 -16.70
CA LEU E 193 17.80 8.08 -17.74
C LEU E 193 18.73 9.18 -18.28
N ASN E 194 19.65 9.69 -17.46
CA ASN E 194 20.60 10.66 -17.98
C ASN E 194 21.66 9.99 -18.84
N LYS E 195 22.04 8.76 -18.52
CA LYS E 195 22.91 8.00 -19.42
CA LYS E 195 22.91 8.00 -19.41
C LYS E 195 22.21 7.73 -20.74
N TRP E 196 20.90 7.43 -20.69
CA TRP E 196 20.11 7.28 -21.91
C TRP E 196 20.12 8.56 -22.73
N ASN E 197 19.91 9.69 -22.06
CA ASN E 197 19.92 10.98 -22.73
C ASN E 197 21.27 11.23 -23.42
N GLU E 198 22.37 10.83 -22.79
CA GLU E 198 23.68 10.98 -23.42
CA GLU E 198 23.68 10.99 -23.42
C GLU E 198 23.71 10.29 -24.78
N PHE E 199 23.11 9.10 -24.87
CA PHE E 199 23.03 8.38 -26.14
C PHE E 199 22.08 9.08 -27.11
N LEU E 200 20.96 9.60 -26.61
CA LEU E 200 20.00 10.26 -27.50
C LEU E 200 20.53 11.57 -28.08
N LYS E 201 21.55 12.15 -27.46
CA LYS E 201 22.27 13.32 -27.95
C LYS E 201 23.46 12.95 -28.84
N ASP E 202 23.76 11.66 -28.97
CA ASP E 202 24.96 11.21 -29.66
C ASP E 202 24.68 11.09 -31.14
N PRO E 203 25.25 11.95 -31.99
CA PRO E 203 24.98 11.84 -33.44
C PRO E 203 25.53 10.59 -34.08
N THR E 204 26.39 9.84 -33.39
CA THR E 204 26.90 8.58 -33.90
C THR E 204 26.15 7.37 -33.37
N ALA E 205 25.18 7.57 -32.48
CA ALA E 205 24.49 6.45 -31.81
C ALA E 205 25.52 5.45 -31.27
N GLN E 206 26.51 6.00 -30.57
CA GLN E 206 27.57 5.23 -29.91
C GLN E 206 28.38 4.43 -30.94
N GLY E 207 28.97 5.16 -31.89
CA GLY E 207 30.00 4.61 -32.73
C GLY E 207 29.55 3.98 -34.03
N ASN E 208 28.45 4.44 -34.60
CA ASN E 208 27.94 3.91 -35.86
C ASN E 208 28.05 4.92 -37.00
N GLY E 209 29.12 5.70 -37.01
CA GLY E 209 29.33 6.68 -38.06
C GLY E 209 28.62 7.99 -37.74
N ASN E 210 28.99 9.03 -38.50
CA ASN E 210 28.41 10.35 -38.24
C ASN E 210 26.94 10.45 -38.62
N LYS E 211 26.37 9.41 -39.23
CA LYS E 211 24.93 9.34 -39.48
C LYS E 211 24.24 8.29 -38.60
N GLY E 212 24.92 7.83 -37.55
CA GLY E 212 24.35 6.77 -36.73
C GLY E 212 23.09 7.19 -36.01
N GLY E 213 23.10 8.39 -35.41
CA GLY E 213 21.94 8.86 -34.68
C GLY E 213 20.73 9.06 -35.58
N ASN E 214 20.96 9.50 -36.81
CA ASN E 214 19.87 9.67 -37.78
C ASN E 214 19.36 8.32 -38.26
N GLN E 215 20.25 7.39 -38.60
CA GLN E 215 19.80 6.09 -39.06
C GLN E 215 18.98 5.37 -38.00
N ALA E 216 19.31 5.56 -36.72
CA ALA E 216 18.54 4.95 -35.64
C ALA E 216 17.10 5.41 -35.67
N LEU E 217 16.88 6.70 -35.97
CA LEU E 217 15.53 7.23 -36.08
C LEU E 217 14.79 6.58 -37.23
N ILE E 218 15.46 6.41 -38.38
CA ILE E 218 14.81 5.79 -39.53
C ILE E 218 14.49 4.34 -39.24
N ASP E 219 15.46 3.60 -38.68
CA ASP E 219 15.23 2.19 -38.35
C ASP E 219 14.06 2.02 -37.39
N ALA E 220 13.85 2.99 -36.51
CA ALA E 220 12.81 2.91 -35.50
C ALA E 220 11.45 3.36 -36.03
N GLY E 221 11.34 3.63 -37.32
CA GLY E 221 10.05 3.89 -37.96
C GLY E 221 9.61 5.34 -38.00
N TRP E 222 10.46 6.28 -37.60
CA TRP E 222 10.00 7.66 -37.45
C TRP E 222 9.86 8.40 -38.77
N SER E 223 10.45 7.89 -39.85
CA SER E 223 10.27 8.48 -41.17
C SER E 223 9.12 7.86 -41.95
N SER E 224 8.37 6.93 -41.33
CA SER E 224 7.23 6.31 -41.99
C SER E 224 6.14 7.34 -42.25
N ASP E 225 5.29 7.04 -43.23
CA ASP E 225 4.13 7.90 -43.49
C ASP E 225 3.29 8.06 -42.22
N ALA E 226 3.09 6.97 -41.48
CA ALA E 226 2.25 7.02 -40.28
C ALA E 226 2.80 8.03 -39.28
N ALA E 227 4.11 7.97 -39.00
CA ALA E 227 4.68 8.85 -37.99
C ALA E 227 4.70 10.31 -38.44
N VAL E 228 5.10 10.57 -39.68
CA VAL E 228 5.20 11.97 -40.11
C VAL E 228 3.82 12.60 -40.26
N GLU E 229 2.85 11.85 -40.80
CA GLU E 229 1.48 12.34 -40.84
C GLU E 229 0.98 12.69 -39.45
N GLN E 230 1.27 11.83 -38.46
CA GLN E 230 0.86 12.10 -37.08
CA GLN E 230 0.80 12.15 -37.12
C GLN E 230 1.48 13.40 -36.57
N LEU E 231 2.78 13.57 -36.83
CA LEU E 231 3.47 14.79 -36.38
C LEU E 231 2.88 16.03 -37.06
N VAL E 232 2.66 15.95 -38.38
CA VAL E 232 2.07 17.07 -39.11
C VAL E 232 0.65 17.33 -38.60
N ASN E 233 -0.17 16.29 -38.53
CA ASN E 233 -1.56 16.47 -38.08
C ASN E 233 -1.61 17.07 -36.68
N LYS E 234 -0.73 16.62 -35.77
CA LYS E 234 -0.76 17.15 -34.41
C LYS E 234 -0.40 18.64 -34.39
N ALA E 235 0.60 19.04 -35.19
CA ALA E 235 0.95 20.45 -35.25
C ALA E 235 -0.19 21.29 -35.82
N ASN E 236 -0.87 20.78 -36.85
CA ASN E 236 -1.92 21.54 -37.51
C ASN E 236 -3.18 21.72 -36.66
N GLU E 237 -3.42 20.83 -35.68
CA GLU E 237 -4.71 20.84 -34.99
C GLU E 237 -4.92 22.11 -34.14
N SER E 238 -3.85 22.83 -33.83
CA SER E 238 -3.95 23.99 -32.95
C SER E 238 -4.06 25.31 -33.69
N THR E 239 -4.13 25.27 -35.03
CA THR E 239 -4.09 26.51 -35.79
C THR E 239 -4.99 26.39 -37.02
N THR E 240 -5.47 27.54 -37.50
CA THR E 240 -6.20 27.57 -38.77
C THR E 240 -5.27 27.67 -39.98
N ASP E 241 -3.98 27.98 -39.76
CA ASP E 241 -3.03 28.10 -40.86
C ASP E 241 -2.30 26.76 -41.03
N LYS E 242 -3.04 25.78 -41.54
CA LYS E 242 -2.55 24.41 -41.64
C LYS E 242 -1.53 24.26 -42.75
N LYS E 243 -0.47 23.51 -42.48
CA LYS E 243 0.59 23.27 -43.46
C LYS E 243 0.49 21.85 -44.00
N LYS E 244 0.86 21.69 -45.26
CA LYS E 244 0.76 20.39 -45.90
CA LYS E 244 0.74 20.38 -45.88
C LYS E 244 1.89 19.46 -45.49
N THR E 245 3.11 20.00 -45.31
CA THR E 245 4.27 19.15 -45.10
C THR E 245 5.01 19.50 -43.81
N PHE E 246 5.74 18.50 -43.31
CA PHE E 246 6.57 18.65 -42.11
C PHE E 246 7.55 19.81 -42.27
N SER E 247 8.19 19.92 -43.43
CA SER E 247 9.23 20.92 -43.61
C SER E 247 8.68 22.34 -43.61
N GLU E 248 7.38 22.53 -43.79
CA GLU E 248 6.81 23.86 -43.66
C GLU E 248 6.52 24.24 -42.21
N ILE E 249 6.61 23.30 -41.28
CA ILE E 249 6.20 23.52 -39.90
C ILE E 249 7.40 23.64 -38.98
N PHE E 250 8.33 22.70 -39.07
CA PHE E 250 9.42 22.56 -38.12
C PHE E 250 10.76 22.84 -38.78
N GLN E 251 11.66 23.43 -38.01
CA GLN E 251 13.02 23.62 -38.46
C GLN E 251 13.77 22.30 -38.45
N HIS E 252 14.57 22.05 -39.49
CA HIS E 252 15.44 20.89 -39.53
C HIS E 252 16.65 21.21 -40.40
N PRO E 253 17.68 20.38 -40.37
CA PRO E 253 18.89 20.68 -41.15
C PRO E 253 18.64 20.67 -42.66
N ALA E 254 19.60 21.27 -43.37
CA ALA E 254 19.48 21.48 -44.82
C ALA E 254 19.37 20.15 -45.55
N ASN E 255 18.62 20.18 -46.66
CA ASN E 255 18.42 19.03 -47.53
C ASN E 255 17.64 17.91 -46.85
N GLY E 256 16.98 18.23 -45.74
CA GLY E 256 16.15 17.24 -45.07
C GLY E 256 14.92 16.91 -45.89
N THR E 257 14.61 15.62 -45.97
CA THR E 257 13.40 15.11 -46.59
C THR E 257 12.80 14.07 -45.65
N GLN E 258 11.57 13.65 -45.95
CA GLN E 258 11.00 12.55 -45.18
C GLN E 258 11.91 11.33 -45.27
N GLU E 259 12.48 11.07 -46.45
CA GLU E 259 13.27 9.85 -46.67
C GLU E 259 14.49 9.80 -45.75
N ASN E 260 15.13 10.94 -45.48
CA ASN E 260 16.28 10.96 -44.57
C ASN E 260 15.90 11.49 -43.19
N PHE E 261 14.63 11.32 -42.80
CA PHE E 261 14.05 11.88 -41.59
C PHE E 261 14.56 13.29 -41.32
N PHE E 262 14.50 14.12 -42.36
CA PHE E 262 14.78 15.56 -42.29
C PHE E 262 16.20 15.85 -41.82
N ASN E 263 17.09 14.87 -41.95
CA ASN E 263 18.49 14.97 -41.54
C ASN E 263 18.65 15.36 -40.07
N TYR E 264 17.65 15.11 -39.22
CA TYR E 264 17.88 15.21 -37.79
C TYR E 264 19.03 14.28 -37.39
N ALA E 265 20.01 14.83 -36.68
CA ALA E 265 21.23 14.09 -36.38
C ALA E 265 21.07 13.12 -35.23
N CYS E 266 20.10 13.34 -34.34
CA CYS E 266 19.88 12.43 -33.22
C CYS E 266 18.46 12.64 -32.70
N TRP E 267 18.03 11.72 -31.83
CA TRP E 267 16.72 11.82 -31.21
C TRP E 267 16.52 13.18 -30.54
N ASP E 268 17.54 13.65 -29.82
CA ASP E 268 17.36 14.84 -28.99
C ASP E 268 17.08 16.07 -29.85
N ASN E 269 17.74 16.18 -31.01
CA ASN E 269 17.47 17.29 -31.92
C ASN E 269 16.05 17.21 -32.49
N PHE E 270 15.60 16.00 -32.86
CA PHE E 270 14.24 15.85 -33.32
C PHE E 270 13.25 16.19 -32.21
N PHE E 271 13.54 15.74 -31.00
CA PHE E 271 12.59 15.88 -29.90
C PHE E 271 12.41 17.35 -29.51
N THR E 272 13.49 18.14 -29.52
CA THR E 272 13.41 19.54 -29.17
C THR E 272 13.38 20.45 -30.40
N ARG E 273 12.91 19.94 -31.53
CA ARG E 273 12.83 20.74 -32.76
C ARG E 273 12.05 22.04 -32.53
N ARG E 274 12.43 23.08 -33.27
CA ARG E 274 11.80 24.39 -33.18
CA ARG E 274 11.78 24.38 -33.17
C ARG E 274 10.78 24.57 -34.31
N PHE E 275 9.78 25.41 -34.06
CA PHE E 275 8.87 25.80 -35.10
C PHE E 275 9.56 26.76 -36.07
N LYS E 276 9.18 26.70 -37.34
CA LYS E 276 9.68 27.65 -38.31
C LYS E 276 9.05 29.03 -38.10
N ASP E 277 9.71 30.05 -38.63
CA ASP E 277 9.23 31.42 -38.47
C ASP E 277 7.83 31.59 -39.06
N GLY E 278 6.97 32.30 -38.33
CA GLY E 278 5.61 32.55 -38.77
C GLY E 278 4.65 31.40 -38.54
N VAL E 279 5.11 30.24 -38.11
CA VAL E 279 4.20 29.11 -37.89
C VAL E 279 3.48 29.26 -36.56
N ARG E 280 4.10 29.91 -35.58
CA ARG E 280 3.52 30.17 -34.26
C ARG E 280 3.69 31.64 -33.91
N PRO E 281 2.93 32.53 -34.56
CA PRO E 281 3.08 33.96 -34.28
C PRO E 281 2.72 34.30 -32.84
N VAL E 282 3.40 35.32 -32.31
CA VAL E 282 3.22 35.75 -30.92
C VAL E 282 2.03 36.70 -30.84
N ALA E 283 1.02 36.34 -30.05
CA ALA E 283 -0.18 37.15 -29.93
C ALA E 283 0.10 38.47 -29.22
N ASP E 284 -0.79 39.46 -29.41
CA ASP E 284 -0.68 40.74 -28.73
C ASP E 284 -0.99 40.65 -27.23
N ALA E 285 -1.75 39.64 -26.83
CA ALA E 285 -2.23 39.54 -25.45
C ALA E 285 -1.09 39.53 -24.45
N ALA E 286 -1.40 39.97 -23.22
CA ALA E 286 -0.38 40.06 -22.18
C ALA E 286 0.21 38.69 -21.84
N VAL E 287 -0.57 37.63 -21.94
CA VAL E 287 -0.12 36.28 -21.59
C VAL E 287 -0.40 35.36 -22.76
N VAL E 288 0.64 34.63 -23.19
CA VAL E 288 0.51 33.69 -24.29
C VAL E 288 0.85 32.31 -23.75
N ASN E 289 0.47 31.28 -24.51
CA ASN E 289 0.73 29.89 -24.11
C ASN E 289 2.23 29.61 -24.12
N ALA E 290 2.74 29.10 -22.98
CA ALA E 290 4.16 28.78 -22.89
C ALA E 290 4.51 27.45 -23.56
N CYS E 291 3.54 26.54 -23.70
CA CYS E 291 3.79 25.27 -24.35
C CYS E 291 2.70 24.96 -25.36
N GLU E 292 3.08 24.26 -26.42
CA GLU E 292 2.12 23.64 -27.33
C GLU E 292 1.48 22.50 -26.54
N SER E 293 0.27 22.73 -26.03
CA SER E 293 -0.20 21.89 -24.93
C SER E 293 -1.73 21.86 -24.88
N PHE E 294 -2.23 20.83 -24.19
CA PHE E 294 -3.65 20.54 -24.11
C PHE E 294 -4.18 20.90 -22.74
N PRO E 295 -5.13 21.83 -22.63
CA PRO E 295 -5.61 22.26 -21.30
C PRO E 295 -6.04 21.08 -20.44
N LEU E 296 -5.62 21.11 -19.18
CA LEU E 296 -5.94 20.07 -18.21
C LEU E 296 -6.75 20.60 -17.05
N SER E 297 -6.28 21.66 -16.39
CA SER E 297 -6.94 22.20 -15.20
C SER E 297 -6.79 23.71 -15.17
N PHE E 298 -7.79 24.36 -14.59
CA PHE E 298 -7.69 25.78 -14.21
C PHE E 298 -8.32 25.90 -12.82
N ASP E 299 -7.50 26.22 -11.82
CA ASP E 299 -7.93 26.29 -10.43
C ASP E 299 -7.75 27.72 -9.94
N THR E 300 -8.76 28.26 -9.27
CA THR E 300 -8.64 29.60 -8.69
C THR E 300 -8.60 29.52 -7.17
N ASP E 301 -8.09 30.60 -6.57
CA ASP E 301 -8.05 30.74 -5.11
C ASP E 301 -7.31 29.56 -4.46
N VAL E 302 -6.09 29.29 -4.93
CA VAL E 302 -5.34 28.13 -4.44
C VAL E 302 -4.69 28.46 -3.10
N SER E 303 -4.50 27.42 -2.29
CA SER E 303 -3.98 27.56 -0.94
C SER E 303 -2.45 27.53 -0.90
N ARG E 304 -1.91 28.03 0.21
CA ARG E 304 -0.48 27.97 0.45
C ARG E 304 0.02 26.52 0.46
N ARG E 305 -0.68 25.67 1.20
CA ARG E 305 -0.41 24.23 1.22
C ARG E 305 -1.73 23.49 1.27
N ASN E 306 -1.79 22.32 0.64
CA ASN E 306 -3.05 21.61 0.58
C ASN E 306 -2.82 20.11 0.53
N THR E 307 -3.89 19.35 0.75
CA THR E 307 -3.85 17.90 0.79
C THR E 307 -3.86 17.36 -0.64
N PHE E 308 -2.72 17.51 -1.31
CA PHE E 308 -2.65 17.15 -2.73
C PHE E 308 -2.84 15.66 -2.97
N TRP E 309 -2.80 14.84 -1.92
CA TRP E 309 -2.98 13.38 -2.06
C TRP E 309 -4.44 12.95 -2.02
N LEU E 310 -5.37 13.85 -1.70
CA LEU E 310 -6.77 13.46 -1.65
C LEU E 310 -7.39 13.52 -3.05
N LYS E 311 -8.55 12.88 -3.19
CA LYS E 311 -9.20 12.84 -4.50
C LYS E 311 -9.49 14.25 -4.99
N GLY E 312 -9.32 14.46 -6.28
CA GLY E 312 -9.36 15.78 -6.85
C GLY E 312 -8.02 16.48 -6.91
N THR E 313 -7.05 16.04 -6.11
CA THR E 313 -5.67 16.53 -6.08
C THR E 313 -5.65 18.05 -6.03
N PRO E 314 -6.06 18.67 -4.93
CA PRO E 314 -5.95 20.13 -4.83
C PRO E 314 -4.49 20.55 -4.88
N TYR E 315 -4.22 21.65 -5.57
CA TYR E 315 -2.84 22.11 -5.71
C TYR E 315 -2.31 22.60 -4.37
N SER E 316 -1.03 22.34 -4.13
CA SER E 316 -0.36 22.71 -2.88
C SER E 316 0.90 23.49 -3.26
N LEU E 317 0.81 24.82 -3.25
CA LEU E 317 1.89 25.66 -3.77
C LEU E 317 3.20 25.40 -3.04
N HIS E 318 3.13 25.26 -1.71
CA HIS E 318 4.32 25.04 -0.91
C HIS E 318 5.10 23.84 -1.43
N ASP E 319 4.39 22.75 -1.75
CA ASP E 319 5.04 21.54 -2.24
C ASP E 319 5.45 21.69 -3.70
N MET E 320 4.55 22.19 -4.54
CA MET E 320 4.84 22.31 -5.97
C MET E 320 6.11 23.13 -6.22
N LEU E 321 6.22 24.28 -5.55
CA LEU E 321 7.31 25.20 -5.85
C LEU E 321 8.60 24.87 -5.13
N GLY E 322 8.59 23.91 -4.21
CA GLY E 322 9.80 23.48 -3.55
C GLY E 322 10.18 24.22 -2.29
N ALA E 323 9.22 24.92 -1.65
CA ALA E 323 9.50 25.60 -0.39
C ALA E 323 9.84 24.62 0.72
N THR E 324 9.52 23.33 0.51
CA THR E 324 9.97 22.29 1.42
C THR E 324 11.49 22.27 1.52
N GLN E 325 12.19 22.55 0.42
CA GLN E 325 13.64 22.44 0.42
CA GLN E 325 13.64 22.40 0.29
C GLN E 325 14.39 23.70 0.02
N ASP E 326 13.70 24.79 -0.31
CA ASP E 326 14.36 26.06 -0.60
C ASP E 326 13.55 27.17 0.05
N GLU E 327 14.05 27.70 1.17
CA GLU E 327 13.35 28.78 1.84
C GLU E 327 13.31 30.04 0.99
N ARG E 328 14.20 30.14 -0.01
CA ARG E 328 14.20 31.33 -0.86
C ARG E 328 12.95 31.41 -1.73
N VAL E 329 12.27 30.28 -1.99
CA VAL E 329 11.04 30.37 -2.77
C VAL E 329 9.81 30.62 -1.90
N ALA E 330 9.96 30.62 -0.57
CA ALA E 330 8.80 30.68 0.33
C ALA E 330 8.01 31.98 0.16
N SER E 331 8.71 33.10 -0.06
CA SER E 331 8.00 34.36 -0.22
C SER E 331 7.15 34.36 -1.48
N TYR E 332 7.59 33.65 -2.53
CA TYR E 332 6.78 33.56 -3.75
C TYR E 332 5.57 32.67 -3.54
N VAL E 333 5.73 31.59 -2.76
CA VAL E 333 4.57 30.79 -2.35
C VAL E 333 3.52 31.69 -1.71
N ASP E 334 3.94 32.48 -0.72
CA ASP E 334 3.02 33.41 -0.08
C ASP E 334 2.39 34.34 -1.10
N GLY E 335 3.18 34.84 -2.05
CA GLY E 335 2.67 35.75 -3.07
C GLY E 335 1.64 35.13 -4.00
N PHE E 336 1.61 33.80 -4.11
CA PHE E 336 0.67 33.12 -5.00
C PHE E 336 -0.58 32.61 -4.28
N VAL E 337 -0.64 32.72 -2.95
CA VAL E 337 -1.84 32.33 -2.21
C VAL E 337 -3.04 33.12 -2.74
N GLY E 338 -4.15 32.42 -2.95
CA GLY E 338 -5.31 33.03 -3.56
C GLY E 338 -5.19 33.23 -5.05
N GLY E 339 -4.06 32.87 -5.65
CA GLY E 339 -3.86 32.98 -7.07
C GLY E 339 -4.48 31.82 -7.82
N SER E 340 -4.16 31.74 -9.11
CA SER E 340 -4.72 30.74 -10.00
C SER E 340 -3.61 29.89 -10.60
N VAL E 341 -3.91 28.61 -10.81
CA VAL E 341 -2.98 27.65 -11.39
C VAL E 341 -3.62 27.07 -12.64
N TYR E 342 -2.92 27.15 -13.76
CA TYR E 342 -3.33 26.55 -15.02
C TYR E 342 -2.35 25.43 -15.37
N GLN E 343 -2.88 24.27 -15.76
CA GLN E 343 -2.04 23.14 -16.13
C GLN E 343 -2.45 22.60 -17.49
N ALA E 344 -1.47 22.24 -18.31
CA ALA E 344 -1.72 21.72 -19.64
C ALA E 344 -0.66 20.67 -19.99
N PHE E 345 -1.04 19.74 -20.87
CA PHE E 345 -0.30 18.50 -21.14
C PHE E 345 0.36 18.57 -22.52
N LEU E 346 1.63 18.14 -22.60
CA LEU E 346 2.36 18.06 -23.86
C LEU E 346 2.47 16.60 -24.27
N SER E 347 1.92 16.27 -25.43
CA SER E 347 1.98 14.89 -25.89
C SER E 347 3.34 14.61 -26.54
N ALA E 348 3.64 13.31 -26.72
CA ALA E 348 4.92 12.92 -27.29
C ALA E 348 5.08 13.44 -28.73
N ASP E 349 3.97 13.65 -29.44
CA ASP E 349 4.05 14.14 -30.80
C ASP E 349 3.82 15.65 -30.90
N SER E 350 3.95 16.36 -29.79
CA SER E 350 3.88 17.82 -29.76
C SER E 350 5.27 18.43 -29.69
N TYR E 351 5.35 19.69 -30.08
CA TYR E 351 6.48 20.56 -29.76
C TYR E 351 6.76 20.52 -28.27
N HIS E 352 8.03 20.34 -27.91
CA HIS E 352 8.46 20.11 -26.53
CA HIS E 352 8.39 20.16 -26.50
C HIS E 352 9.31 21.25 -25.96
N CYS E 353 9.50 22.34 -26.71
CA CYS E 353 10.24 23.45 -26.13
C CYS E 353 9.30 24.36 -25.35
N TRP E 354 9.88 25.28 -24.59
CA TRP E 354 9.15 26.23 -23.76
C TRP E 354 9.36 27.64 -24.26
N ASN E 355 8.27 28.41 -24.34
CA ASN E 355 8.31 29.80 -24.79
C ASN E 355 7.83 30.72 -23.68
N ALA E 356 8.43 31.90 -23.59
CA ALA E 356 8.10 32.81 -22.50
C ALA E 356 6.63 33.21 -22.55
N PRO E 357 5.84 32.96 -21.51
CA PRO E 357 4.42 33.32 -21.57
C PRO E 357 4.16 34.80 -21.41
N VAL E 358 5.11 35.52 -20.81
CA VAL E 358 4.99 36.96 -20.55
C VAL E 358 6.36 37.58 -20.71
N THR E 359 6.40 38.89 -20.83
CA THR E 359 7.65 39.64 -20.75
C THR E 359 7.90 40.02 -19.30
N GLY E 360 9.12 39.80 -18.83
CA GLY E 360 9.49 40.27 -17.51
C GLY E 360 10.88 39.83 -17.13
N LYS E 361 11.24 40.18 -15.90
CA LYS E 361 12.57 39.89 -15.36
C LYS E 361 12.51 38.64 -14.48
N VAL E 362 13.39 37.68 -14.76
CA VAL E 362 13.46 36.47 -13.94
C VAL E 362 13.95 36.85 -12.56
N VAL E 363 13.14 36.56 -11.54
CA VAL E 363 13.55 36.76 -10.15
C VAL E 363 13.83 35.44 -9.43
N TYR E 364 13.47 34.29 -10.00
CA TYR E 364 13.75 33.02 -9.35
C TYR E 364 13.76 31.91 -10.39
N ARG E 365 14.75 31.01 -10.29
CA ARG E 365 14.78 29.84 -11.16
C ARG E 365 15.35 28.66 -10.39
N SER E 366 14.72 27.48 -10.54
CA SER E 366 15.23 26.32 -9.83
C SER E 366 14.97 25.04 -10.62
N LEU E 367 15.67 24.00 -10.23
CA LEU E 367 15.39 22.63 -10.62
C LEU E 367 15.18 21.84 -9.33
N ILE E 368 14.20 20.94 -9.34
CA ILE E 368 13.85 20.15 -8.16
C ILE E 368 13.89 18.67 -8.55
N ASP E 369 14.74 17.89 -7.87
CA ASP E 369 14.76 16.45 -8.07
C ASP E 369 13.48 15.82 -7.54
N GLY E 370 13.13 14.67 -8.11
CA GLY E 370 11.94 14.00 -7.62
C GLY E 370 11.66 12.70 -8.33
N THR E 371 10.39 12.36 -8.48
CA THR E 371 9.99 11.05 -8.99
C THR E 371 9.95 11.03 -10.51
N TYR E 372 9.79 9.82 -11.05
CA TYR E 372 9.67 9.58 -12.48
C TYR E 372 8.43 8.74 -12.78
N PHE E 373 8.22 7.68 -12.01
CA PHE E 373 7.11 6.77 -12.30
C PHE E 373 6.15 6.67 -11.12
N ALA E 374 5.98 7.76 -10.37
CA ALA E 374 5.02 7.82 -9.29
C ALA E 374 3.66 8.28 -9.80
N GLU E 375 2.62 7.53 -9.49
CA GLU E 375 1.25 7.89 -9.85
C GLU E 375 0.35 7.66 -8.64
N THR E 376 -0.89 8.13 -8.74
CA THR E 376 -1.80 8.03 -7.61
C THR E 376 -2.29 6.60 -7.41
N ALA E 377 -2.76 6.33 -6.20
CA ALA E 377 -3.50 5.11 -5.93
C ALA E 377 -4.75 5.02 -6.81
N ALA E 378 -5.45 6.13 -7.02
CA ALA E 378 -6.62 6.09 -7.90
C ALA E 378 -6.24 5.68 -9.31
N ALA E 379 -4.99 5.89 -9.72
CA ALA E 379 -4.51 5.51 -11.04
C ALA E 379 -4.00 4.07 -11.10
N GLY E 380 -4.05 3.34 -10.00
CA GLY E 380 -3.51 1.99 -9.93
C GLY E 380 -4.61 0.94 -9.96
N PHE E 381 -4.17 -0.32 -9.82
CA PHE E 381 -5.10 -1.43 -9.74
C PHE E 381 -6.07 -1.23 -8.57
N GLY E 382 -7.34 -1.52 -8.83
CA GLY E 382 -8.39 -1.26 -7.87
C GLY E 382 -8.74 0.20 -7.69
N GLY E 383 -8.09 1.11 -8.43
CA GLY E 383 -8.34 2.53 -8.24
C GLY E 383 -9.56 3.02 -9.02
N SER E 384 -10.12 4.13 -8.54
CA SER E 384 -11.32 4.68 -9.18
C SER E 384 -11.07 5.13 -10.62
N ASN E 385 -9.80 5.34 -11.00
CA ASN E 385 -9.47 5.65 -12.39
C ASN E 385 -8.24 4.87 -12.84
N GLY E 386 -8.16 3.60 -12.46
CA GLY E 386 -6.97 2.81 -12.66
C GLY E 386 -7.29 1.39 -13.11
N PRO E 387 -6.26 0.65 -13.57
CA PRO E 387 -4.86 1.08 -13.70
C PRO E 387 -4.63 1.93 -14.95
N ASP E 388 -3.89 3.02 -14.81
CA ASP E 388 -3.59 3.88 -15.95
C ASP E 388 -2.71 3.15 -16.96
N PRO E 389 -3.18 2.94 -18.19
CA PRO E 389 -2.32 2.32 -19.23
C PRO E 389 -1.19 3.21 -19.69
N ALA E 390 -1.19 4.50 -19.31
CA ALA E 390 -0.09 5.40 -19.65
C ALA E 390 0.21 6.31 -18.45
N GLY E 391 0.48 5.70 -17.30
CA GLY E 391 0.88 6.45 -16.13
C GLY E 391 2.16 7.22 -16.39
N PRO E 392 2.26 8.45 -15.85
CA PRO E 392 1.33 9.12 -14.93
C PRO E 392 0.30 10.06 -15.60
N ASP E 393 -0.27 9.73 -16.76
CA ASP E 393 -1.21 10.62 -17.45
C ASP E 393 -2.34 11.10 -16.55
N VAL E 394 -3.09 10.17 -15.92
CA VAL E 394 -4.24 10.62 -15.12
C VAL E 394 -3.81 11.12 -13.75
N SER E 395 -2.51 11.16 -13.46
CA SER E 395 -1.99 11.68 -12.20
C SER E 395 -1.24 13.00 -12.37
N GLN E 396 -1.54 13.76 -13.44
CA GLN E 396 -0.72 14.94 -13.76
C GLN E 396 -0.77 16.00 -12.65
N ARG E 397 -1.92 16.22 -12.02
CA ARG E 397 -1.98 17.19 -10.94
C ARG E 397 -1.12 16.73 -9.76
N TYR E 398 -1.20 15.44 -9.44
CA TYR E 398 -0.45 14.87 -8.33
C TYR E 398 1.05 15.09 -8.50
N ILE E 399 1.57 14.78 -9.69
CA ILE E 399 3.03 14.77 -9.87
C ILE E 399 3.64 16.16 -9.89
N THR E 400 2.83 17.24 -10.01
CA THR E 400 3.40 18.57 -9.87
C THR E 400 3.96 18.81 -8.48
N HIS E 401 3.65 17.95 -7.52
CA HIS E 401 4.16 18.10 -6.17
C HIS E 401 5.39 17.25 -5.86
N ILE E 402 5.74 16.27 -6.72
CA ILE E 402 6.79 15.30 -6.38
C ILE E 402 7.71 14.94 -7.54
N ALA E 403 7.31 15.21 -8.77
CA ALA E 403 8.14 14.77 -9.89
C ALA E 403 9.32 15.72 -10.12
N ALA E 404 10.37 15.18 -10.75
CA ALA E 404 11.45 16.02 -11.27
C ALA E 404 10.87 17.19 -12.06
N ARG E 405 11.28 18.41 -11.72
CA ARG E 405 10.59 19.57 -12.28
C ARG E 405 11.48 20.80 -12.14
N GLY E 406 11.00 21.92 -12.68
CA GLY E 406 11.69 23.19 -12.53
C GLY E 406 10.70 24.29 -12.21
N VAL E 407 11.23 25.42 -11.74
CA VAL E 407 10.42 26.58 -11.39
C VAL E 407 11.07 27.82 -11.98
N LEU E 408 10.27 28.64 -12.65
CA LEU E 408 10.70 29.94 -13.13
C LEU E 408 9.70 30.97 -12.64
N ILE E 409 10.18 32.06 -12.05
CA ILE E 409 9.29 33.13 -11.60
C ILE E 409 9.73 34.43 -12.23
N VAL E 410 8.79 35.12 -12.86
CA VAL E 410 9.05 36.24 -13.75
C VAL E 410 8.29 37.46 -13.23
N ASP E 411 9.01 38.58 -13.06
CA ASP E 411 8.40 39.81 -12.58
C ASP E 411 8.00 40.65 -13.79
N THR E 412 6.69 40.83 -13.98
CA THR E 412 6.19 41.60 -15.12
C THR E 412 6.05 43.09 -14.81
N ASN E 413 6.21 43.49 -13.54
CA ASN E 413 6.10 44.90 -13.14
C ASN E 413 7.41 45.63 -13.48
N VAL E 414 7.74 45.60 -14.77
CA VAL E 414 8.98 46.15 -15.30
C VAL E 414 8.67 46.84 -16.63
N THR E 415 9.65 47.57 -17.13
CA THR E 415 9.46 48.33 -18.37
C THR E 415 9.26 47.39 -19.54
N GLY E 416 8.20 47.62 -20.31
CA GLY E 416 7.81 46.70 -21.36
C GLY E 416 6.98 45.52 -20.89
N GLY E 417 6.75 45.40 -19.57
CA GLY E 417 5.95 44.32 -19.05
C GLY E 417 4.48 44.69 -18.92
N ALA E 418 3.66 43.66 -18.70
CA ALA E 418 2.22 43.87 -18.62
C ALA E 418 1.76 44.32 -17.26
N LYS E 419 2.66 44.40 -16.27
CA LYS E 419 2.31 44.88 -14.94
C LYS E 419 1.24 44.01 -14.29
N ILE E 420 1.38 42.70 -14.41
CA ILE E 420 0.45 41.78 -13.75
C ILE E 420 1.18 41.04 -12.66
N GLY E 421 2.22 41.65 -12.10
CA GLY E 421 2.93 41.07 -10.97
C GLY E 421 3.77 39.86 -11.38
N LEU E 422 3.86 38.89 -10.48
CA LEU E 422 4.71 37.73 -10.67
C LEU E 422 3.94 36.59 -11.33
N VAL E 423 4.58 35.95 -12.31
CA VAL E 423 4.02 34.82 -13.03
C VAL E 423 4.96 33.64 -12.86
N GLY E 424 4.41 32.48 -12.52
CA GLY E 424 5.20 31.28 -12.31
C GLY E 424 5.05 30.33 -13.49
N PHE E 425 6.14 29.67 -13.85
CA PHE E 425 6.12 28.65 -14.88
C PHE E 425 6.79 27.42 -14.30
N VAL E 426 6.05 26.30 -14.24
CA VAL E 426 6.54 25.09 -13.58
C VAL E 426 6.47 23.93 -14.56
N PRO E 427 7.49 23.71 -15.39
CA PRO E 427 7.51 22.49 -16.21
C PRO E 427 7.72 21.28 -15.31
N VAL E 428 6.96 20.22 -15.55
CA VAL E 428 6.95 19.04 -14.68
C VAL E 428 7.20 17.80 -15.52
N GLY E 429 8.19 16.99 -15.11
CA GLY E 429 8.52 15.81 -15.87
C GLY E 429 7.45 14.75 -15.78
N MET E 430 7.43 13.88 -16.79
CA MET E 430 6.59 12.69 -16.80
C MET E 430 7.44 11.52 -17.29
N SER E 431 7.66 10.54 -16.43
CA SER E 431 8.35 9.29 -16.78
C SER E 431 9.71 9.65 -17.38
N GLU E 432 10.12 9.02 -18.48
CA GLU E 432 11.46 9.30 -19.00
C GLU E 432 11.51 10.53 -19.89
N VAL E 433 10.52 11.41 -19.82
CA VAL E 433 10.69 12.76 -20.34
C VAL E 433 10.64 13.71 -19.16
N SER E 434 11.76 13.80 -18.44
CA SER E 434 11.82 14.54 -17.19
C SER E 434 13.04 15.46 -17.12
N THR E 435 13.81 15.59 -18.19
CA THR E 435 14.93 16.53 -18.19
C THR E 435 14.38 17.93 -18.44
N CYS E 436 14.51 18.79 -17.44
CA CYS E 436 14.03 20.17 -17.53
C CYS E 436 15.23 21.07 -17.81
N ASP E 437 15.28 21.60 -19.03
CA ASP E 437 16.45 22.30 -19.53
C ASP E 437 16.12 23.78 -19.64
N TRP E 438 16.51 24.58 -18.62
CA TRP E 438 16.40 26.03 -18.70
C TRP E 438 17.51 26.58 -19.62
N PHE E 439 17.13 27.40 -20.60
CA PHE E 439 18.15 28.02 -21.42
C PHE E 439 18.82 29.16 -20.65
N ASP E 440 20.00 29.57 -21.14
N ASP E 440 19.99 29.58 -21.11
CA ASP E 440 20.81 30.59 -20.47
CA ASP E 440 20.74 30.57 -20.33
C ASP E 440 20.07 31.90 -20.35
C ASP E 440 20.17 31.98 -20.45
N ASN E 441 19.18 32.21 -21.31
CA ASN E 441 18.47 33.48 -21.29
C ASN E 441 17.50 33.59 -20.11
N THR E 442 17.36 32.55 -19.28
CA THR E 442 16.47 32.57 -18.12
C THR E 442 17.22 32.71 -16.79
N GLU E 443 18.53 32.91 -16.81
CA GLU E 443 19.26 33.16 -15.56
CA GLU E 443 19.25 33.15 -15.56
C GLU E 443 18.60 34.28 -14.78
N GLU E 444 18.59 34.14 -13.45
CA GLU E 444 17.98 35.16 -12.62
C GLU E 444 18.66 36.50 -12.87
N GLY E 445 17.85 37.56 -12.95
CA GLY E 445 18.32 38.88 -13.31
C GLY E 445 18.18 39.23 -14.77
N LYS E 446 17.99 38.23 -15.64
CA LYS E 446 17.79 38.51 -17.05
C LYS E 446 16.32 38.77 -17.33
N THR E 447 16.07 39.48 -18.43
CA THR E 447 14.72 39.82 -18.87
C THR E 447 14.37 38.98 -20.09
N ILE E 448 13.20 38.36 -20.09
CA ILE E 448 12.75 37.58 -21.24
C ILE E 448 11.60 38.33 -21.90
N SER E 449 11.49 38.14 -23.20
CA SER E 449 10.38 38.71 -23.95
C SER E 449 9.34 37.62 -24.25
N LYS E 450 8.08 37.99 -24.07
CA LYS E 450 6.95 37.13 -24.41
C LYS E 450 7.17 36.42 -25.74
N GLY E 451 7.16 35.09 -25.71
CA GLY E 451 7.32 34.31 -26.91
C GLY E 451 8.73 33.80 -27.17
N ASP E 452 9.75 34.33 -26.48
CA ASP E 452 11.11 33.81 -26.62
C ASP E 452 11.18 32.34 -26.20
N VAL E 453 11.91 31.53 -26.97
CA VAL E 453 12.16 30.16 -26.53
C VAL E 453 13.09 30.21 -25.32
N ILE E 454 12.65 29.61 -24.21
CA ILE E 454 13.36 29.74 -22.94
C ILE E 454 13.81 28.40 -22.38
N GLY E 455 13.47 27.28 -22.99
CA GLY E 455 13.84 26.00 -22.45
C GLY E 455 13.24 24.86 -23.25
N ALA E 456 13.43 23.64 -22.73
CA ALA E 456 12.86 22.47 -23.38
C ALA E 456 12.87 21.28 -22.43
N PHE E 457 11.88 20.41 -22.61
CA PHE E 457 11.95 19.06 -22.10
C PHE E 457 12.85 18.24 -23.01
N HIS E 458 13.58 17.28 -22.40
CA HIS E 458 14.26 16.23 -23.15
C HIS E 458 13.87 14.89 -22.59
N SER E 459 13.92 13.86 -23.45
CA SER E 459 13.95 12.50 -22.94
C SER E 459 15.19 12.33 -22.09
N GLY E 460 15.01 11.90 -20.85
CA GLY E 460 16.11 11.82 -19.91
C GLY E 460 15.61 12.03 -18.50
N GLY E 461 16.58 12.10 -17.58
CA GLY E 461 16.30 12.18 -16.16
C GLY E 461 16.33 13.58 -15.59
C PYR F 1 4.04 17.05 -19.89
O PYR F 1 3.00 17.06 -20.54
CA PYR F 1 5.12 16.00 -20.23
CB PYR F 1 6.48 16.21 -19.64
N THR F 2 4.20 17.81 -18.69
CA THR F 2 3.07 18.61 -18.27
C THR F 2 3.65 19.90 -17.67
N HIS F 3 2.83 20.93 -17.46
CA HIS F 3 3.38 22.17 -16.91
C HIS F 3 2.27 22.99 -16.28
N CYS F 4 2.67 23.84 -15.34
CA CYS F 4 1.75 24.77 -14.71
C CYS F 4 2.17 26.20 -15.00
N LEU F 5 1.18 27.09 -15.10
CA LEU F 5 1.38 28.52 -15.06
C LEU F 5 0.62 29.05 -13.86
N ILE F 6 1.24 29.96 -13.12
CA ILE F 6 0.71 30.44 -11.84
C ILE F 6 0.61 31.95 -11.90
N PHE F 7 -0.54 32.49 -11.48
CA PHE F 7 -0.82 33.92 -11.55
C PHE F 7 -1.26 34.40 -10.19
N GLN F 8 -0.89 35.63 -9.84
CA GLN F 8 -1.24 36.17 -8.54
C GLN F 8 -2.71 36.59 -8.51
N ARG F 9 -3.26 36.62 -7.30
CA ARG F 9 -4.68 36.91 -7.10
C ARG F 9 -5.07 38.24 -7.74
N ASP F 10 -4.27 39.29 -7.54
CA ASP F 10 -4.67 40.59 -8.06
C ASP F 10 -4.47 40.68 -9.56
N ALA F 11 -3.54 39.90 -10.12
CA ALA F 11 -3.39 39.85 -11.57
C ALA F 11 -4.61 39.21 -12.23
N VAL F 12 -5.13 38.11 -11.65
CA VAL F 12 -6.25 37.40 -12.26
C VAL F 12 -7.49 38.27 -12.33
N LYS F 13 -7.66 39.21 -11.39
CA LYS F 13 -8.79 40.12 -11.47
C LYS F 13 -8.74 41.02 -12.70
N LYS F 14 -7.54 41.26 -13.24
CA LYS F 14 -7.37 42.09 -14.43
C LYS F 14 -7.29 41.31 -15.72
N LEU F 15 -7.31 39.98 -15.68
CA LEU F 15 -7.08 39.16 -16.86
C LEU F 15 -8.35 38.43 -17.28
N GLN F 16 -8.52 38.30 -18.60
CA GLN F 16 -9.54 37.43 -19.18
C GLN F 16 -8.82 36.29 -19.90
N PHE F 17 -8.93 35.07 -19.36
CA PHE F 17 -8.35 33.91 -20.01
C PHE F 17 -9.26 33.41 -21.12
N ILE F 18 -8.66 32.77 -22.11
CA ILE F 18 -9.44 32.16 -23.18
C ILE F 18 -10.25 31.00 -22.60
N PRO F 19 -11.47 30.77 -23.09
CA PRO F 19 -12.31 29.70 -22.51
C PRO F 19 -11.70 28.31 -22.62
N LYS F 20 -10.98 28.01 -23.70
CA LYS F 20 -10.41 26.67 -23.81
C LYS F 20 -9.44 26.36 -22.68
N ALA F 21 -8.77 27.39 -22.15
CA ALA F 21 -7.88 27.19 -21.01
C ALA F 21 -8.60 27.26 -19.67
N GLN F 22 -9.53 28.22 -19.51
CA GLN F 22 -10.17 28.39 -18.21
C GLN F 22 -11.19 27.30 -17.93
N TYR F 23 -11.75 26.69 -18.97
CA TYR F 23 -12.74 25.63 -18.83
C TYR F 23 -12.26 24.43 -19.62
N PRO F 24 -11.25 23.72 -19.10
CA PRO F 24 -10.48 22.78 -19.94
C PRO F 24 -11.28 21.63 -20.51
N GLU F 25 -12.41 21.24 -19.92
CA GLU F 25 -13.19 20.15 -20.50
C GLU F 25 -13.69 20.48 -21.90
N ILE F 26 -13.75 21.75 -22.27
CA ILE F 26 -14.23 22.09 -23.61
C ILE F 26 -13.15 21.96 -24.68
N ALA F 27 -11.88 21.87 -24.29
CA ALA F 27 -10.79 21.81 -25.25
C ALA F 27 -10.80 20.48 -26.01
N THR F 28 -10.61 20.56 -27.32
CA THR F 28 -10.51 19.37 -28.16
C THR F 28 -9.15 19.20 -28.81
N THR F 29 -8.28 20.21 -28.76
CA THR F 29 -6.96 20.16 -29.39
C THR F 29 -5.94 20.83 -28.48
N ASN F 30 -4.67 20.67 -28.86
CA ASN F 30 -3.63 21.54 -28.33
C ASN F 30 -4.01 22.99 -28.52
N LEU F 31 -3.56 23.83 -27.58
CA LEU F 31 -3.44 25.26 -27.81
C LEU F 31 -2.07 25.55 -28.42
N ALA F 32 -2.05 26.47 -29.38
CA ALA F 32 -0.81 26.80 -30.08
C ALA F 32 0.11 27.61 -29.18
N VAL F 33 1.39 27.21 -29.11
CA VAL F 33 2.36 27.97 -28.35
C VAL F 33 2.40 29.38 -28.94
N ASN F 34 2.63 30.38 -28.07
CA ASN F 34 2.73 31.80 -28.42
C ASN F 34 1.37 32.42 -28.71
N SER F 35 0.31 31.61 -28.78
CA SER F 35 -1.00 32.19 -29.02
C SER F 35 -1.59 32.73 -27.72
N GLU F 36 -2.65 33.52 -27.86
CA GLU F 36 -3.23 34.17 -26.68
C GLU F 36 -3.70 33.16 -25.64
N LEU F 37 -3.36 33.44 -24.38
CA LEU F 37 -3.86 32.71 -23.22
C LEU F 37 -4.70 33.58 -22.30
N ALA F 38 -4.28 34.82 -22.07
CA ALA F 38 -5.08 35.78 -21.33
C ALA F 38 -4.75 37.18 -21.82
N LYS F 39 -5.76 38.05 -21.80
CA LYS F 39 -5.57 39.45 -22.17
C LYS F 39 -6.01 40.33 -21.01
N LEU F 40 -5.40 41.52 -20.95
CA LEU F 40 -5.79 42.51 -19.94
C LEU F 40 -7.15 43.11 -20.27
N THR F 41 -7.99 43.29 -19.26
CA THR F 41 -9.33 43.86 -19.45
C THR F 41 -9.42 45.33 -19.06
N ASN G 80 -53.13 35.56 17.40
CA ASN G 80 -53.73 34.46 16.66
C ASN G 80 -52.82 33.97 15.53
N VAL G 81 -51.67 33.43 15.90
CA VAL G 81 -50.72 32.87 14.94
C VAL G 81 -50.97 31.37 14.83
N GLU G 82 -50.88 30.84 13.61
CA GLU G 82 -51.10 29.42 13.40
C GLU G 82 -50.12 28.61 14.24
N ASN G 83 -50.61 27.49 14.80
CA ASN G 83 -49.74 26.50 15.41
C ASN G 83 -48.60 26.18 14.45
N PRO G 84 -47.33 26.31 14.88
CA PRO G 84 -46.23 26.09 13.93
C PRO G 84 -46.07 24.65 13.49
N VAL G 85 -46.52 23.68 14.29
CA VAL G 85 -46.53 22.31 13.79
C VAL G 85 -47.58 22.16 12.69
N GLU G 86 -48.69 22.89 12.80
CA GLU G 86 -49.67 22.86 11.72
C GLU G 86 -49.10 23.50 10.45
N THR G 87 -48.33 24.58 10.59
CA THR G 87 -47.67 25.16 9.43
C THR G 87 -46.74 24.15 8.77
N PHE G 88 -46.00 23.39 9.59
CA PHE G 88 -45.09 22.36 9.07
C PHE G 88 -45.86 21.24 8.36
N ARG G 89 -46.98 20.80 8.95
CA ARG G 89 -47.83 19.82 8.27
CA ARG G 89 -47.83 19.82 8.27
C ARG G 89 -48.19 20.30 6.87
N LYS G 90 -48.65 21.54 6.76
CA LYS G 90 -49.05 22.08 5.47
C LYS G 90 -47.89 22.15 4.50
N LEU G 91 -46.73 22.61 4.98
CA LEU G 91 -45.55 22.65 4.13
C LEU G 91 -45.27 21.27 3.52
N ILE G 92 -45.31 20.23 4.36
CA ILE G 92 -45.00 18.88 3.91
C ILE G 92 -46.05 18.39 2.92
N GLU G 93 -47.32 18.54 3.27
CA GLU G 93 -48.40 17.96 2.47
C GLU G 93 -48.71 18.75 1.21
N ASN G 94 -48.38 20.04 1.17
CA ASN G 94 -48.66 20.85 0.00
C ASN G 94 -47.46 21.01 -0.92
N ASP G 95 -46.42 20.21 -0.74
CA ASP G 95 -45.27 20.19 -1.63
C ASP G 95 -44.97 18.76 -2.00
N SER G 96 -45.05 18.45 -3.29
CA SER G 96 -44.93 17.06 -3.74
C SER G 96 -43.58 16.47 -3.35
N THR G 97 -42.51 17.27 -3.47
CA THR G 97 -41.18 16.76 -3.18
C THR G 97 -40.98 16.52 -1.68
N LEU G 98 -41.35 17.50 -0.84
CA LEU G 98 -41.26 17.32 0.60
C LEU G 98 -42.15 16.19 1.10
N TYR G 99 -43.35 16.05 0.51
CA TYR G 99 -44.21 14.91 0.83
C TYR G 99 -43.49 13.59 0.57
N MET G 100 -42.88 13.46 -0.61
CA MET G 100 -42.07 12.28 -0.92
C MET G 100 -40.96 12.08 0.12
N LEU G 101 -40.20 13.14 0.42
CA LEU G 101 -39.05 12.99 1.31
C LEU G 101 -39.50 12.66 2.73
N ALA G 102 -40.65 13.19 3.16
CA ALA G 102 -41.16 12.89 4.49
C ALA G 102 -41.61 11.44 4.63
N HIS G 103 -41.79 10.73 3.52
CA HIS G 103 -42.01 9.29 3.62
C HIS G 103 -40.69 8.53 3.51
N SER G 104 -39.87 8.88 2.52
CA SER G 104 -38.65 8.12 2.26
C SER G 104 -37.66 8.19 3.40
N MET G 105 -37.62 9.31 4.14
CA MET G 105 -36.66 9.41 5.23
C MET G 105 -36.98 8.44 6.36
N PHE G 106 -38.23 7.97 6.47
CA PHE G 106 -38.55 6.90 7.40
C PHE G 106 -38.40 5.52 6.75
N ASP G 107 -38.82 5.40 5.48
CA ASP G 107 -38.67 4.12 4.77
C ASP G 107 -37.23 3.67 4.75
N GLU G 108 -36.29 4.61 4.68
CA GLU G 108 -34.88 4.28 4.53
C GLU G 108 -34.21 3.91 5.85
N VAL G 109 -34.91 4.04 6.96
CA VAL G 109 -34.42 3.51 8.23
C VAL G 109 -34.63 2.00 8.24
N PRO G 110 -33.60 1.20 8.50
CA PRO G 110 -33.80 -0.26 8.56
C PRO G 110 -34.88 -0.65 9.57
N GLU G 111 -35.61 -1.73 9.24
CA GLU G 111 -36.60 -2.28 10.15
CA GLU G 111 -36.60 -2.26 10.18
C GLU G 111 -35.98 -3.09 11.29
N LYS G 112 -34.80 -3.66 11.06
CA LYS G 112 -34.21 -4.59 12.02
C LYS G 112 -33.57 -3.86 13.19
N ALA G 113 -33.53 -4.56 14.33
CA ALA G 113 -32.89 -4.03 15.53
C ALA G 113 -31.43 -3.67 15.22
N PRO G 114 -30.90 -2.61 15.84
CA PRO G 114 -31.50 -1.77 16.88
C PRO G 114 -32.40 -0.65 16.36
N TYR G 115 -32.63 -0.56 15.05
CA TYR G 115 -33.28 0.61 14.46
C TYR G 115 -34.80 0.56 14.54
N ASP G 116 -35.35 -0.52 15.10
CA ASP G 116 -36.76 -0.55 15.47
C ASP G 116 -37.06 0.33 16.67
N ARG G 117 -36.03 0.76 17.38
CA ARG G 117 -36.16 1.63 18.53
C ARG G 117 -35.28 2.86 18.32
N ASP G 118 -35.65 3.97 18.98
CA ASP G 118 -34.84 5.18 18.87
C ASP G 118 -33.51 4.97 19.59
N PRO G 119 -32.56 5.90 19.46
CA PRO G 119 -31.22 5.65 20.03
C PRO G 119 -31.18 5.48 21.55
N THR G 120 -32.19 5.95 22.30
CA THR G 120 -32.20 5.65 23.73
C THR G 120 -32.51 4.19 24.02
N THR G 121 -33.06 3.47 23.04
CA THR G 121 -33.58 2.10 23.13
C THR G 121 -34.84 2.01 23.98
N LEU G 122 -35.36 3.12 24.48
CA LEU G 122 -36.50 3.07 25.39
C LEU G 122 -37.84 3.11 24.68
N LYS G 123 -37.89 3.54 23.42
CA LYS G 123 -39.16 3.68 22.72
C LYS G 123 -39.01 3.16 21.30
N LYS G 124 -40.11 2.64 20.75
CA LYS G 124 -40.15 2.29 19.34
C LYS G 124 -39.83 3.50 18.47
N GLN G 125 -39.15 3.25 17.35
CA GLN G 125 -38.81 4.30 16.40
C GLN G 125 -40.06 4.79 15.65
N VAL G 126 -40.21 6.11 15.54
CA VAL G 126 -41.28 6.67 14.72
C VAL G 126 -41.02 6.34 13.26
N ARG G 127 -42.08 5.97 12.53
CA ARG G 127 -41.93 5.51 11.15
CA ARG G 127 -41.92 5.51 11.15
C ARG G 127 -42.76 6.32 10.16
N ASN G 128 -43.36 7.43 10.56
CA ASN G 128 -44.10 8.20 9.57
C ASN G 128 -44.23 9.63 10.03
N TYR G 129 -44.41 10.54 9.06
CA TYR G 129 -44.33 11.97 9.39
C TYR G 129 -45.52 12.44 10.22
N LYS G 130 -46.65 11.73 10.18
CA LYS G 130 -47.80 12.21 10.95
C LYS G 130 -47.61 11.93 12.44
N THR G 131 -47.13 10.74 12.79
CA THR G 131 -46.74 10.49 14.17
C THR G 131 -45.65 11.47 14.62
N MET G 132 -44.70 11.77 13.73
CA MET G 132 -43.68 12.77 14.05
C MET G 132 -44.34 14.10 14.41
N LEU G 133 -45.28 14.56 13.58
CA LEU G 133 -45.92 15.85 13.83
C LEU G 133 -46.74 15.83 15.12
N TYR G 134 -47.46 14.73 15.38
CA TYR G 134 -48.19 14.61 16.64
C TYR G 134 -47.25 14.75 17.82
N LEU G 135 -46.10 14.07 17.78
CA LEU G 135 -45.16 14.14 18.89
C LEU G 135 -44.55 15.53 19.01
N PHE G 136 -44.22 16.17 17.88
CA PHE G 136 -43.70 17.54 17.93
C PHE G 136 -44.69 18.47 18.60
N ASN G 137 -45.98 18.29 18.28
CA ASN G 137 -46.99 19.15 18.89
C ASN G 137 -47.08 18.90 20.40
N THR G 138 -47.06 17.63 20.81
CA THR G 138 -47.07 17.30 22.23
CA THR G 138 -47.07 17.31 22.23
C THR G 138 -45.86 17.90 22.93
N LEU G 139 -44.69 17.82 22.31
CA LEU G 139 -43.47 18.32 22.93
C LEU G 139 -43.48 19.83 23.13
N LEU G 140 -44.33 20.56 22.42
CA LEU G 140 -44.42 22.00 22.63
C LEU G 140 -44.76 22.36 24.07
N THR G 141 -45.32 21.43 24.85
CA THR G 141 -45.60 21.67 26.26
C THR G 141 -44.97 20.59 27.13
N GLU G 142 -43.73 20.19 26.82
CA GLU G 142 -42.98 19.23 27.62
CA GLU G 142 -42.98 19.24 27.63
C GLU G 142 -41.55 19.72 27.78
N VAL G 143 -40.98 19.50 28.96
CA VAL G 143 -39.55 19.75 29.17
C VAL G 143 -38.87 18.42 28.87
N PRO G 144 -37.58 18.41 28.53
CA PRO G 144 -36.90 17.13 28.30
C PRO G 144 -36.93 16.26 29.55
N GLU G 145 -37.04 14.96 29.34
CA GLU G 145 -37.07 14.00 30.45
C GLU G 145 -35.67 13.50 30.76
N TYR G 146 -35.34 13.44 32.05
CA TYR G 146 -34.08 12.82 32.47
C TYR G 146 -34.32 11.31 32.58
N PHE G 147 -34.22 10.64 31.42
CA PHE G 147 -34.59 9.23 31.38
C PHE G 147 -33.57 8.32 32.03
N LEU G 148 -32.43 8.86 32.49
CA LEU G 148 -31.41 8.02 33.10
C LEU G 148 -31.71 7.66 34.54
N ARG G 149 -32.71 8.30 35.16
CA ARG G 149 -33.04 7.97 36.55
C ARG G 149 -33.47 6.51 36.68
N ASP G 150 -34.49 6.13 35.92
CA ASP G 150 -34.98 4.75 35.93
C ASP G 150 -34.29 3.85 34.93
N ASN G 151 -33.48 4.42 34.04
CA ASN G 151 -32.84 3.69 32.95
C ASN G 151 -31.35 4.03 32.88
N PRO G 152 -30.58 3.75 33.93
CA PRO G 152 -29.24 4.35 34.04
C PRO G 152 -28.25 3.86 33.00
N ASN G 153 -28.50 2.75 32.30
CA ASN G 153 -27.47 2.12 31.48
C ASN G 153 -27.74 2.25 29.98
N VAL G 154 -28.75 3.00 29.58
CA VAL G 154 -29.07 3.14 28.16
C VAL G 154 -28.25 4.28 27.56
N PRO G 155 -28.13 4.37 26.24
CA PRO G 155 -27.37 5.46 25.63
C PRO G 155 -27.92 6.83 26.06
N SER G 156 -27.01 7.72 26.44
CA SER G 156 -27.36 8.98 27.08
C SER G 156 -27.01 10.19 26.24
N GLY G 157 -26.57 10.00 24.99
CA GLY G 157 -26.13 11.12 24.19
C GLY G 157 -27.22 12.13 23.87
N LEU G 158 -28.48 11.74 23.98
CA LEU G 158 -29.59 12.62 23.61
C LEU G 158 -30.40 13.08 24.80
N ILE G 159 -29.86 12.98 26.02
CA ILE G 159 -30.48 13.61 27.17
C ILE G 159 -30.64 15.10 26.88
N GLY G 160 -31.85 15.60 27.08
CA GLY G 160 -32.18 16.99 26.80
C GLY G 160 -32.79 17.24 25.44
N PHE G 161 -32.89 16.22 24.58
CA PHE G 161 -33.20 16.42 23.16
C PHE G 161 -34.33 15.50 22.68
N PRO G 162 -35.58 15.80 23.05
CA PRO G 162 -36.68 14.90 22.65
C PRO G 162 -36.96 14.90 21.16
N PHE G 163 -36.85 16.06 20.48
CA PHE G 163 -37.03 16.10 19.03
C PHE G 163 -35.93 15.31 18.32
N ASN G 164 -34.68 15.52 18.74
CA ASN G 164 -33.52 14.82 18.18
C ASN G 164 -33.71 13.30 18.25
N ILE G 165 -34.27 12.82 19.36
CA ILE G 165 -34.49 11.39 19.54
C ILE G 165 -35.42 10.85 18.46
N ILE G 166 -36.48 11.58 18.15
CA ILE G 166 -37.43 11.14 17.14
C ILE G 166 -36.78 11.02 15.78
N VAL G 167 -35.98 12.02 15.38
CA VAL G 167 -35.52 12.12 13.99
C VAL G 167 -34.09 11.62 13.81
N ASP G 168 -33.46 11.08 14.85
CA ASP G 168 -32.04 10.75 14.76
C ASP G 168 -31.76 9.72 13.66
N TRP G 169 -32.53 8.61 13.61
CA TRP G 169 -32.20 7.69 12.52
C TRP G 169 -32.62 8.28 11.17
N PRO G 170 -33.79 8.91 11.03
CA PRO G 170 -34.10 9.58 9.75
C PRO G 170 -33.03 10.56 9.30
N MET G 171 -32.38 11.29 10.22
CA MET G 171 -31.30 12.20 9.87
C MET G 171 -30.16 11.51 9.13
N GLY G 172 -30.00 10.21 9.35
CA GLY G 172 -28.94 9.39 8.79
C GLY G 172 -29.27 8.76 7.45
N THR G 173 -30.44 9.05 6.87
CA THR G 173 -30.82 8.49 5.58
C THR G 173 -30.58 9.48 4.47
N PRO G 174 -30.39 9.01 3.24
CA PRO G 174 -30.23 9.92 2.09
C PRO G 174 -31.37 10.92 1.96
N SER G 175 -32.64 10.46 2.05
CA SER G 175 -33.76 11.37 1.92
C SER G 175 -33.88 12.27 3.13
N GLY G 176 -33.53 11.76 4.32
CA GLY G 176 -33.54 12.61 5.49
C GLY G 176 -32.52 13.71 5.42
N ARG G 177 -31.33 13.42 4.91
CA ARG G 177 -30.34 14.49 4.76
CA ARG G 177 -30.34 14.48 4.74
C ARG G 177 -30.86 15.58 3.84
N GLN G 178 -31.50 15.20 2.73
CA GLN G 178 -32.10 16.19 1.84
C GLN G 178 -33.19 16.98 2.55
N PHE G 179 -34.09 16.27 3.26
CA PHE G 179 -35.18 16.93 3.97
C PHE G 179 -34.65 17.97 4.96
N PHE G 180 -33.68 17.59 5.78
CA PHE G 180 -33.19 18.49 6.81
C PHE G 180 -32.19 19.52 6.29
N LEU G 181 -31.94 19.57 4.98
CA LEU G 181 -31.21 20.70 4.38
C LEU G 181 -32.14 21.69 3.70
N ASP G 182 -33.44 21.41 3.64
CA ASP G 182 -34.40 22.28 2.96
C ASP G 182 -34.63 23.55 3.78
N THR G 183 -34.54 24.71 3.13
CA THR G 183 -34.64 25.97 3.88
C THR G 183 -36.07 26.22 4.37
N ARG G 184 -37.09 25.76 3.66
CA ARG G 184 -38.46 25.89 4.17
C ARG G 184 -38.70 24.97 5.36
N VAL G 185 -38.21 23.73 5.28
CA VAL G 185 -38.27 22.83 6.44
C VAL G 185 -37.63 23.51 7.64
N ASN G 186 -36.46 24.11 7.44
CA ASN G 186 -35.74 24.63 8.59
C ASN G 186 -36.37 25.90 9.14
N LYS G 187 -37.01 26.71 8.29
CA LYS G 187 -37.81 27.81 8.81
C LYS G 187 -38.97 27.28 9.66
N CYS G 188 -39.62 26.21 9.20
CA CYS G 188 -40.68 25.62 10.01
C CYS G 188 -40.16 25.08 11.33
N LEU G 189 -38.99 24.42 11.29
CA LEU G 189 -38.43 23.89 12.53
C LEU G 189 -38.02 25.01 13.47
N LYS G 190 -37.46 26.09 12.91
CA LYS G 190 -37.13 27.27 13.71
C LYS G 190 -38.34 27.72 14.51
N ASP G 191 -39.48 27.90 13.81
CA ASP G 191 -40.68 28.39 14.47
C ASP G 191 -41.22 27.39 15.50
N ILE G 192 -41.17 26.09 15.18
CA ILE G 192 -41.58 25.05 16.14
C ILE G 192 -40.69 25.10 17.38
N LEU G 193 -39.36 25.11 17.18
CA LEU G 193 -38.46 25.08 18.33
C LEU G 193 -38.49 26.40 19.11
N ASN G 194 -38.74 27.53 18.42
CA ASN G 194 -38.90 28.79 19.15
C ASN G 194 -40.18 28.80 19.97
N LYS G 195 -41.26 28.23 19.42
CA LYS G 195 -42.47 28.05 20.22
C LYS G 195 -42.21 27.14 21.40
N TRP G 196 -41.41 26.08 21.21
CA TRP G 196 -41.01 25.24 22.33
C TRP G 196 -40.26 26.05 23.39
N ASN G 197 -39.32 26.90 22.95
CA ASN G 197 -38.57 27.73 23.89
C ASN G 197 -39.50 28.59 24.74
N GLU G 198 -40.57 29.12 24.15
CA GLU G 198 -41.50 29.93 24.94
C GLU G 198 -42.09 29.14 26.09
N PHE G 199 -42.42 27.87 25.84
CA PHE G 199 -42.91 27.03 26.93
C PHE G 199 -41.82 26.79 27.96
N LEU G 200 -40.59 26.53 27.51
CA LEU G 200 -39.49 26.26 28.44
C LEU G 200 -39.15 27.46 29.31
N LYS G 201 -39.50 28.67 28.86
CA LYS G 201 -39.32 29.89 29.63
C LYS G 201 -40.56 30.26 30.44
N ASP G 202 -41.65 29.54 30.28
CA ASP G 202 -42.94 29.84 30.91
C ASP G 202 -42.92 29.32 32.34
N PRO G 203 -42.89 30.19 33.35
CA PRO G 203 -42.86 29.72 34.74
C PRO G 203 -44.14 29.03 35.17
N THR G 204 -45.23 29.13 34.40
CA THR G 204 -46.47 28.40 34.70
C THR G 204 -46.58 27.07 33.95
N ALA G 205 -45.63 26.75 33.08
CA ALA G 205 -45.72 25.57 32.21
C ALA G 205 -47.08 25.52 31.52
N GLN G 206 -47.43 26.62 30.87
CA GLN G 206 -48.68 26.79 30.13
C GLN G 206 -49.88 26.53 31.03
N GLY G 207 -50.01 27.39 32.05
CA GLY G 207 -51.21 27.42 32.87
C GLY G 207 -51.34 26.32 33.89
N ASN G 208 -50.24 25.83 34.44
CA ASN G 208 -50.26 24.78 35.46
C ASN G 208 -49.92 25.32 36.85
N GLY G 209 -50.38 26.52 37.16
CA GLY G 209 -50.02 27.17 38.40
C GLY G 209 -48.69 27.90 38.29
N ASN G 210 -48.42 28.74 39.29
CA ASN G 210 -47.22 29.57 39.25
C ASN G 210 -45.95 28.80 39.60
N LYS G 211 -46.06 27.57 40.10
CA LYS G 211 -44.93 26.68 40.23
C LYS G 211 -44.91 25.63 39.13
N GLY G 212 -45.71 25.82 38.08
CA GLY G 212 -45.84 24.80 37.05
C GLY G 212 -44.53 24.51 36.34
N GLY G 213 -43.75 25.57 36.04
CA GLY G 213 -42.49 25.37 35.37
C GLY G 213 -41.49 24.60 36.22
N ASN G 214 -41.47 24.90 37.52
CA ASN G 214 -40.62 24.17 38.45
C ASN G 214 -41.09 22.72 38.62
N GLN G 215 -42.39 22.51 38.77
CA GLN G 215 -42.90 21.16 38.98
C GLN G 215 -42.63 20.28 37.77
N ALA G 216 -42.71 20.85 36.55
CA ALA G 216 -42.43 20.07 35.36
C ALA G 216 -41.01 19.51 35.38
N LEU G 217 -40.05 20.29 35.92
CA LEU G 217 -38.68 19.80 36.01
C LEU G 217 -38.56 18.66 37.00
N ILE G 218 -39.24 18.78 38.14
CA ILE G 218 -39.23 17.70 39.14
C ILE G 218 -39.92 16.46 38.58
N ASP G 219 -41.06 16.64 37.91
CA ASP G 219 -41.77 15.49 37.32
C ASP G 219 -40.90 14.77 36.30
N ALA G 220 -40.05 15.52 35.59
CA ALA G 220 -39.20 14.98 34.54
C ALA G 220 -37.93 14.32 35.08
N GLY G 221 -37.73 14.31 36.39
CA GLY G 221 -36.62 13.59 37.00
C GLY G 221 -35.36 14.38 37.28
N TRP G 222 -35.36 15.70 37.06
CA TRP G 222 -34.12 16.46 37.19
C TRP G 222 -33.71 16.68 38.63
N SER G 223 -34.61 16.48 39.60
CA SER G 223 -34.23 16.57 41.00
C SER G 223 -33.75 15.25 41.58
N SER G 224 -33.70 14.19 40.77
CA SER G 224 -33.22 12.90 41.25
C SER G 224 -31.75 12.96 41.64
N ASP G 225 -31.35 12.06 42.55
CA ASP G 225 -29.93 11.95 42.88
C ASP G 225 -29.09 11.74 41.63
N ALA G 226 -29.59 10.93 40.68
CA ALA G 226 -28.82 10.62 39.48
C ALA G 226 -28.52 11.88 38.68
N ALA G 227 -29.54 12.73 38.47
CA ALA G 227 -29.34 13.92 37.65
C ALA G 227 -28.46 14.95 38.37
N VAL G 228 -28.73 15.19 39.65
CA VAL G 228 -27.99 16.23 40.35
C VAL G 228 -26.52 15.82 40.54
N GLU G 229 -26.27 14.55 40.83
CA GLU G 229 -24.89 14.08 40.94
C GLU G 229 -24.15 14.22 39.60
N GLN G 230 -24.83 13.91 38.49
CA GLN G 230 -24.16 14.07 37.21
CA GLN G 230 -24.22 14.08 37.18
C GLN G 230 -23.87 15.54 36.91
N LEU G 231 -24.78 16.44 37.27
CA LEU G 231 -24.54 17.87 37.09
C LEU G 231 -23.37 18.34 37.95
N VAL G 232 -23.30 17.87 39.20
CA VAL G 232 -22.20 18.26 40.07
C VAL G 232 -20.89 17.64 39.59
N ASN G 233 -20.91 16.36 39.24
CA ASN G 233 -19.68 15.70 38.80
C ASN G 233 -19.14 16.32 37.53
N LYS G 234 -20.02 16.69 36.61
CA LYS G 234 -19.58 17.30 35.36
C LYS G 234 -18.95 18.67 35.62
N ALA G 235 -19.54 19.48 36.49
CA ALA G 235 -18.92 20.75 36.82
C ALA G 235 -17.57 20.56 37.49
N ASN G 236 -17.44 19.53 38.35
CA ASN G 236 -16.20 19.33 39.08
C ASN G 236 -15.07 18.75 38.23
N GLU G 237 -15.38 18.16 37.07
CA GLU G 237 -14.32 17.46 36.34
C GLU G 237 -13.29 18.41 35.74
N SER G 238 -13.62 19.69 35.57
CA SER G 238 -12.74 20.64 34.90
C SER G 238 -11.89 21.45 35.86
N THR G 239 -11.92 21.16 37.16
CA THR G 239 -11.26 22.00 38.15
C THR G 239 -10.72 21.14 39.29
N THR G 240 -9.65 21.65 39.94
CA THR G 240 -9.17 21.03 41.17
C THR G 240 -9.96 21.49 42.40
N ASP G 241 -10.70 22.61 42.30
CA ASP G 241 -11.48 23.17 43.41
C ASP G 241 -12.89 22.58 43.39
N LYS G 242 -12.96 21.28 43.66
CA LYS G 242 -14.21 20.54 43.55
C LYS G 242 -15.15 20.85 44.70
N LYS G 243 -16.45 20.96 44.38
CA LYS G 243 -17.48 21.30 45.35
C LYS G 243 -18.38 20.10 45.60
N LYS G 244 -18.89 20.00 46.83
CA LYS G 244 -19.70 18.84 47.20
C LYS G 244 -21.14 18.96 46.73
N THR G 245 -21.70 20.17 46.68
CA THR G 245 -23.11 20.33 46.39
C THR G 245 -23.34 21.28 45.21
N PHE G 246 -24.46 21.02 44.51
CA PHE G 246 -24.92 21.88 43.41
C PHE G 246 -24.96 23.35 43.82
N SER G 247 -25.47 23.62 45.03
CA SER G 247 -25.67 24.99 45.47
C SER G 247 -24.36 25.73 45.70
N GLU G 248 -23.24 25.02 45.87
CA GLU G 248 -21.94 25.66 45.94
C GLU G 248 -21.37 25.99 44.56
N ILE G 249 -21.97 25.48 43.49
CA ILE G 249 -21.43 25.58 42.15
C ILE G 249 -22.20 26.60 41.32
N PHE G 250 -23.53 26.51 41.33
CA PHE G 250 -24.38 27.28 40.42
C PHE G 250 -25.31 28.20 41.19
N GLN G 251 -25.56 29.37 40.62
CA GLN G 251 -26.55 30.28 41.18
C GLN G 251 -27.96 29.76 40.92
N HIS G 252 -28.83 29.96 41.89
CA HIS G 252 -30.24 29.60 41.76
C HIS G 252 -31.05 30.43 42.77
N PRO G 253 -32.36 30.51 42.60
CA PRO G 253 -33.16 31.35 43.51
C PRO G 253 -33.03 30.95 44.98
N ALA G 254 -33.42 31.87 45.85
CA ALA G 254 -33.30 31.69 47.29
C ALA G 254 -34.12 30.50 47.77
N ASN G 255 -33.65 29.87 48.84
CA ASN G 255 -34.30 28.72 49.48
C ASN G 255 -34.37 27.51 48.56
N GLY G 256 -33.59 27.51 47.49
CA GLY G 256 -33.54 26.33 46.63
C GLY G 256 -32.83 25.19 47.32
N THR G 257 -33.38 23.98 47.15
CA THR G 257 -32.77 22.74 47.62
C THR G 257 -32.89 21.72 46.50
N GLN G 258 -32.22 20.57 46.67
CA GLN G 258 -32.41 19.51 45.70
C GLN G 258 -33.88 19.12 45.60
N GLU G 259 -34.59 19.12 46.73
CA GLU G 259 -35.96 18.63 46.76
C GLU G 259 -36.90 19.51 45.93
N ASN G 260 -36.69 20.84 45.94
CA ASN G 260 -37.49 21.75 45.12
C ASN G 260 -36.79 22.13 43.82
N PHE G 261 -35.86 21.28 43.38
CA PHE G 261 -34.97 21.52 42.24
C PHE G 261 -34.45 22.97 42.25
N PHE G 262 -33.92 23.37 43.41
CA PHE G 262 -33.22 24.64 43.58
C PHE G 262 -34.10 25.84 43.26
N ASN G 263 -35.41 25.63 43.29
CA ASN G 263 -36.41 26.65 42.99
C ASN G 263 -36.26 27.27 41.61
N TYR G 264 -35.55 26.62 40.69
CA TYR G 264 -35.56 27.09 39.30
C TYR G 264 -37.00 27.14 38.80
N ALA G 265 -37.41 28.29 38.27
CA ALA G 265 -38.81 28.49 37.92
C ALA G 265 -39.19 27.86 36.60
N CYS G 266 -38.22 27.49 35.76
CA CYS G 266 -38.50 26.92 34.45
C CYS G 266 -37.22 26.33 33.88
N TRP G 267 -37.40 25.48 32.87
CA TRP G 267 -36.27 24.85 32.19
C TRP G 267 -35.24 25.88 31.77
N ASP G 268 -35.69 26.96 31.11
CA ASP G 268 -34.76 27.92 30.54
C ASP G 268 -33.83 28.49 31.61
N ASN G 269 -34.36 28.80 32.80
CA ASN G 269 -33.53 29.36 33.87
C ASN G 269 -32.51 28.34 34.37
N PHE G 270 -32.91 27.08 34.47
CA PHE G 270 -31.95 26.03 34.81
C PHE G 270 -30.91 25.85 33.72
N PHE G 271 -31.35 25.85 32.46
CA PHE G 271 -30.45 25.60 31.34
C PHE G 271 -29.36 26.65 31.23
N THR G 272 -29.70 27.93 31.45
CA THR G 272 -28.76 29.04 31.33
C THR G 272 -28.21 29.49 32.67
N ARG G 273 -28.24 28.63 33.68
CA ARG G 273 -27.76 28.99 35.02
C ARG G 273 -26.32 29.49 34.98
N ARG G 274 -25.99 30.38 35.91
CA ARG G 274 -24.66 30.96 36.02
C ARG G 274 -23.86 30.24 37.10
N PHE G 275 -22.54 30.25 36.94
CA PHE G 275 -21.65 29.82 38.02
C PHE G 275 -21.70 30.84 39.16
N LYS G 276 -21.60 30.34 40.38
CA LYS G 276 -21.46 31.22 41.53
C LYS G 276 -20.10 31.92 41.48
N ASP G 277 -20.05 33.09 42.12
CA ASP G 277 -18.83 33.88 42.16
C ASP G 277 -17.67 33.06 42.71
N GLY G 278 -16.52 33.17 42.04
CA GLY G 278 -15.31 32.47 42.44
C GLY G 278 -15.21 31.02 41.99
N VAL G 279 -16.30 30.44 41.45
CA VAL G 279 -16.26 29.04 41.05
C VAL G 279 -15.46 28.87 39.76
N ARG G 280 -15.48 29.86 38.87
CA ARG G 280 -14.70 29.84 37.64
C ARG G 280 -13.85 31.12 37.56
N PRO G 281 -12.77 31.19 38.32
CA PRO G 281 -11.94 32.41 38.30
C PRO G 281 -11.31 32.65 36.94
N VAL G 282 -11.12 33.93 36.61
CA VAL G 282 -10.58 34.31 35.31
C VAL G 282 -9.06 34.23 35.34
N ALA G 283 -8.49 33.49 34.39
CA ALA G 283 -7.04 33.29 34.38
C ALA G 283 -6.30 34.53 33.90
N ASP G 284 -5.04 34.65 34.31
CA ASP G 284 -4.21 35.77 33.88
C ASP G 284 -3.92 35.75 32.39
N ALA G 285 -4.01 34.59 31.73
CA ALA G 285 -3.58 34.45 30.35
C ALA G 285 -4.39 35.34 29.42
N ALA G 286 -3.75 35.67 28.28
CA ALA G 286 -4.37 36.54 27.29
C ALA G 286 -5.69 35.98 26.76
N VAL G 287 -5.77 34.65 26.59
CA VAL G 287 -6.96 33.98 26.06
C VAL G 287 -7.46 32.98 27.09
N VAL G 288 -8.75 33.04 27.41
CA VAL G 288 -9.37 32.08 28.30
C VAL G 288 -10.45 31.33 27.55
N ASN G 289 -10.88 30.22 28.15
CA ASN G 289 -11.95 29.43 27.56
C ASN G 289 -13.26 30.20 27.59
N ALA G 290 -13.90 30.29 26.42
CA ALA G 290 -15.17 30.98 26.28
C ALA G 290 -16.35 30.13 26.72
N CYS G 291 -16.20 28.81 26.71
CA CYS G 291 -17.27 27.90 27.08
C CYS G 291 -16.71 26.80 27.96
N GLU G 292 -17.55 26.32 28.87
CA GLU G 292 -17.27 25.10 29.62
C GLU G 292 -17.43 23.96 28.63
N SER G 293 -16.31 23.43 28.12
CA SER G 293 -16.39 22.70 26.85
C SER G 293 -15.25 21.70 26.70
N PHE G 294 -15.46 20.73 25.81
CA PHE G 294 -14.57 19.61 25.61
C PHE G 294 -13.85 19.77 24.29
N PRO G 295 -12.52 19.91 24.28
CA PRO G 295 -11.78 20.12 23.03
C PRO G 295 -12.16 19.10 21.95
N LEU G 296 -12.38 19.61 20.75
CA LEU G 296 -12.75 18.80 19.60
C LEU G 296 -11.68 18.84 18.51
N SER G 297 -11.32 20.03 18.04
CA SER G 297 -10.40 20.22 16.93
C SER G 297 -9.52 21.45 17.16
N PHE G 298 -8.30 21.39 16.64
CA PHE G 298 -7.45 22.58 16.52
C PHE G 298 -6.79 22.53 15.16
N ASP G 299 -7.15 23.46 14.28
CA ASP G 299 -6.66 23.50 12.90
C ASP G 299 -5.85 24.77 12.70
N THR G 300 -4.68 24.65 12.08
CA THR G 300 -3.86 25.80 11.75
C THR G 300 -3.89 26.02 10.25
N ASP G 301 -3.55 27.24 9.84
CA ASP G 301 -3.37 27.59 8.42
C ASP G 301 -4.65 27.35 7.61
N VAL G 302 -5.78 27.82 8.13
CA VAL G 302 -7.06 27.52 7.48
C VAL G 302 -7.25 28.44 6.27
N SER G 303 -8.04 27.96 5.31
CA SER G 303 -8.25 28.61 4.02
C SER G 303 -9.44 29.59 4.05
N ARG G 304 -9.47 30.46 3.04
CA ARG G 304 -10.60 31.38 2.88
C ARG G 304 -11.90 30.63 2.67
N ARG G 305 -11.87 29.64 1.76
CA ARG G 305 -13.01 28.78 1.53
C ARG G 305 -12.45 27.39 1.26
N ASN G 306 -13.20 26.36 1.66
CA ASN G 306 -12.66 25.01 1.48
C ASN G 306 -13.80 24.03 1.25
N THR G 307 -13.44 22.82 0.84
CA THR G 307 -14.41 21.75 0.56
C THR G 307 -14.84 21.11 1.88
N PHE G 308 -15.66 21.85 2.63
CA PHE G 308 -16.02 21.40 3.97
C PHE G 308 -16.85 20.12 3.96
N TRP G 309 -17.31 19.68 2.79
CA TRP G 309 -18.11 18.46 2.67
C TRP G 309 -17.27 17.21 2.46
N LEU G 310 -15.96 17.34 2.23
CA LEU G 310 -15.13 16.16 2.02
C LEU G 310 -14.74 15.56 3.36
N LYS G 311 -14.18 14.34 3.31
CA LYS G 311 -13.81 13.65 4.54
C LYS G 311 -12.76 14.45 5.28
N GLY G 312 -12.89 14.48 6.61
CA GLY G 312 -12.09 15.36 7.43
C GLY G 312 -12.69 16.73 7.63
N THR G 313 -13.73 17.09 6.85
N THR G 313 -13.67 17.12 6.81
CA THR G 313 -14.40 18.39 6.77
CA THR G 313 -14.37 18.39 6.89
C THR G 313 -13.43 19.53 7.13
C THR G 313 -13.39 19.54 7.16
N PRO G 314 -12.61 19.95 6.17
CA PRO G 314 -11.75 21.12 6.39
C PRO G 314 -12.61 22.36 6.60
N TYR G 315 -12.15 23.26 7.47
CA TYR G 315 -12.91 24.45 7.77
C TYR G 315 -12.93 25.38 6.57
N SER G 316 -14.08 26.01 6.34
CA SER G 316 -14.27 26.99 5.26
C SER G 316 -14.76 28.29 5.90
N LEU G 317 -13.84 29.24 6.10
CA LEU G 317 -14.15 30.48 6.81
C LEU G 317 -15.26 31.27 6.12
N HIS G 318 -15.19 31.38 4.80
CA HIS G 318 -16.20 32.10 4.03
C HIS G 318 -17.60 31.59 4.35
N ASP G 319 -17.76 30.26 4.45
CA ASP G 319 -19.08 29.69 4.74
C ASP G 319 -19.42 29.81 6.21
N MET G 320 -18.46 29.47 7.09
CA MET G 320 -18.70 29.48 8.53
C MET G 320 -19.12 30.87 9.02
N LEU G 321 -18.39 31.90 8.59
CA LEU G 321 -18.67 33.25 9.08
C LEU G 321 -19.80 33.94 8.32
N GLY G 322 -20.35 33.29 7.30
CA GLY G 322 -21.52 33.82 6.63
C GLY G 322 -21.26 34.90 5.61
N ALA G 323 -20.06 34.95 5.02
CA ALA G 323 -19.80 35.91 3.95
C ALA G 323 -20.61 35.59 2.70
N THR G 324 -21.18 34.39 2.64
CA THR G 324 -22.14 34.06 1.58
C THR G 324 -23.28 35.06 1.54
N GLN G 325 -23.70 35.56 2.70
CA GLN G 325 -24.87 36.42 2.77
C GLN G 325 -24.66 37.76 3.45
N ASP G 326 -23.46 38.07 3.94
CA ASP G 326 -23.17 39.39 4.52
C ASP G 326 -21.80 39.82 4.02
N GLU G 327 -21.79 40.65 2.98
CA GLU G 327 -20.52 41.13 2.47
C GLU G 327 -19.72 41.90 3.53
N ARG G 328 -20.38 42.41 4.56
CA ARG G 328 -19.65 43.13 5.61
C ARG G 328 -18.69 42.25 6.39
N VAL G 329 -18.93 40.92 6.44
CA VAL G 329 -18.00 40.06 7.18
C VAL G 329 -16.84 39.59 6.30
N ALA G 330 -16.89 39.86 4.99
CA ALA G 330 -15.88 39.32 4.08
C ALA G 330 -14.47 39.80 4.43
N SER G 331 -14.32 41.05 4.87
CA SER G 331 -12.97 41.51 5.23
C SER G 331 -12.41 40.72 6.39
N TYR G 332 -13.27 40.29 7.31
CA TYR G 332 -12.78 39.50 8.45
C TYR G 332 -12.43 38.08 8.03
N VAL G 333 -13.20 37.52 7.10
CA VAL G 333 -12.81 36.24 6.49
C VAL G 333 -11.39 36.35 5.94
N ASP G 334 -11.14 37.40 5.15
CA ASP G 334 -9.80 37.58 4.58
C ASP G 334 -8.72 37.66 5.66
N GLY G 335 -9.00 38.39 6.75
CA GLY G 335 -8.01 38.55 7.81
C GLY G 335 -7.75 37.31 8.62
N PHE G 336 -8.64 36.32 8.57
CA PHE G 336 -8.45 35.04 9.26
C PHE G 336 -7.79 33.99 8.38
N VAL G 337 -7.57 34.28 7.10
CA VAL G 337 -6.86 33.34 6.25
C VAL G 337 -5.48 33.09 6.82
N GLY G 338 -5.07 31.82 6.83
CA GLY G 338 -3.84 31.42 7.48
C GLY G 338 -3.94 31.33 8.98
N GLY G 339 -5.07 31.73 9.56
CA GLY G 339 -5.26 31.66 10.99
C GLY G 339 -5.59 30.26 11.47
N SER G 340 -5.93 30.16 12.75
CA SER G 340 -6.24 28.89 13.39
C SER G 340 -7.67 28.87 13.92
N VAL G 341 -8.27 27.68 13.91
CA VAL G 341 -9.65 27.46 14.34
C VAL G 341 -9.62 26.40 15.43
N TYR G 342 -10.10 26.77 16.62
CA TYR G 342 -10.28 25.84 17.72
C TYR G 342 -11.76 25.57 17.89
N GLN G 343 -12.14 24.30 18.05
CA GLN G 343 -13.54 23.95 18.25
C GLN G 343 -13.67 23.05 19.47
N ALA G 344 -14.76 23.23 20.21
CA ALA G 344 -14.98 22.47 21.44
C ALA G 344 -16.48 22.31 21.71
N PHE G 345 -16.82 21.19 22.35
CA PHE G 345 -18.20 20.71 22.49
C PHE G 345 -18.74 20.97 23.89
N LEU G 346 -19.98 21.48 23.96
CA LEU G 346 -20.68 21.68 25.23
C LEU G 346 -21.72 20.57 25.42
N SER G 347 -21.56 19.78 26.48
CA SER G 347 -22.51 18.71 26.74
C SER G 347 -23.77 19.25 27.42
N ALA G 348 -24.83 18.44 27.36
CA ALA G 348 -26.11 18.87 27.91
C ALA G 348 -26.04 19.09 29.41
N ASP G 349 -25.14 18.40 30.11
CA ASP G 349 -25.01 18.59 31.54
C ASP G 349 -23.91 19.59 31.90
N SER G 350 -23.47 20.40 30.94
CA SER G 350 -22.48 21.45 31.14
C SER G 350 -23.14 22.82 31.21
N TYR G 351 -22.44 23.75 31.84
CA TYR G 351 -22.76 25.17 31.74
C TYR G 351 -22.90 25.58 30.28
N HIS G 352 -23.93 26.37 29.99
CA HIS G 352 -24.31 26.74 28.63
CA HIS G 352 -24.21 26.72 28.60
C HIS G 352 -24.17 28.21 28.30
N CYS G 353 -23.71 29.04 29.24
CA CYS G 353 -23.51 30.43 28.85
C CYS G 353 -22.16 30.60 28.19
N TRP G 354 -21.94 31.79 27.63
CA TRP G 354 -20.69 32.13 26.96
C TRP G 354 -19.98 33.24 27.73
N ASN G 355 -18.66 33.15 27.79
CA ASN G 355 -17.84 34.13 28.47
C ASN G 355 -16.78 34.68 27.51
N ALA G 356 -16.40 35.95 27.71
CA ALA G 356 -15.50 36.62 26.78
C ALA G 356 -14.13 35.95 26.81
N PRO G 357 -13.65 35.41 25.68
CA PRO G 357 -12.33 34.75 25.69
C PRO G 357 -11.18 35.73 25.78
N VAL G 358 -11.39 36.98 25.36
CA VAL G 358 -10.36 38.02 25.35
C VAL G 358 -11.02 39.34 25.67
N THR G 359 -10.20 40.30 26.10
CA THR G 359 -10.65 41.68 26.23
C THR G 359 -10.51 42.37 24.89
N GLY G 360 -11.56 43.07 24.46
CA GLY G 360 -11.43 43.85 23.25
C GLY G 360 -12.73 44.51 22.88
N LYS G 361 -12.71 45.21 21.75
CA LYS G 361 -13.86 45.94 21.27
C LYS G 361 -14.57 45.12 20.19
N VAL G 362 -15.88 44.95 20.34
CA VAL G 362 -16.65 44.22 19.36
C VAL G 362 -16.69 45.03 18.06
N VAL G 363 -16.25 44.42 16.96
CA VAL G 363 -16.33 45.08 15.65
C VAL G 363 -17.33 44.43 14.71
N TYR G 364 -17.82 43.23 15.02
CA TYR G 364 -18.81 42.58 14.17
C TYR G 364 -19.60 41.59 15.01
N ARG G 365 -20.91 41.58 14.83
CA ARG G 365 -21.76 40.58 15.49
C ARG G 365 -22.90 40.23 14.54
N SER G 366 -23.18 38.92 14.42
CA SER G 366 -24.29 38.49 13.58
C SER G 366 -24.98 37.26 14.20
N LEU G 367 -26.15 36.98 13.67
CA LEU G 367 -26.84 35.70 13.82
C LEU G 367 -27.11 35.18 12.42
N ILE G 368 -26.90 33.88 12.21
CA ILE G 368 -27.08 33.28 10.90
C ILE G 368 -28.10 32.16 11.03
N ASP G 369 -29.16 32.23 10.24
CA ASP G 369 -30.14 31.16 10.20
C ASP G 369 -29.53 29.93 9.52
N GLY G 370 -30.00 28.75 9.91
CA GLY G 370 -29.51 27.57 9.24
C GLY G 370 -30.21 26.28 9.63
N THR G 371 -29.46 25.18 9.60
CA THR G 371 -30.01 23.86 9.83
C THR G 371 -30.09 23.57 11.33
N TYR G 372 -30.75 22.47 11.65
CA TYR G 372 -30.90 21.92 13.00
C TYR G 372 -30.50 20.46 13.09
N PHE G 373 -30.92 19.65 12.12
CA PHE G 373 -30.75 18.21 12.14
C PHE G 373 -30.01 17.73 10.90
N ALA G 374 -29.14 18.58 10.35
CA ALA G 374 -28.30 18.20 9.22
C ALA G 374 -27.01 17.59 9.73
N GLU G 375 -26.69 16.39 9.24
CA GLU G 375 -25.43 15.71 9.57
C GLU G 375 -24.82 15.18 8.29
N THR G 376 -23.58 14.71 8.38
CA THR G 376 -22.86 14.26 7.20
C THR G 376 -23.39 12.90 6.74
N ALA G 377 -23.09 12.57 5.48
CA ALA G 377 -23.31 11.21 4.99
C ALA G 377 -22.46 10.20 5.75
N ALA G 378 -21.24 10.58 6.15
CA ALA G 378 -20.40 9.66 6.93
C ALA G 378 -21.05 9.33 8.27
N ALA G 379 -21.86 10.24 8.81
CA ALA G 379 -22.60 10.03 10.04
C ALA G 379 -23.92 9.27 9.84
N GLY G 380 -24.23 8.86 8.61
CA GLY G 380 -25.50 8.22 8.31
C GLY G 380 -25.37 6.73 8.09
N PHE G 381 -26.49 6.12 7.71
CA PHE G 381 -26.50 4.68 7.43
C PHE G 381 -25.57 4.37 6.27
N GLY G 382 -24.79 3.30 6.42
CA GLY G 382 -23.76 2.96 5.46
C GLY G 382 -22.54 3.88 5.48
N GLY G 383 -22.47 4.85 6.39
CA GLY G 383 -21.36 5.78 6.40
C GLY G 383 -20.19 5.27 7.25
N SER G 384 -19.01 5.84 7.00
CA SER G 384 -17.81 5.36 7.67
C SER G 384 -17.82 5.64 9.17
N ASN G 385 -18.68 6.54 9.65
CA ASN G 385 -18.82 6.74 11.09
C ASN G 385 -20.29 6.88 11.47
N GLY G 386 -21.15 6.07 10.86
CA GLY G 386 -22.58 6.19 11.06
C GLY G 386 -23.27 4.84 11.15
N PRO G 387 -24.57 4.87 11.51
CA PRO G 387 -25.39 6.05 11.80
C PRO G 387 -25.11 6.61 13.19
N ASP G 388 -24.98 7.92 13.29
CA ASP G 388 -24.68 8.56 14.57
C ASP G 388 -25.88 8.43 15.50
N PRO G 389 -25.74 7.77 16.67
CA PRO G 389 -26.86 7.67 17.61
C PRO G 389 -27.18 8.98 18.30
N ALA G 390 -26.36 10.00 18.11
CA ALA G 390 -26.63 11.31 18.68
C ALA G 390 -26.19 12.38 17.70
N GLY G 391 -26.67 12.26 16.45
CA GLY G 391 -26.39 13.27 15.46
C GLY G 391 -26.93 14.62 15.93
N PRO G 392 -26.21 15.71 15.62
CA PRO G 392 -24.99 15.79 14.80
C PRO G 392 -23.67 15.70 15.56
N ASP G 393 -23.55 14.88 16.61
CA ASP G 393 -22.30 14.84 17.40
C ASP G 393 -21.06 14.61 16.54
N VAL G 394 -21.07 13.59 15.67
CA VAL G 394 -19.84 13.33 14.91
C VAL G 394 -19.73 14.22 13.69
N SER G 395 -20.66 15.16 13.51
CA SER G 395 -20.69 16.08 12.39
C SER G 395 -20.42 17.52 12.83
N GLN G 396 -19.80 17.71 14.00
CA GLN G 396 -19.68 19.05 14.59
C GLN G 396 -18.90 20.02 13.70
N ARG G 397 -17.83 19.56 13.04
CA ARG G 397 -17.10 20.47 12.16
C ARG G 397 -17.95 20.88 10.98
N TYR G 398 -18.67 19.90 10.40
CA TYR G 398 -19.53 20.15 9.26
C TYR G 398 -20.57 21.22 9.56
N ILE G 399 -21.26 21.11 10.69
CA ILE G 399 -22.37 22.02 10.95
C ILE G 399 -21.93 23.45 11.23
N THR G 400 -20.64 23.70 11.52
CA THR G 400 -20.21 25.09 11.68
C THR G 400 -20.44 25.87 10.41
N HIS G 401 -20.63 25.19 9.28
CA HIS G 401 -20.83 25.86 8.01
C HIS G 401 -22.29 26.06 7.64
N ILE G 402 -23.24 25.39 8.32
CA ILE G 402 -24.62 25.42 7.83
C ILE G 402 -25.68 25.52 8.92
N ALA G 403 -25.32 25.26 10.18
CA ALA G 403 -26.31 25.25 11.26
C ALA G 403 -26.63 26.68 11.72
N ALA G 404 -27.83 26.84 12.29
CA ALA G 404 -28.13 28.08 13.01
C ALA G 404 -26.99 28.41 13.97
N ARG G 405 -26.51 29.65 13.92
CA ARG G 405 -25.27 29.99 14.63
C ARG G 405 -25.16 31.50 14.75
N GLY G 406 -24.09 31.95 15.44
CA GLY G 406 -23.79 33.36 15.55
C GLY G 406 -22.31 33.61 15.37
N VAL G 407 -21.96 34.88 15.15
CA VAL G 407 -20.57 35.29 14.96
C VAL G 407 -20.31 36.54 15.80
N LEU G 408 -19.21 36.54 16.55
CA LEU G 408 -18.73 37.72 17.26
C LEU G 408 -17.26 37.90 16.95
N ILE G 409 -16.85 39.11 16.58
CA ILE G 409 -15.46 39.39 16.27
C ILE G 409 -14.99 40.56 17.13
N VAL G 410 -13.89 40.35 17.82
CA VAL G 410 -13.41 41.24 18.89
C VAL G 410 -12.02 41.73 18.51
N ASP G 411 -11.82 43.05 18.58
CA ASP G 411 -10.52 43.66 18.30
C ASP G 411 -9.76 43.82 19.61
N THR G 412 -8.70 43.05 19.79
CA THR G 412 -7.90 43.10 21.00
C THR G 412 -6.80 44.16 20.95
N ASN G 413 -6.62 44.81 19.79
CA ASN G 413 -5.61 45.85 19.63
C ASN G 413 -6.16 47.18 20.15
N VAL G 414 -6.46 47.18 21.45
CA VAL G 414 -7.07 48.32 22.14
C VAL G 414 -6.44 48.43 23.53
N THR G 415 -6.72 49.55 24.20
CA THR G 415 -6.23 49.73 25.56
C THR G 415 -6.76 48.63 26.47
N GLY G 416 -5.87 48.01 27.24
CA GLY G 416 -6.24 46.89 28.07
C GLY G 416 -6.31 45.56 27.34
N GLY G 417 -6.24 45.57 26.01
CA GLY G 417 -6.28 44.34 25.25
C GLY G 417 -4.92 43.69 25.10
N ALA G 418 -4.92 42.42 24.70
CA ALA G 418 -3.68 41.66 24.59
C ALA G 418 -2.90 41.95 23.31
N LYS G 419 -3.47 42.71 22.38
CA LYS G 419 -2.78 43.08 21.14
C LYS G 419 -2.48 41.84 20.29
N ILE G 420 -3.47 40.95 20.18
CA ILE G 420 -3.31 39.77 19.32
C ILE G 420 -4.28 39.87 18.15
N GLY G 421 -4.56 41.10 17.71
CA GLY G 421 -5.41 41.29 16.55
C GLY G 421 -6.87 40.90 16.81
N LEU G 422 -7.51 40.39 15.75
CA LEU G 422 -8.93 40.05 15.78
C LEU G 422 -9.14 38.61 16.24
N VAL G 423 -10.13 38.40 17.13
CA VAL G 423 -10.47 37.08 17.63
C VAL G 423 -11.94 36.83 17.34
N GLY G 424 -12.26 35.67 16.76
CA GLY G 424 -13.62 35.33 16.40
C GLY G 424 -14.17 34.30 17.37
N PHE G 425 -15.44 34.43 17.70
CA PHE G 425 -16.16 33.47 18.54
C PHE G 425 -17.45 33.11 17.79
N VAL G 426 -17.61 31.82 17.50
CA VAL G 426 -18.72 31.37 16.65
C VAL G 426 -19.48 30.28 17.40
N PRO G 427 -20.48 30.64 18.22
CA PRO G 427 -21.37 29.63 18.79
C PRO G 427 -22.20 29.00 17.70
N VAL G 428 -22.35 27.67 17.75
CA VAL G 428 -22.97 26.90 16.68
C VAL G 428 -24.03 25.97 17.25
N GLY G 429 -25.26 26.09 16.78
CA GLY G 429 -26.34 25.27 17.31
C GLY G 429 -26.15 23.81 17.00
N MET G 430 -26.77 22.97 17.82
CA MET G 430 -26.88 21.54 17.56
C MET G 430 -28.30 21.12 17.89
N SER G 431 -29.03 20.64 16.88
CA SER G 431 -30.38 20.12 17.08
C SER G 431 -31.24 21.15 17.81
N GLU G 432 -32.03 20.75 18.81
CA GLU G 432 -32.91 21.73 19.44
C GLU G 432 -32.22 22.54 20.56
N VAL G 433 -30.88 22.55 20.62
CA VAL G 433 -30.21 23.60 21.37
C VAL G 433 -29.51 24.50 20.36
N SER G 434 -30.27 25.40 19.76
CA SER G 434 -29.74 26.23 18.68
C SER G 434 -30.06 27.70 18.84
N THR G 435 -30.63 28.12 19.97
CA THR G 435 -30.89 29.53 20.18
C THR G 435 -29.60 30.20 20.62
N CYS G 436 -29.14 31.17 19.83
CA CYS G 436 -27.91 31.91 20.08
C CYS G 436 -28.29 33.29 20.63
N ASP G 437 -28.09 33.48 21.92
CA ASP G 437 -28.57 34.65 22.66
C ASP G 437 -27.37 35.53 23.04
N TRP G 438 -27.10 36.55 22.21
CA TRP G 438 -26.08 37.55 22.52
C TRP G 438 -26.61 38.55 23.55
N PHE G 439 -25.82 38.80 24.59
CA PHE G 439 -26.23 39.78 25.59
C PHE G 439 -25.88 41.20 25.12
N ASP G 440 -26.47 42.20 25.80
CA ASP G 440 -26.39 43.58 25.33
C ASP G 440 -24.96 44.10 25.33
N ASN G 441 -24.10 43.53 26.18
CA ASN G 441 -22.73 43.99 26.27
C ASN G 441 -21.88 43.62 25.05
N THR G 442 -22.42 42.86 24.08
CA THR G 442 -21.69 42.48 22.88
C THR G 442 -22.08 43.30 21.66
N GLU G 443 -22.92 44.32 21.84
CA GLU G 443 -23.26 45.20 20.73
C GLU G 443 -21.99 45.74 20.08
N GLU G 444 -22.02 45.88 18.75
CA GLU G 444 -20.86 46.37 18.03
C GLU G 444 -20.49 47.76 18.52
N GLY G 445 -19.21 47.98 18.76
CA GLY G 445 -18.71 49.21 19.34
C GLY G 445 -18.44 49.14 20.83
N LYS G 446 -19.03 48.19 21.53
CA LYS G 446 -18.80 48.03 22.96
C LYS G 446 -17.54 47.21 23.21
N THR G 447 -16.91 47.46 24.36
CA THR G 447 -15.72 46.74 24.79
C THR G 447 -16.09 45.72 25.86
N ILE G 448 -15.64 44.48 25.68
CA ILE G 448 -15.88 43.42 26.64
C ILE G 448 -14.57 43.11 27.35
N SER G 449 -14.68 42.66 28.60
CA SER G 449 -13.54 42.22 29.36
C SER G 449 -13.52 40.69 29.40
N LYS G 450 -12.32 40.14 29.21
CA LYS G 450 -12.05 38.72 29.36
C LYS G 450 -12.78 38.14 30.56
N GLY G 451 -13.58 37.10 30.34
CA GLY G 451 -14.31 36.47 31.41
C GLY G 451 -15.71 36.99 31.64
N ASP G 452 -16.09 38.14 31.05
CA ASP G 452 -17.47 38.63 31.15
C ASP G 452 -18.45 37.64 30.50
N VAL G 453 -19.58 37.39 31.15
CA VAL G 453 -20.63 36.61 30.50
C VAL G 453 -21.20 37.44 29.35
N ILE G 454 -21.19 36.87 28.15
CA ILE G 454 -21.54 37.62 26.94
C ILE G 454 -22.72 37.01 26.19
N GLY G 455 -23.24 35.88 26.62
CA GLY G 455 -24.39 35.30 25.95
C GLY G 455 -24.65 33.90 26.47
N ALA G 456 -25.56 33.20 25.78
CA ALA G 456 -25.90 31.84 26.18
C ALA G 456 -26.57 31.10 25.02
N PHE G 457 -26.37 29.78 25.01
CA PHE G 457 -27.28 28.89 24.30
C PHE G 457 -28.57 28.73 25.10
N HIS G 458 -29.69 28.59 24.39
CA HIS G 458 -30.93 28.07 24.97
C HIS G 458 -31.43 26.89 24.14
N SER G 459 -32.17 26.00 24.79
CA SER G 459 -33.01 25.05 24.04
C SER G 459 -34.01 25.84 23.21
N GLY G 460 -34.02 25.61 21.91
CA GLY G 460 -34.90 26.33 21.02
C GLY G 460 -34.27 26.44 19.65
N GLY G 461 -34.86 27.29 18.82
CA GLY G 461 -34.42 27.45 17.45
C GLY G 461 -33.56 28.67 17.15
C PYR H 1 -22.41 22.72 21.34
O PYR H 1 -21.61 21.90 21.80
CA PYR H 1 -23.91 22.58 21.67
CB PYR H 1 -24.82 23.62 21.06
N THR H 2 -21.91 23.52 20.26
CA THR H 2 -20.50 23.49 19.92
C THR H 2 -20.10 24.92 19.55
N HIS H 3 -18.80 25.20 19.48
CA HIS H 3 -18.38 26.56 19.17
C HIS H 3 -16.96 26.54 18.66
N CYS H 4 -16.62 27.55 17.85
CA CYS H 4 -15.26 27.77 17.40
C CYS H 4 -14.73 29.09 17.93
N LEU H 5 -13.42 29.11 18.22
CA LEU H 5 -12.64 30.34 18.40
C LEU H 5 -11.64 30.43 17.27
N ILE H 6 -11.46 31.65 16.72
CA ILE H 6 -10.69 31.86 15.51
C ILE H 6 -9.63 32.92 15.78
N PHE H 7 -8.39 32.62 15.39
CA PHE H 7 -7.24 33.48 15.68
C PHE H 7 -6.48 33.78 14.40
N GLN H 8 -5.98 35.01 14.29
CA GLN H 8 -5.26 35.42 13.09
C GLN H 8 -3.86 34.79 13.06
N ARG H 9 -3.32 34.67 11.85
CA ARG H 9 -2.05 34.00 11.65
C ARG H 9 -0.94 34.62 12.50
N ASP H 10 -0.82 35.96 12.46
CA ASP H 10 0.26 36.62 13.19
C ASP H 10 0.09 36.46 14.70
N ALA H 11 -1.17 36.37 15.17
CA ALA H 11 -1.39 36.23 16.60
C ALA H 11 -0.97 34.84 17.09
N VAL H 12 -1.28 33.81 16.31
CA VAL H 12 -0.92 32.44 16.67
C VAL H 12 0.58 32.30 16.88
N LYS H 13 1.38 33.02 16.09
CA LYS H 13 2.83 32.97 16.29
C LYS H 13 3.26 33.53 17.64
N LYS H 14 2.41 34.33 18.30
CA LYS H 14 2.74 34.91 19.59
C LYS H 14 2.15 34.13 20.76
N LEU H 15 1.33 33.10 20.52
CA LEU H 15 0.52 32.47 21.55
C LEU H 15 0.96 31.04 21.80
N GLN H 16 0.89 30.63 23.07
CA GLN H 16 1.09 29.24 23.46
C GLN H 16 -0.24 28.69 23.96
N PHE H 17 -0.86 27.81 23.18
CA PHE H 17 -2.11 27.18 23.61
C PHE H 17 -1.84 26.02 24.55
N ILE H 18 -2.77 25.80 25.48
CA ILE H 18 -2.65 24.66 26.37
C ILE H 18 -2.73 23.38 25.54
N PRO H 19 -1.99 22.33 25.91
CA PRO H 19 -1.96 21.11 25.09
C PRO H 19 -3.32 20.42 24.92
N LYS H 20 -4.17 20.43 25.95
CA LYS H 20 -5.47 19.77 25.87
C LYS H 20 -6.33 20.37 24.77
N ALA H 21 -6.17 21.65 24.49
CA ALA H 21 -6.87 22.34 23.42
C ALA H 21 -6.17 22.18 22.07
N GLN H 22 -4.84 22.34 22.05
CA GLN H 22 -4.13 22.26 20.77
C GLN H 22 -4.06 20.83 20.25
N TYR H 23 -4.10 19.85 21.15
CA TYR H 23 -4.00 18.44 20.77
C TYR H 23 -5.21 17.72 21.36
N PRO H 24 -6.40 17.96 20.78
CA PRO H 24 -7.66 17.60 21.46
C PRO H 24 -7.79 16.13 21.81
N GLU H 25 -7.14 15.22 21.08
CA GLU H 25 -7.27 13.80 21.38
CA GLU H 25 -7.37 13.82 21.42
C GLU H 25 -6.81 13.45 22.79
N ILE H 26 -5.95 14.29 23.38
CA ILE H 26 -5.46 14.00 24.73
C ILE H 26 -6.42 14.45 25.82
N ALA H 27 -7.44 15.26 25.49
CA ALA H 27 -8.36 15.77 26.48
C ALA H 27 -9.26 14.66 27.02
N THR H 28 -9.47 14.67 28.35
CA THR H 28 -10.36 13.69 28.96
C THR H 28 -11.53 14.31 29.69
N THR H 29 -11.54 15.63 29.90
CA THR H 29 -12.63 16.31 30.59
C THR H 29 -12.93 17.63 29.89
N ASN H 30 -14.02 18.28 30.30
CA ASN H 30 -14.23 19.67 29.96
C ASN H 30 -13.03 20.51 30.37
N LEU H 31 -12.79 21.58 29.62
CA LEU H 31 -12.01 22.70 30.11
C LEU H 31 -12.94 23.67 30.84
N ALA H 32 -12.42 24.29 31.90
CA ALA H 32 -13.21 25.22 32.70
C ALA H 32 -13.34 26.55 31.99
N VAL H 33 -14.57 27.06 31.87
CA VAL H 33 -14.75 28.41 31.35
C VAL H 33 -13.93 29.38 32.19
N ASN H 34 -13.38 30.40 31.55
CA ASN H 34 -12.55 31.45 32.12
C ASN H 34 -11.15 30.96 32.47
N SER H 35 -10.84 29.66 32.36
CA SER H 35 -9.48 29.21 32.64
C SER H 35 -8.61 29.40 31.40
N GLU H 36 -7.31 29.26 31.60
CA GLU H 36 -6.33 29.57 30.56
C GLU H 36 -6.58 28.73 29.32
N LEU H 37 -6.56 29.38 28.16
CA LEU H 37 -6.57 28.71 26.87
C LEU H 37 -5.31 28.97 26.08
N ALA H 38 -4.84 30.21 26.02
CA ALA H 38 -3.54 30.50 25.42
C ALA H 38 -2.90 31.66 26.16
N LYS H 39 -1.58 31.61 26.27
CA LYS H 39 -0.82 32.70 26.89
C LYS H 39 0.17 33.29 25.89
N LEU H 40 0.44 34.57 26.05
CA LEU H 40 1.45 35.23 25.23
C LEU H 40 2.84 34.72 25.61
N THR H 41 3.67 34.53 24.59
CA THR H 41 5.07 34.17 24.78
C THR H 41 6.02 35.27 24.31
N SER H 42 5.48 36.33 23.68
CA SER H 42 6.31 37.42 23.17
C SER H 42 5.78 38.77 23.66
C1 PEG I . 2.08 -11.62 4.65
O1 PEG I . 1.87 -10.22 4.76
C2 PEG I . 2.94 -12.15 5.78
O2 PEG I . 2.39 -13.31 6.38
C3 PEG I . 2.75 -13.45 7.74
C4 PEG I . 2.84 -14.90 8.16
O4 PEG I . 4.17 -15.27 8.47
C1 PEG J . 1.25 7.48 25.64
O1 PEG J . 1.25 7.81 27.02
C2 PEG J . 0.52 6.19 25.43
O2 PEG J . -0.56 6.13 26.34
C3 PEG J . -0.43 5.07 27.27
C4 PEG J . -1.02 5.41 28.61
O4 PEG J . -1.52 4.27 29.26
C1 EDO K . -5.85 -10.63 15.09
O1 EDO K . -5.81 -11.31 13.85
C2 EDO K . -4.84 -9.51 15.07
O2 EDO K . -3.53 -10.04 14.98
C1 EDO L . 2.13 2.91 28.70
O1 EDO L . 3.07 3.83 29.20
C2 EDO L . 2.77 1.56 28.45
O2 EDO L . 3.15 0.94 29.66
C1 EDO M . 11.11 -25.15 6.70
O1 EDO M . 12.25 -24.36 6.44
C2 EDO M . 10.84 -25.23 8.19
O2 EDO M . 11.30 -26.45 8.72
C1 EDO N . 2.79 -12.22 21.77
O1 EDO N . 2.76 -12.99 22.94
C2 EDO N . 4.11 -12.35 21.05
O2 EDO N . 4.31 -13.68 20.59
C1 EDO O . 4.42 -17.59 21.08
O1 EDO O . 3.42 -16.99 20.29
C2 EDO O . 5.55 -16.61 21.32
O2 EDO O . 5.10 -15.51 22.09
C1 EDO P . 22.11 -15.03 35.63
O1 EDO P . 22.49 -15.55 34.37
C2 EDO P . 22.16 -13.54 35.65
O2 EDO P . 20.95 -13.01 35.16
C1 EDO Q . -2.44 19.47 5.03
O1 EDO Q . -3.10 20.08 6.11
C2 EDO Q . -2.08 20.51 4.00
O2 EDO Q . -1.08 21.37 4.54
C1 EDO R . -16.95 7.33 18.32
O1 EDO R . -17.98 8.16 17.80
C2 EDO R . -17.03 5.98 17.68
O2 EDO R . -17.00 6.10 16.27
C1 EDO S . 18.81 19.48 23.26
O1 EDO S . 18.66 20.64 22.47
C2 EDO S . 18.28 18.27 22.52
O2 EDO S . 19.14 17.17 22.75
C1 EDO T . -15.03 -1.49 11.84
O1 EDO T . -14.07 -0.92 10.98
C2 EDO T . -14.36 -1.79 13.16
O2 EDO T . -15.19 -2.57 14.00
C1 EDO U . -3.28 17.46 10.85
O1 EDO U . -3.95 18.37 11.71
C2 EDO U . -1.96 18.07 10.46
O2 EDO U . -2.06 18.67 9.18
C1 EDO V . 0.23 4.79 37.51
O1 EDO V . 0.00 6.05 36.93
C2 EDO V . -0.87 3.82 37.12
O2 EDO V . -0.66 2.57 37.73
C1 EDO W . -11.01 -8.33 12.62
O1 EDO W . -10.88 -9.68 12.26
C2 EDO W . -10.48 -8.12 14.02
O2 EDO W . -9.16 -8.63 14.11
C1 EDO X . 5.11 -8.13 3.83
O1 EDO X . 3.90 -8.40 4.50
C2 EDO X . 5.39 -6.66 3.97
O2 EDO X . 4.15 -6.00 3.85
C1 EDO Y . 28.87 -2.21 26.17
O1 EDO Y . 27.99 -2.61 27.21
C2 EDO Y . 29.91 -1.26 26.71
O2 EDO Y . 30.36 -1.72 27.97
C1 EDO Z . 23.92 -2.10 38.66
O1 EDO Z . 22.92 -1.18 38.29
C2 EDO Z . 23.74 -2.51 40.10
O2 EDO Z . 23.64 -1.36 40.93
C1 EDO AA . 7.60 -9.08 47.14
O1 EDO AA . 7.71 -10.10 46.16
C2 EDO AA . 8.89 -8.32 47.34
O2 EDO AA . 10.06 -9.13 47.43
C1 EDO BA . 24.15 -11.84 44.85
O1 EDO BA . 23.02 -11.31 45.53
C2 EDO BA . 23.69 -12.63 43.64
O2 EDO BA . 22.63 -13.49 44.01
C1 EDO CA . 18.80 -20.32 44.42
O1 EDO CA . 18.21 -19.39 45.31
C2 EDO CA . 17.72 -21.19 43.81
O2 EDO CA . 17.03 -21.92 44.79
C1 EDO DA . 23.15 -18.82 37.96
O1 EDO DA . 23.75 -18.86 39.23
C2 EDO DA . 22.29 -17.58 37.81
O2 EDO DA . 21.00 -17.69 38.38
C1 EDO EA . 25.80 -15.00 1.03
O1 EDO EA . 24.50 -14.76 0.54
C2 EDO EA . 26.80 -14.95 -0.11
O2 EDO EA . 26.60 -16.04 -0.99
C1 EDO FA . 25.23 -20.39 -1.65
O1 EDO FA . 25.32 -20.12 -0.27
C2 EDO FA . 23.87 -20.93 -2.00
O2 EDO FA . 23.88 -22.33 -1.80
C1 EDO GA . 27.90 -5.81 0.45
O1 EDO GA . 28.16 -4.45 0.74
C2 EDO GA . 27.64 -6.00 -1.02
O2 EDO GA . 27.27 -7.34 -1.28
C1 EDO HA . 29.49 -3.54 16.85
O1 EDO HA . 28.90 -4.58 17.59
C2 EDO HA . 30.82 -4.05 16.36
O2 EDO HA . 31.34 -4.95 17.31
C1 EDO IA . 22.40 3.07 19.91
O1 EDO IA . 21.54 3.30 18.82
C2 EDO IA . 21.64 2.31 20.96
O2 EDO IA . 21.05 1.17 20.39
C1 EDO JA . 3.08 -7.34 30.12
O1 EDO JA . 1.69 -7.39 30.33
C2 EDO JA . 3.44 -8.32 29.05
O2 EDO JA . 2.36 -8.43 28.14
C1 EDO KA . 8.52 -25.08 33.30
O1 EDO KA . 7.16 -25.10 32.92
C2 EDO KA . 8.80 -26.12 34.35
O2 EDO KA . 9.77 -27.03 33.86
C1 EDO LA . 18.97 -8.21 46.05
O1 EDO LA . 20.00 -8.61 45.18
C2 EDO LA . 17.84 -9.20 46.03
O2 EDO LA . 17.88 -10.01 47.19
C1 EDO MA . 20.28 -5.68 52.36
O1 EDO MA . 20.97 -5.11 51.27
C2 EDO MA . 18.80 -5.73 52.05
O2 EDO MA . 18.61 -6.08 50.69
C1 EDO NA . -8.68 -12.51 5.80
O1 EDO NA . -7.82 -12.06 4.78
C2 EDO NA . -9.31 -11.32 6.49
O2 EDO NA . -10.27 -11.75 7.43
C1 EDO OA . -2.50 8.09 -0.14
O1 EDO OA . -2.55 6.99 -1.02
C2 EDO OA . -1.11 8.27 0.39
O2 EDO OA . -0.42 7.03 0.36
C1 EDO PA . 11.64 20.30 24.78
O1 EDO PA . 10.42 20.28 25.51
C2 EDO PA . 12.56 19.19 25.25
O2 EDO PA . 12.09 17.91 24.83
C1 EDO QA . 18.67 -24.79 0.77
O1 EDO QA . 18.60 -25.70 -0.29
C2 EDO QA . 19.15 -25.53 1.98
O2 EDO QA . 19.40 -26.89 1.66
C1 EDO RA . 32.70 -5.00 9.05
O1 EDO RA . 33.26 -5.68 7.90
C2 EDO RA . 32.38 -6.17 9.98
O2 EDO RA . 31.37 -5.93 10.94
N AG2 SA . 10.64 -8.16 22.84
CA AG2 SA . 10.25 -7.03 23.67
CB AG2 SA . 8.75 -7.09 23.98
CG AG2 SA . 7.91 -6.73 22.76
CD AG2 SA . 6.43 -6.58 23.14
NE AG2 SA . 5.57 -6.36 21.97
CZ AG2 SA . 5.37 -5.17 21.41
NH1 AG2 SA . 4.64 -5.08 20.37
NH2 AG2 SA . 5.91 -4.06 21.94
C1 EDO TA . 18.04 -31.01 9.13
O1 EDO TA . 17.24 -31.45 10.22
C2 EDO TA . 19.48 -30.83 9.56
O2 EDO TA . 20.28 -31.90 9.11
C1 EDO UA . 26.90 -38.60 17.15
O1 EDO UA . 27.25 -37.61 18.07
C2 EDO UA . 25.91 -38.07 16.13
O2 EDO UA . 24.60 -38.02 16.68
C1 EDO VA . 8.96 -27.47 12.35
O1 EDO VA . 10.35 -27.63 12.53
C2 EDO VA . 8.24 -27.89 13.62
O2 EDO VA . 8.34 -26.83 14.53
C1 PEG WA . -12.27 -35.59 -28.80
O1 PEG WA . -12.80 -34.30 -28.66
C2 PEG WA . -13.40 -36.59 -28.73
O2 PEG WA . -13.56 -37.32 -29.93
C3 PEG WA . -13.81 -38.69 -29.66
C4 PEG WA . -14.51 -39.43 -30.78
O4 PEG WA . -13.58 -40.10 -31.61
C1 PEG XA . 4.82 -25.27 -47.72
O1 PEG XA . 3.73 -24.56 -47.17
C2 PEG XA . 4.35 -26.64 -48.15
O2 PEG XA . 5.40 -27.58 -48.13
C3 PEG XA . 4.94 -28.85 -48.51
C4 PEG XA . 5.83 -29.47 -49.56
O4 PEG XA . 7.04 -29.94 -49.02
C1 PEG YA . 33.37 -24.33 -26.56
O1 PEG YA . 33.29 -23.88 -25.21
C2 PEG YA . 32.70 -25.67 -26.74
O2 PEG YA . 32.96 -26.53 -25.65
C3 PEG YA . 33.44 -27.79 -26.03
C4 PEG YA . 32.43 -28.87 -25.69
O4 PEG YA . 31.37 -28.86 -26.63
C1 EDO ZA . -6.68 -18.91 -18.21
O1 EDO ZA . -5.47 -19.46 -17.75
C2 EDO ZA . -6.61 -17.41 -18.13
O2 EDO ZA . -6.34 -17.02 -16.81
C1 EDO AB . -7.16 -32.62 -30.96
O1 EDO AB . -6.28 -32.45 -32.05
C2 EDO AB . -8.49 -33.14 -31.42
O2 EDO AB . -8.39 -34.50 -31.78
C1 EDO BB . -23.16 -40.78 -14.74
O1 EDO BB . -23.94 -41.60 -15.58
C2 EDO BB . -23.79 -40.81 -13.37
O2 EDO BB . -23.41 -42.02 -12.74
C1 EDO CB . -3.01 -51.45 -31.03
O1 EDO CB . -4.13 -52.32 -31.04
C2 EDO CB . -2.32 -51.42 -32.38
O2 EDO CB . -3.08 -50.71 -33.33
C1 EDO DB . 8.94 -27.08 2.64
O1 EDO DB . 9.62 -26.35 3.64
C2 EDO DB . 9.88 -27.36 1.50
O2 EDO DB . 10.70 -28.45 1.82
C1 EDO EB . 12.99 -34.71 3.23
O1 EDO EB . 14.25 -34.90 2.60
C2 EDO EB . 12.63 -33.23 3.22
O2 EDO EB . 11.90 -32.90 4.38
C1 EDO FB . -19.21 -17.01 -23.40
O1 EDO FB . -18.40 -16.00 -22.81
C2 EDO FB . -18.54 -17.54 -24.64
O2 EDO FB . -19.34 -18.52 -25.26
C1 EDO GB . -19.54 -25.92 -33.31
O1 EDO GB . -19.20 -24.56 -33.08
C2 EDO GB . -18.88 -26.42 -34.57
O2 EDO GB . -18.56 -27.79 -34.46
C1 EDO HB . -25.38 -26.45 -24.59
O1 EDO HB . -25.70 -27.60 -23.83
C2 EDO HB . -24.47 -26.79 -25.76
O2 EDO HB . -23.74 -25.63 -26.13
C1 EDO IB . -13.12 -52.14 -27.42
O1 EDO IB . -13.73 -51.35 -28.42
C2 EDO IB . -11.63 -52.17 -27.61
O2 EDO IB . -11.03 -50.98 -27.14
C1 EDO JB . -9.16 -17.65 -28.83
O1 EDO JB . -7.94 -18.30 -28.51
C2 EDO JB . -9.68 -18.14 -30.16
O2 EDO JB . -11.02 -17.71 -30.36
C1 EDO KB . 5.94 -46.65 -20.90
O1 EDO KB . 5.16 -46.08 -19.87
C2 EDO KB . 6.03 -45.64 -22.03
O2 EDO KB . 6.19 -44.36 -21.46
C1 EDO LB . 4.01 -48.95 -44.09
O1 EDO LB . 2.90 -49.78 -43.78
C2 EDO LB . 4.21 -48.89 -45.59
O2 EDO LB . 3.04 -48.40 -46.24
C1 EDO MB . -10.68 -47.64 -36.89
O1 EDO MB . -10.05 -46.39 -36.73
C2 EDO MB . -9.69 -48.76 -36.69
O2 EDO MB . -10.33 -50.00 -36.89
C1 EDO NB . -8.17 -31.88 -47.58
O1 EDO NB . -7.99 -33.28 -47.50
C2 EDO NB . -7.27 -31.20 -46.59
O2 EDO NB . -7.40 -31.82 -45.33
C1 EDO OB . 12.93 -34.83 -46.89
O1 EDO OB . 12.80 -34.28 -48.18
C2 EDO OB . 12.87 -36.34 -46.98
O2 EDO OB . 13.82 -36.95 -46.13
C1 EDO PB . 9.97 -28.96 -52.28
O1 EDO PB . 10.99 -29.58 -51.52
C2 EDO PB . 8.84 -29.95 -52.50
O2 EDO PB . 7.61 -29.37 -52.12
C1 EDO QB . 15.71 -15.07 -35.44
O1 EDO QB . 16.85 -15.55 -34.75
C2 EDO QB . 14.66 -16.15 -35.45
O2 EDO QB . 14.19 -16.37 -34.12
C1 EDO RB . 0.69 -40.29 -54.24
O1 EDO RB . 1.22 -40.93 -53.11
C2 EDO RB . -0.28 -39.21 -53.82
O2 EDO RB . -1.59 -39.74 -53.69
C1 EDO SB . -2.48 -31.30 -50.15
O1 EDO SB . -2.22 -30.46 -51.26
C2 EDO SB . -3.95 -31.45 -49.89
O2 EDO SB . -4.40 -32.66 -50.44
C1 EDO TB . 6.96 -47.66 -39.22
O1 EDO TB . 5.92 -47.10 -38.45
C2 EDO TB . 6.36 -48.30 -40.45
O2 EDO TB . 7.02 -47.81 -41.60
C1 EDO UB . 19.56 -26.81 -45.94
O1 EDO UB . 20.31 -27.89 -45.43
C2 EDO UB . 20.26 -25.50 -45.66
O2 EDO UB . 20.04 -25.10 -44.33
C1 EDO VB . 2.97 -20.03 -19.45
O1 EDO VB . 3.32 -19.80 -18.10
C2 EDO VB . 1.49 -19.88 -19.62
O2 EDO VB . 1.09 -20.46 -20.85
C1 EDO WB . -1.72 -27.43 -6.43
O1 EDO WB . -3.08 -27.13 -6.27
C2 EDO WB . -0.94 -26.16 -6.20
O2 EDO WB . -1.81 -25.10 -6.48
C1 EDO XB . 18.80 -34.47 -1.20
O1 EDO XB . 17.59 -33.82 -0.86
C2 EDO XB . 19.50 -34.93 0.04
O2 EDO XB . 19.88 -33.82 0.82
C1 EDO YB . 28.24 -36.00 -6.75
O1 EDO YB . 26.95 -36.55 -6.89
C2 EDO YB . 28.11 -34.50 -6.72
O2 EDO YB . 26.86 -34.13 -7.28
C1 EDO ZB . -1.10 -26.02 -32.16
O1 EDO ZB . -2.03 -25.10 -32.66
C2 EDO ZB . -0.14 -25.32 -31.23
O2 EDO ZB . -0.79 -24.23 -30.62
C1 EDO AC . 24.40 -46.37 -28.62
O1 EDO AC . 23.42 -46.61 -29.62
C2 EDO AC . 25.71 -45.92 -29.21
O2 EDO AC . 26.30 -44.88 -28.44
C1 EDO BC . 18.68 -32.59 -36.15
O1 EDO BC . 19.45 -32.92 -35.02
C2 EDO BC . 17.88 -33.81 -36.57
O2 EDO BC . 16.58 -33.75 -36.03
C1 EDO CC . -16.47 -34.53 -3.59
O1 EDO CC . -15.22 -33.86 -3.62
C2 EDO CC . -17.58 -33.56 -3.23
O2 EDO CC . -17.09 -32.55 -2.37
C1 EDO DC . -10.55 -37.32 -36.22
O1 EDO DC . -9.47 -38.12 -35.78
C2 EDO DC . -10.35 -36.86 -37.65
O2 EDO DC . -10.43 -37.94 -38.56
C1 EDO EC . -7.48 -29.74 -3.46
O1 EDO EC . -8.84 -29.88 -3.81
C2 EDO EC . -7.20 -28.39 -2.81
O2 EDO EC . -8.02 -27.39 -3.36
C1 EDO FC . 0.99 -19.85 -10.27
O1 EDO FC . 0.76 -19.91 -8.88
C2 EDO FC . 2.11 -20.76 -10.70
O2 EDO FC . 3.37 -20.15 -10.55
C1 EDO GC . 14.94 -17.54 -7.67
O1 EDO GC . 15.34 -18.89 -7.52
C2 EDO GC . 14.75 -17.21 -9.13
O2 EDO GC . 15.94 -16.64 -9.65
C1 EDO HC . -3.89 -37.79 -2.56
O1 EDO HC . -4.40 -36.75 -3.35
C2 EDO HC . -2.48 -38.10 -3.01
O2 EDO HC . -2.49 -38.70 -4.29
C1 EDO IC . 18.33 -45.66 -16.96
O1 EDO IC . 19.46 -46.07 -16.12
C2 EDO IC . 17.01 -46.31 -16.75
O2 EDO IC . 15.94 -45.47 -17.27
C1 EDO JC . 1.47 -22.50 -23.50
O1 EDO JC . 1.52 -21.38 -24.34
C2 EDO JC . 2.86 -22.83 -23.08
O2 EDO JC . 3.55 -21.78 -22.43
C1 EDO KC . -26.24 -23.99 -22.34
O1 EDO KC . -27.66 -23.94 -22.34
C2 EDO KC . -25.71 -22.76 -21.69
O2 EDO KC . -26.19 -22.69 -20.35
N AG2 LC . 4.62 -30.15 -24.48
CA AG2 LC . 3.67 -30.90 -25.30
CB AG2 LC . 2.55 -29.96 -25.74
CG AG2 LC . 1.58 -29.66 -24.59
CD AG2 LC . 0.46 -28.71 -25.03
NE AG2 LC . -0.44 -28.34 -23.94
CZ AG2 LC . -1.45 -29.10 -23.51
NH1 AG2 LC . -2.17 -28.69 -22.54
NH2 AG2 LC . -1.71 -30.29 -24.07
C1 EDO MC . 15.24 -13.72 -14.73
O1 EDO MC . 14.61 -14.47 -15.76
C2 EDO MC . 16.53 -14.39 -14.35
O2 EDO MC . 16.31 -15.27 -13.26
C1 PEG NC . -0.21 6.76 -3.43
O1 PEG NC . 1.20 6.55 -3.46
C2 PEG NC . -0.61 8.22 -3.61
O2 PEG NC . -1.96 8.29 -3.99
C3 PEG NC . -2.62 9.41 -3.44
C4 PEG NC . -2.91 10.44 -4.51
O4 PEG NC . -4.30 10.65 -4.68
C1 PEG OC . 7.97 3.27 -27.21
O1 PEG OC . 8.18 4.16 -28.30
C2 PEG OC . 8.79 2.00 -27.35
O2 PEG OC . 10.03 2.28 -27.95
C3 PEG OC . 11.16 1.55 -27.51
C4 PEG OC . 11.25 0.10 -27.94
O4 PEG OC . 12.60 -0.18 -28.31
C1 PEG PC . 8.22 -1.70 -28.10
O1 PEG PC . 6.86 -1.87 -28.42
C2 PEG PC . 8.34 -1.38 -26.62
O2 PEG PC . 9.18 -2.28 -25.94
C3 PEG PC . 9.14 -2.12 -24.55
C4 PEG PC . 10.38 -1.40 -24.07
O4 PEG PC . 11.48 -1.93 -24.78
C1 EDO QC . -8.99 3.82 -16.77
O1 EDO QC . -9.64 4.28 -15.62
C2 EDO QC . -7.48 3.77 -16.57
O2 EDO QC . -7.03 5.06 -16.22
C1 EDO RC . -9.40 23.19 -1.78
O1 EDO RC . -9.06 22.42 -0.65
C2 EDO RC . -9.90 22.28 -2.88
O2 EDO RC . -9.86 22.97 -4.11
C1 EDO SC . -3.02 12.90 -20.79
O1 EDO SC . -3.76 14.09 -20.71
C2 EDO SC . -3.04 12.31 -22.18
O2 EDO SC . -4.37 12.09 -22.60
C1 EDO TC . 7.66 16.43 -45.90
O1 EDO TC . 8.12 17.55 -45.17
C2 EDO TC . 6.82 15.50 -45.06
O2 EDO TC . 5.55 16.05 -44.78
C1 EDO UC . -11.26 7.85 -18.15
O1 EDO UC . -10.72 6.93 -17.23
C2 EDO UC . -10.30 8.09 -19.30
O2 EDO UC . -9.04 8.52 -18.82
C1 EDO VC . -11.83 -16.53 -17.36
O1 EDO VC . -10.44 -16.70 -17.52
C2 EDO VC . -12.14 -15.82 -16.06
O2 EDO VC . -11.39 -14.62 -15.99
C1 EDO WC . 10.08 3.54 -0.55
O1 EDO WC . 9.36 4.75 -0.57
C2 EDO WC . 10.90 3.36 0.70
O2 EDO WC . 10.96 1.98 1.00
C1 EDO XC . 13.88 -14.18 -3.88
O1 EDO XC . 14.12 -15.20 -4.82
C2 EDO XC . 14.73 -14.39 -2.65
O2 EDO XC . 16.09 -14.46 -3.00
C1 EDO YC . 13.59 -13.60 -8.61
O1 EDO YC . 14.54 -12.94 -7.82
C2 EDO YC . 13.33 -12.76 -9.83
O2 EDO YC . 14.56 -12.63 -10.53
C1 EDO ZC . -2.35 -16.02 -20.39
O1 EDO ZC . -2.05 -17.27 -19.78
C2 EDO ZC . -2.67 -15.01 -19.33
O2 EDO ZC . -3.68 -15.52 -18.48
C1 EDO AD . 19.23 16.23 -16.33
O1 EDO AD . 18.05 16.89 -15.92
C2 EDO AD . 20.25 16.35 -15.23
O2 EDO AD . 19.68 15.83 -14.05
C1 EDO BD . 4.13 13.22 -44.68
O1 EDO BD . 3.73 11.95 -45.14
C2 EDO BD . 2.97 14.14 -44.43
O2 EDO BD . 2.66 14.89 -45.59
C1 EDO CD . -7.41 25.38 -34.01
O1 EDO CD . -7.59 24.63 -32.82
C2 EDO CD . -8.52 26.40 -34.16
O2 EDO CD . -8.30 27.48 -33.27
C1 EDO DD . 3.09 31.29 -42.02
O1 EDO DD . 2.02 30.71 -42.72
C2 EDO DD . 4.20 30.27 -41.85
O2 EDO DD . 4.57 29.77 -43.12
C1 EDO ED . -4.17 21.93 -45.81
O1 EDO ED . -2.96 22.61 -46.10
C2 EDO ED . -3.95 20.94 -44.69
O2 EDO ED . -3.28 19.79 -45.16
C1 EDO FD . 12.62 23.26 -42.93
O1 EDO FD . 12.34 23.97 -44.12
C2 EDO FD . 14.06 23.46 -42.55
O2 EDO FD . 14.17 24.48 -41.58
C1 EDO GD . 24.72 16.58 -30.93
O1 EDO GD . 23.66 16.75 -30.01
C2 EDO GD . 24.21 16.24 -32.32
O2 EDO GD . 24.11 17.40 -33.11
C1 EDO HD . 7.51 32.82 -35.16
O1 EDO HD . 7.27 33.83 -34.21
C2 EDO HD . 7.43 31.46 -34.49
O2 EDO HD . 6.84 30.50 -35.34
C1 EDO ID . -6.62 16.65 -21.32
O1 EDO ID . -6.80 15.30 -20.98
C2 EDO ID . -5.14 16.98 -21.29
O2 EDO ID . -4.43 16.03 -22.06
C1 EDO JD . -5.85 14.89 -24.73
O1 EDO JD . -4.44 14.82 -24.87
C2 EDO JD . -6.53 14.38 -25.97
O2 EDO JD . -5.62 13.69 -26.78
C1 EDO KD . 5.73 29.05 2.41
O1 EDO KD . 4.65 28.15 2.35
C2 EDO KD . 5.72 29.76 3.75
O2 EDO KD . 4.54 30.51 3.88
C1 EDO LD . -13.03 15.56 -4.83
O1 EDO LD . -13.05 16.47 -5.92
C2 EDO LD . -13.74 14.28 -5.22
O2 EDO LD . -13.85 13.43 -4.10
C1 EDO MD . 16.81 22.94 -5.38
O1 EDO MD . 15.58 22.42 -4.91
C2 EDO MD . 16.86 24.44 -5.25
O2 EDO MD . 17.61 24.83 -4.11
C1 EDO ND . 23.71 27.63 -12.98
O1 EDO ND . 23.00 28.83 -13.10
C2 EDO ND . 23.04 26.55 -13.81
O2 EDO ND . 23.18 26.85 -15.18
C1 EDO OD . 18.75 25.91 -11.60
O1 EDO OD . 18.94 25.84 -13.00
C2 EDO OD . 18.57 27.34 -11.22
O2 EDO OD . 19.68 28.11 -11.64
C1 EDO PD . 3.87 43.04 -22.40
O1 EDO PD . 3.14 44.20 -22.05
C2 EDO PD . 3.08 42.23 -23.40
O2 EDO PD . 3.95 41.73 -24.39
C1 EDO QD . -1.07 42.96 -9.85
O1 EDO QD . -1.29 43.74 -11.00
C2 EDO QD . -0.01 43.62 -8.99
O2 EDO QD . 1.16 43.87 -9.75
C1 EDO RD . 7.43 40.58 -26.95
O1 EDO RD . 7.28 39.66 -28.01
C2 EDO RD . 6.15 41.38 -26.74
O2 EDO RD . 6.22 42.05 -25.49
C1 EDO SD . -5.81 15.13 -29.66
O1 EDO SD . -6.57 16.06 -30.41
C2 EDO SD . -5.34 13.99 -30.54
O2 EDO SD . -3.95 13.75 -30.39
C1 EDO TD . 5.51 -5.22 0.17
O1 EDO TD . 4.77 -4.05 -0.11
C2 EDO TD . 4.59 -6.38 0.42
O2 EDO TD . 5.33 -7.56 0.17
C1 EDO UD . -7.02 -1.99 -24.54
O1 EDO UD . -6.72 -2.26 -25.89
C2 EDO UD . -7.23 -3.27 -23.76
O2 EDO UD . -6.09 -4.10 -23.87
C1 EDO VD . 0.58 10.01 -28.84
O1 EDO VD . 1.33 9.00 -29.47
C2 EDO VD . -0.28 9.43 -27.74
O2 EDO VD . -1.57 9.00 -28.20
C1 EDO WD . -4.46 29.31 2.87
O1 EDO WD . -3.34 29.15 2.03
C2 EDO WD . -3.93 29.72 4.22
O2 EDO WD . -2.55 30.00 4.10
C1 EDO XD . 4.29 -12.57 -18.63
O1 EDO XD . 3.49 -11.47 -18.23
C2 EDO XD . 3.43 -13.57 -19.36
O2 EDO XD . 2.65 -12.87 -20.31
N AG2 YD . 4.79 15.12 -21.32
CA AG2 YD . 5.49 14.10 -22.08
CB AG2 YD . 4.50 13.05 -22.59
CG AG2 YD . 4.05 12.11 -21.47
CD AG2 YD . 3.25 10.93 -22.03
NE AG2 YD . 2.68 10.09 -20.98
CZ AG2 YD . 3.37 9.11 -20.40
NH1 AG2 YD . 2.82 8.42 -19.48
NH2 AG2 YD . 4.62 8.84 -20.77
C1 EDO ZD . -13.27 25.68 -14.24
O1 EDO ZD . -12.21 25.08 -14.95
C2 EDO ZD . -12.75 26.09 -12.89
O2 EDO ZD . -11.99 27.27 -13.05
C1 EDO AE . -5.51 28.18 -30.83
O1 EDO AE . -4.64 27.18 -30.35
C2 EDO AE . -4.98 29.54 -30.44
O2 EDO AE . -4.91 30.40 -31.55
C1 PEG BE . -3.81 21.55 12.14
O1 PEG BE . -2.58 21.93 12.74
C2 PEG BE . -3.87 22.01 10.71
O2 PEG BE . -5.03 21.48 10.12
C3 PEG BE . -4.99 21.55 8.72
C4 PEG BE . -5.65 22.82 8.29
O4 PEG BE . -4.81 23.50 7.37
C1 EDO CE . -20.61 5.04 15.14
O1 EDO CE . -19.82 4.96 13.97
C2 EDO CE . -21.79 5.97 14.96
O2 EDO CE . -21.34 7.31 14.84
C1 EDO DE . -34.62 13.62 26.34
O1 EDO DE . -34.24 14.22 27.55
C2 EDO DE . -36.01 13.02 26.42
O2 EDO DE . -36.97 14.00 26.74
C1 EDO EE . -13.22 15.02 15.51
O1 EDO EE . -14.28 14.30 16.11
C2 EDO EE . -13.81 16.08 14.61
O2 EDO EE . -14.32 15.50 13.41
C1 EDO FE . -20.04 14.07 22.40
O1 EDO FE . -19.71 12.75 21.99
C2 EDO FE . -19.81 15.03 21.26
O2 EDO FE . -18.43 15.10 20.93
C1 EDO GE . -16.80 13.46 7.83
O1 EDO GE . -15.99 12.52 7.16
C2 EDO GE . -16.12 13.89 9.12
O2 EDO GE . -14.90 14.57 8.87
C1 EDO HE . -14.65 28.92 45.15
O1 EDO HE . -13.81 28.33 46.11
C2 EDO HE . -15.78 29.68 45.80
O2 EDO HE . -16.70 28.79 46.39
C1 EDO IE . -27.59 20.09 46.98
O1 EDO IE . -27.01 21.33 46.60
C2 EDO IE . -27.37 18.99 45.95
O2 EDO IE . -25.99 18.84 45.64
C1 EDO JE . -49.73 8.86 -0.55
O1 EDO JE . -50.73 9.81 -0.23
C2 EDO JE . -49.69 7.78 0.51
O2 EDO JE . -49.18 8.33 1.70
C1 EDO KE . -27.20 40.10 16.21
O1 EDO KE . -28.41 40.75 16.54
C2 EDO KE . -26.33 41.12 15.52
O2 EDO KE . -26.51 42.35 16.18
C1 EDO LE . -39.32 12.00 22.60
O1 EDO LE . -40.57 12.23 23.23
C2 EDO LE . -38.98 10.55 22.75
O2 EDO LE . -38.57 10.28 24.07
C1 EDO ME . -49.02 32.81 25.47
O1 EDO ME . -48.28 31.61 25.32
C2 EDO ME . -48.61 33.80 24.40
O2 EDO ME . -49.41 34.96 24.51
C1 EDO NE . -45.56 29.56 12.23
O1 EDO NE . -46.96 29.64 12.34
C2 EDO NE . -44.87 30.56 13.12
O2 EDO NE . -44.87 30.13 14.47
C1 EDO OE . -28.19 -4.50 11.79
O1 EDO OE . -27.40 -4.03 12.87
C2 EDO OE . -29.46 -3.68 11.67
O2 EDO OE . -29.70 -3.31 10.32
C1 EDO PE . -28.20 -5.16 18.36
O1 EDO PE . -29.58 -4.86 18.26
C2 EDO PE . -27.37 -4.10 17.68
O2 EDO PE . -26.95 -3.11 18.59
C1 EDO QE . -43.56 3.50 22.46
O1 EDO QE . -42.57 2.49 22.52
C2 EDO QE . -43.20 4.69 23.31
O2 EDO QE . -44.30 5.57 23.58
C1 EDO RE . -47.96 7.85 6.54
O1 EDO RE . -49.04 7.18 7.14
C2 EDO RE . -48.46 9.13 5.94
O2 EDO RE . -48.81 8.92 4.59
C1 EDO SE . -49.49 20.49 30.12
O1 EDO SE . -48.11 20.26 30.34
C2 EDO SE . -49.69 21.84 29.46
O2 EDO SE . -51.05 22.22 29.50
C1 EDO TE . -34.47 11.21 46.06
O1 EDO TE . -34.27 12.53 45.62
C2 EDO TE . -33.42 10.30 45.48
O2 EDO TE . -33.30 10.53 44.09
C1 EDO UE . -26.80 7.82 34.83
O1 EDO UE . -26.47 6.47 34.52
C2 EDO UE . -27.27 7.93 36.26
O2 EDO UE . -28.43 7.14 36.47
C1 EDO VE . -22.51 15.84 3.50
O1 EDO VE . -23.57 14.97 3.19
C2 EDO VE . -21.35 15.00 3.95
O2 EDO VE . -20.14 15.72 3.86
C1 EDO WE . -28.13 13.28 -0.86
O1 EDO WE . -28.81 12.70 0.23
C2 EDO WE . -26.63 13.25 -0.65
O2 EDO WE . -26.24 11.92 -0.35
C1 EDO XE . -17.99 13.52 34.75
O1 EDO XE . -18.68 12.96 35.85
C2 EDO XE . -18.23 12.66 33.53
O2 EDO XE . -19.59 12.74 33.15
C1 EDO YE . -16.62 34.38 39.09
O1 EDO YE . -15.57 35.13 38.53
C2 EDO YE . -16.38 32.92 38.78
O2 EDO YE . -17.53 32.13 38.88
C1 EDO ZE . -27.60 30.51 45.29
O1 EDO ZE . -26.98 31.32 44.31
C2 EDO ZE . -27.00 29.12 45.27
O2 EDO ZE . -26.02 29.01 46.30
C1 EDO AF . -6.55 38.78 33.98
O1 EDO AF . -5.43 39.52 33.56
C2 EDO AF . -6.42 38.50 35.46
O2 EDO AF . -6.98 37.25 35.79
C1 EDO BF . -26.21 38.91 8.22
O1 EDO BF . -26.93 38.88 9.45
C2 EDO BF . -27.01 39.63 7.17
O2 EDO BF . -26.73 41.02 7.21
C1 EDO CF . -24.43 41.68 10.91
O1 EDO CF . -25.43 41.62 11.89
C2 EDO CF . -24.85 42.62 9.81
O2 EDO CF . -23.68 43.10 9.18
C1 EDO DF . -15.69 16.35 22.12
O1 EDO DF . -16.75 15.95 22.96
C2 EDO DF . -14.73 15.19 21.89
O2 EDO DF . -15.33 14.22 21.06
C1 EDO EF . -30.27 35.08 30.19
O1 EDO EF . -30.06 33.88 30.92
C2 EDO EF . -31.32 34.83 29.14
O2 EDO EF . -31.43 35.92 28.24
C1 EDO FF . -50.72 19.02 15.32
O1 EDO FF . -51.25 20.19 14.75
C2 EDO FF . -51.80 18.17 15.96
O2 EDO FF . -51.26 16.99 16.52
C1 EDO GF . -34.23 28.37 7.17
O1 EDO GF . -33.06 27.96 6.47
C2 EDO GF . -33.81 29.21 8.35
O2 EDO GF . -34.80 29.24 9.35
C1 EDO HF . -34.93 33.35 17.34
O1 EDO HF . -34.65 32.39 16.33
C2 EDO HF . -34.26 32.88 18.58
O2 EDO HF . -33.24 31.98 18.19
C1 EDO IF . -13.75 37.52 0.30
O1 EDO IF . -12.56 37.14 -0.34
C2 EDO IF . -13.92 36.71 1.57
O2 EDO IF . -14.28 35.39 1.23
C1 EDO JF . -34.13 18.97 -2.46
O1 EDO JF . -33.72 20.15 -3.15
C2 EDO JF . -35.49 18.99 -1.81
O2 EDO JF . -35.48 20.12 -0.92
N AG2 KF . -24.12 21.32 22.30
CA AG2 KF . -25.43 20.98 22.86
CB AG2 KF . -25.50 19.49 23.17
CG AG2 KF . -25.62 18.66 21.90
CD AG2 KF . -25.76 17.17 22.19
NE AG2 KF . -25.85 16.34 21.00
CZ AG2 KF . -26.97 16.17 20.30
NH1 AG2 KF . -26.94 15.44 19.25
NH2 AG2 KF . -28.12 16.74 20.68
C1 EDO LF . -3.28 19.63 14.89
O1 EDO LF . -3.27 21.01 15.19
C2 EDO LF . -3.24 18.84 16.16
O2 EDO LF . -4.43 19.07 16.86
C1 EDO MF . -3.22 38.36 8.97
O1 EDO MF . -2.50 39.57 8.82
C2 EDO MF . -2.45 37.47 9.90
O2 EDO MF . -2.40 38.02 11.19
#